data_1IY0
# 
_entry.id   1IY0 
# 
_audit_conform.dict_name       mmcif_pdbx.dic 
_audit_conform.dict_version    5.383 
_audit_conform.dict_location   http://mmcif.pdb.org/dictionaries/ascii/mmcif_pdbx.dic 
# 
loop_
_database_2.database_id 
_database_2.database_code 
_database_2.pdbx_database_accession 
_database_2.pdbx_DOI 
PDB   1IY0         pdb_00001iy0 10.2210/pdb1iy0/pdb 
RCSB  RCSB005390   ?            ?                   
WWPDB D_1000005390 ?            ?                   
# 
loop_
_pdbx_audit_revision_history.ordinal 
_pdbx_audit_revision_history.data_content_type 
_pdbx_audit_revision_history.major_revision 
_pdbx_audit_revision_history.minor_revision 
_pdbx_audit_revision_history.revision_date 
1 'Structure model' 1 0 2002-11-06 
2 'Structure model' 1 1 2008-04-27 
3 'Structure model' 1 2 2011-07-13 
4 'Structure model' 1 3 2023-12-27 
# 
_pdbx_audit_revision_details.ordinal             1 
_pdbx_audit_revision_details.revision_ordinal    1 
_pdbx_audit_revision_details.data_content_type   'Structure model' 
_pdbx_audit_revision_details.provider            repository 
_pdbx_audit_revision_details.type                'Initial release' 
_pdbx_audit_revision_details.description         ? 
_pdbx_audit_revision_details.details             ? 
# 
loop_
_pdbx_audit_revision_group.ordinal 
_pdbx_audit_revision_group.revision_ordinal 
_pdbx_audit_revision_group.data_content_type 
_pdbx_audit_revision_group.group 
1 2 'Structure model' 'Version format compliance' 
2 3 'Structure model' 'Version format compliance' 
3 4 'Structure model' 'Data collection'           
4 4 'Structure model' 'Database references'       
5 4 'Structure model' 'Derived calculations'      
# 
loop_
_pdbx_audit_revision_category.ordinal 
_pdbx_audit_revision_category.revision_ordinal 
_pdbx_audit_revision_category.data_content_type 
_pdbx_audit_revision_category.category 
1 4 'Structure model' chem_comp_atom     
2 4 'Structure model' chem_comp_bond     
3 4 'Structure model' database_2         
4 4 'Structure model' struct_ref_seq_dif 
5 4 'Structure model' struct_site        
# 
loop_
_pdbx_audit_revision_item.ordinal 
_pdbx_audit_revision_item.revision_ordinal 
_pdbx_audit_revision_item.data_content_type 
_pdbx_audit_revision_item.item 
1 4 'Structure model' '_database_2.pdbx_DOI'                
2 4 'Structure model' '_database_2.pdbx_database_accession' 
3 4 'Structure model' '_struct_ref_seq_dif.details'         
4 4 'Structure model' '_struct_site.pdbx_auth_asym_id'      
5 4 'Structure model' '_struct_site.pdbx_auth_comp_id'      
6 4 'Structure model' '_struct_site.pdbx_auth_seq_id'       
# 
_pdbx_database_status.status_code                     REL 
_pdbx_database_status.entry_id                        1IY0 
_pdbx_database_status.recvd_initial_deposition_date   2002-07-10 
_pdbx_database_status.deposit_site                    PDBJ 
_pdbx_database_status.process_site                    PDBJ 
_pdbx_database_status.status_code_sf                  REL 
_pdbx_database_status.SG_entry                        . 
_pdbx_database_status.pdb_format_compatible           Y 
_pdbx_database_status.status_code_mr                  ? 
_pdbx_database_status.status_code_cs                  ? 
_pdbx_database_status.status_code_nmr_data            ? 
_pdbx_database_status.methods_development_category    ? 
# 
loop_
_pdbx_database_related.db_name 
_pdbx_database_related.db_id 
_pdbx_database_related.details 
_pdbx_database_related.content_type 
PDB 1IXZ '1IXZ contains the F1 of FtsH ATPase domain'          unspecified 
PDB 1IY1 '1IY1 contains the F1 of FtsH ATPase domain with ADP' unspecified 
PDB 1IY2 '1IY2 contains the F2 of FtsH ATPase domain'          unspecified 
# 
loop_
_audit_author.name 
_audit_author.pdbx_ordinal 
'Niwa, H.'     1 
'Tsuchiya, D.' 2 
'Makyio, H.'   3 
'Yoshida, M.'  4 
'Morikawa, K.' 5 
# 
_citation.id                        primary 
_citation.title                     
'Hexameric ring structure of the ATPase domain of the membrane-integrated metalloprotease FtsH from Thermus thermophilus HB8' 
_citation.journal_abbrev            Structure 
_citation.journal_volume            10 
_citation.page_first                1415 
_citation.page_last                 1423 
_citation.year                      2002 
_citation.journal_id_ASTM           STRUE6 
_citation.country                   UK 
_citation.journal_id_ISSN           0969-2126 
_citation.journal_id_CSD            2005 
_citation.book_publisher            ? 
_citation.pdbx_database_id_PubMed   12377127 
_citation.pdbx_database_id_DOI      '10.1016/S0969-2126(02)00855-9' 
# 
loop_
_citation_author.citation_id 
_citation_author.name 
_citation_author.ordinal 
_citation_author.identifier_ORCID 
primary 'Niwa, H.'     1 ? 
primary 'Tsuchiya, D.' 2 ? 
primary 'Makyio, H.'   3 ? 
primary 'Yoshida, M.'  4 ? 
primary 'Morikawa, K.' 5 ? 
# 
loop_
_entity.id 
_entity.type 
_entity.src_method 
_entity.pdbx_description 
_entity.formula_weight 
_entity.pdbx_number_of_molecules 
_entity.pdbx_ec 
_entity.pdbx_mutation 
_entity.pdbx_fragment 
_entity.details 
1 polymer     man 'ATP-dependent metalloprotease FtsH'          27385.463 1 ? ? F1 ? 
2 non-polymer syn 'PHOSPHOAMINOPHOSPHONIC ACID-ADENYLATE ESTER' 506.196   1 ? ? ?  ? 
# 
_entity_poly.entity_id                      1 
_entity_poly.type                           'polypeptide(L)' 
_entity_poly.nstd_linkage                   no 
_entity_poly.nstd_monomer                   no 
_entity_poly.pdbx_seq_one_letter_code       
;GPLGSVLTEAPKVTFKDVAGAEEAKEELKEIVEFLKNPSRFHEMGARIPKGVLLVGPPGVGKTHLARAVAGEARVPFITA
SGSDFVEMFVGVGAARVRDLFETAKRHAPCIVFIDEIDAVGRKRGSGVGGGNDEREQTLNQLLVEMDGFEKDTAIVVMAA
TNRPDILDPALLRPGRFDRQIAIDAPDVKGREQILRIHARGKPLAEDVDLALLAKRTPGFVGADLENLLNEAALLAAREG
RRKITMKDLEEAAS
;
_entity_poly.pdbx_seq_one_letter_code_can   
;GPLGSVLTEAPKVTFKDVAGAEEAKEELKEIVEFLKNPSRFHEMGARIPKGVLLVGPPGVGKTHLARAVAGEARVPFITA
SGSDFVEMFVGVGAARVRDLFETAKRHAPCIVFIDEIDAVGRKRGSGVGGGNDEREQTLNQLLVEMDGFEKDTAIVVMAA
TNRPDILDPALLRPGRFDRQIAIDAPDVKGREQILRIHARGKPLAEDVDLALLAKRTPGFVGADLENLLNEAALLAAREG
RRKITMKDLEEAAS
;
_entity_poly.pdbx_strand_id                 A 
_entity_poly.pdbx_target_identifier         ? 
# 
_pdbx_entity_nonpoly.entity_id   2 
_pdbx_entity_nonpoly.name        'PHOSPHOAMINOPHOSPHONIC ACID-ADENYLATE ESTER' 
_pdbx_entity_nonpoly.comp_id     ANP 
# 
loop_
_entity_poly_seq.entity_id 
_entity_poly_seq.num 
_entity_poly_seq.mon_id 
_entity_poly_seq.hetero 
1 1   GLY n 
1 2   PRO n 
1 3   LEU n 
1 4   GLY n 
1 5   SER n 
1 6   VAL n 
1 7   LEU n 
1 8   THR n 
1 9   GLU n 
1 10  ALA n 
1 11  PRO n 
1 12  LYS n 
1 13  VAL n 
1 14  THR n 
1 15  PHE n 
1 16  LYS n 
1 17  ASP n 
1 18  VAL n 
1 19  ALA n 
1 20  GLY n 
1 21  ALA n 
1 22  GLU n 
1 23  GLU n 
1 24  ALA n 
1 25  LYS n 
1 26  GLU n 
1 27  GLU n 
1 28  LEU n 
1 29  LYS n 
1 30  GLU n 
1 31  ILE n 
1 32  VAL n 
1 33  GLU n 
1 34  PHE n 
1 35  LEU n 
1 36  LYS n 
1 37  ASN n 
1 38  PRO n 
1 39  SER n 
1 40  ARG n 
1 41  PHE n 
1 42  HIS n 
1 43  GLU n 
1 44  MET n 
1 45  GLY n 
1 46  ALA n 
1 47  ARG n 
1 48  ILE n 
1 49  PRO n 
1 50  LYS n 
1 51  GLY n 
1 52  VAL n 
1 53  LEU n 
1 54  LEU n 
1 55  VAL n 
1 56  GLY n 
1 57  PRO n 
1 58  PRO n 
1 59  GLY n 
1 60  VAL n 
1 61  GLY n 
1 62  LYS n 
1 63  THR n 
1 64  HIS n 
1 65  LEU n 
1 66  ALA n 
1 67  ARG n 
1 68  ALA n 
1 69  VAL n 
1 70  ALA n 
1 71  GLY n 
1 72  GLU n 
1 73  ALA n 
1 74  ARG n 
1 75  VAL n 
1 76  PRO n 
1 77  PHE n 
1 78  ILE n 
1 79  THR n 
1 80  ALA n 
1 81  SER n 
1 82  GLY n 
1 83  SER n 
1 84  ASP n 
1 85  PHE n 
1 86  VAL n 
1 87  GLU n 
1 88  MET n 
1 89  PHE n 
1 90  VAL n 
1 91  GLY n 
1 92  VAL n 
1 93  GLY n 
1 94  ALA n 
1 95  ALA n 
1 96  ARG n 
1 97  VAL n 
1 98  ARG n 
1 99  ASP n 
1 100 LEU n 
1 101 PHE n 
1 102 GLU n 
1 103 THR n 
1 104 ALA n 
1 105 LYS n 
1 106 ARG n 
1 107 HIS n 
1 108 ALA n 
1 109 PRO n 
1 110 CYS n 
1 111 ILE n 
1 112 VAL n 
1 113 PHE n 
1 114 ILE n 
1 115 ASP n 
1 116 GLU n 
1 117 ILE n 
1 118 ASP n 
1 119 ALA n 
1 120 VAL n 
1 121 GLY n 
1 122 ARG n 
1 123 LYS n 
1 124 ARG n 
1 125 GLY n 
1 126 SER n 
1 127 GLY n 
1 128 VAL n 
1 129 GLY n 
1 130 GLY n 
1 131 GLY n 
1 132 ASN n 
1 133 ASP n 
1 134 GLU n 
1 135 ARG n 
1 136 GLU n 
1 137 GLN n 
1 138 THR n 
1 139 LEU n 
1 140 ASN n 
1 141 GLN n 
1 142 LEU n 
1 143 LEU n 
1 144 VAL n 
1 145 GLU n 
1 146 MET n 
1 147 ASP n 
1 148 GLY n 
1 149 PHE n 
1 150 GLU n 
1 151 LYS n 
1 152 ASP n 
1 153 THR n 
1 154 ALA n 
1 155 ILE n 
1 156 VAL n 
1 157 VAL n 
1 158 MET n 
1 159 ALA n 
1 160 ALA n 
1 161 THR n 
1 162 ASN n 
1 163 ARG n 
1 164 PRO n 
1 165 ASP n 
1 166 ILE n 
1 167 LEU n 
1 168 ASP n 
1 169 PRO n 
1 170 ALA n 
1 171 LEU n 
1 172 LEU n 
1 173 ARG n 
1 174 PRO n 
1 175 GLY n 
1 176 ARG n 
1 177 PHE n 
1 178 ASP n 
1 179 ARG n 
1 180 GLN n 
1 181 ILE n 
1 182 ALA n 
1 183 ILE n 
1 184 ASP n 
1 185 ALA n 
1 186 PRO n 
1 187 ASP n 
1 188 VAL n 
1 189 LYS n 
1 190 GLY n 
1 191 ARG n 
1 192 GLU n 
1 193 GLN n 
1 194 ILE n 
1 195 LEU n 
1 196 ARG n 
1 197 ILE n 
1 198 HIS n 
1 199 ALA n 
1 200 ARG n 
1 201 GLY n 
1 202 LYS n 
1 203 PRO n 
1 204 LEU n 
1 205 ALA n 
1 206 GLU n 
1 207 ASP n 
1 208 VAL n 
1 209 ASP n 
1 210 LEU n 
1 211 ALA n 
1 212 LEU n 
1 213 LEU n 
1 214 ALA n 
1 215 LYS n 
1 216 ARG n 
1 217 THR n 
1 218 PRO n 
1 219 GLY n 
1 220 PHE n 
1 221 VAL n 
1 222 GLY n 
1 223 ALA n 
1 224 ASP n 
1 225 LEU n 
1 226 GLU n 
1 227 ASN n 
1 228 LEU n 
1 229 LEU n 
1 230 ASN n 
1 231 GLU n 
1 232 ALA n 
1 233 ALA n 
1 234 LEU n 
1 235 LEU n 
1 236 ALA n 
1 237 ALA n 
1 238 ARG n 
1 239 GLU n 
1 240 GLY n 
1 241 ARG n 
1 242 ARG n 
1 243 LYS n 
1 244 ILE n 
1 245 THR n 
1 246 MET n 
1 247 LYS n 
1 248 ASP n 
1 249 LEU n 
1 250 GLU n 
1 251 GLU n 
1 252 ALA n 
1 253 ALA n 
1 254 SER n 
# 
_entity_src_gen.entity_id                          1 
_entity_src_gen.pdbx_src_id                        1 
_entity_src_gen.pdbx_alt_source_flag               sample 
_entity_src_gen.pdbx_seq_type                      ? 
_entity_src_gen.pdbx_beg_seq_num                   ? 
_entity_src_gen.pdbx_end_seq_num                   ? 
_entity_src_gen.gene_src_common_name               ? 
_entity_src_gen.gene_src_genus                     Thermus 
_entity_src_gen.pdbx_gene_src_gene                 FtsH 
_entity_src_gen.gene_src_species                   ? 
_entity_src_gen.gene_src_strain                    ? 
_entity_src_gen.gene_src_tissue                    ? 
_entity_src_gen.gene_src_tissue_fraction           ? 
_entity_src_gen.gene_src_details                   ? 
_entity_src_gen.pdbx_gene_src_fragment             ? 
_entity_src_gen.pdbx_gene_src_scientific_name      'Thermus thermophilus' 
_entity_src_gen.pdbx_gene_src_ncbi_taxonomy_id     274 
_entity_src_gen.pdbx_gene_src_variant              ? 
_entity_src_gen.pdbx_gene_src_cell_line            ? 
_entity_src_gen.pdbx_gene_src_atcc                 ? 
_entity_src_gen.pdbx_gene_src_organ                ? 
_entity_src_gen.pdbx_gene_src_organelle            ? 
_entity_src_gen.pdbx_gene_src_cell                 ? 
_entity_src_gen.pdbx_gene_src_cellular_location    ? 
_entity_src_gen.host_org_common_name               ? 
_entity_src_gen.pdbx_host_org_scientific_name      'Escherichia coli BL21(DE3)' 
_entity_src_gen.pdbx_host_org_ncbi_taxonomy_id     469008 
_entity_src_gen.host_org_genus                     Escherichia 
_entity_src_gen.pdbx_host_org_gene                 ? 
_entity_src_gen.pdbx_host_org_organ                ? 
_entity_src_gen.host_org_species                   'Escherichia coli' 
_entity_src_gen.pdbx_host_org_tissue               ? 
_entity_src_gen.pdbx_host_org_tissue_fraction      ? 
_entity_src_gen.pdbx_host_org_strain               'BL21(DE3)' 
_entity_src_gen.pdbx_host_org_variant              ? 
_entity_src_gen.pdbx_host_org_cell_line            ? 
_entity_src_gen.pdbx_host_org_atcc                 ? 
_entity_src_gen.pdbx_host_org_culture_collection   ? 
_entity_src_gen.pdbx_host_org_cell                 ? 
_entity_src_gen.pdbx_host_org_organelle            ? 
_entity_src_gen.pdbx_host_org_cellular_location    ? 
_entity_src_gen.pdbx_host_org_vector_type          PLASMID 
_entity_src_gen.pdbx_host_org_vector               ? 
_entity_src_gen.host_org_details                   ? 
_entity_src_gen.expression_system_id               ? 
_entity_src_gen.plasmid_name                       pGEX-6P-1 
_entity_src_gen.plasmid_details                    ? 
_entity_src_gen.pdbx_description                   ? 
# 
loop_
_chem_comp.id 
_chem_comp.type 
_chem_comp.mon_nstd_flag 
_chem_comp.name 
_chem_comp.pdbx_synonyms 
_chem_comp.formula 
_chem_comp.formula_weight 
ALA 'L-peptide linking' y ALANINE                                       ? 'C3 H7 N O2'        89.093  
ANP non-polymer         . 'PHOSPHOAMINOPHOSPHONIC ACID-ADENYLATE ESTER' ? 'C10 H17 N6 O12 P3' 506.196 
ARG 'L-peptide linking' y ARGININE                                      ? 'C6 H15 N4 O2 1'    175.209 
ASN 'L-peptide linking' y ASPARAGINE                                    ? 'C4 H8 N2 O3'       132.118 
ASP 'L-peptide linking' y 'ASPARTIC ACID'                               ? 'C4 H7 N O4'        133.103 
CYS 'L-peptide linking' y CYSTEINE                                      ? 'C3 H7 N O2 S'      121.158 
GLN 'L-peptide linking' y GLUTAMINE                                     ? 'C5 H10 N2 O3'      146.144 
GLU 'L-peptide linking' y 'GLUTAMIC ACID'                               ? 'C5 H9 N O4'        147.129 
GLY 'peptide linking'   y GLYCINE                                       ? 'C2 H5 N O2'        75.067  
HIS 'L-peptide linking' y HISTIDINE                                     ? 'C6 H10 N3 O2 1'    156.162 
ILE 'L-peptide linking' y ISOLEUCINE                                    ? 'C6 H13 N O2'       131.173 
LEU 'L-peptide linking' y LEUCINE                                       ? 'C6 H13 N O2'       131.173 
LYS 'L-peptide linking' y LYSINE                                        ? 'C6 H15 N2 O2 1'    147.195 
MET 'L-peptide linking' y METHIONINE                                    ? 'C5 H11 N O2 S'     149.211 
PHE 'L-peptide linking' y PHENYLALANINE                                 ? 'C9 H11 N O2'       165.189 
PRO 'L-peptide linking' y PROLINE                                       ? 'C5 H9 N O2'        115.130 
SER 'L-peptide linking' y SERINE                                        ? 'C3 H7 N O3'        105.093 
THR 'L-peptide linking' y THREONINE                                     ? 'C4 H9 N O3'        119.119 
VAL 'L-peptide linking' y VALINE                                        ? 'C5 H11 N O2'       117.146 
# 
loop_
_pdbx_poly_seq_scheme.asym_id 
_pdbx_poly_seq_scheme.entity_id 
_pdbx_poly_seq_scheme.seq_id 
_pdbx_poly_seq_scheme.mon_id 
_pdbx_poly_seq_scheme.ndb_seq_num 
_pdbx_poly_seq_scheme.pdb_seq_num 
_pdbx_poly_seq_scheme.auth_seq_num 
_pdbx_poly_seq_scheme.pdb_mon_id 
_pdbx_poly_seq_scheme.auth_mon_id 
_pdbx_poly_seq_scheme.pdb_strand_id 
_pdbx_poly_seq_scheme.pdb_ins_code 
_pdbx_poly_seq_scheme.hetero 
A 1 1   GLY 1   141 ?   ?   ?   A . n 
A 1 2   PRO 2   142 ?   ?   ?   A . n 
A 1 3   LEU 3   143 ?   ?   ?   A . n 
A 1 4   GLY 4   144 ?   ?   ?   A . n 
A 1 5   SER 5   145 ?   ?   ?   A . n 
A 1 6   VAL 6   146 ?   ?   ?   A . n 
A 1 7   LEU 7   147 ?   ?   ?   A . n 
A 1 8   THR 8   148 148 THR ALA A . n 
A 1 9   GLU 9   149 149 GLU ALA A . n 
A 1 10  ALA 10  150 150 ALA ALA A . n 
A 1 11  PRO 11  151 151 PRO PRO A . n 
A 1 12  LYS 12  152 152 LYS ALA A . n 
A 1 13  VAL 13  153 153 VAL VAL A . n 
A 1 14  THR 14  154 154 THR THR A . n 
A 1 15  PHE 15  155 155 PHE PHE A . n 
A 1 16  LYS 16  156 156 LYS ALA A . n 
A 1 17  ASP 17  157 157 ASP ASP A . n 
A 1 18  VAL 18  158 158 VAL VAL A . n 
A 1 19  ALA 19  159 159 ALA ALA A . n 
A 1 20  GLY 20  160 160 GLY GLY A . n 
A 1 21  ALA 21  161 161 ALA ALA A . n 
A 1 22  GLU 22  162 162 GLU ALA A . n 
A 1 23  GLU 23  163 163 GLU ALA A . n 
A 1 24  ALA 24  164 164 ALA ALA A . n 
A 1 25  LYS 25  165 165 LYS LYS A . n 
A 1 26  GLU 26  166 166 GLU GLU A . n 
A 1 27  GLU 27  167 167 GLU GLU A . n 
A 1 28  LEU 28  168 168 LEU LEU A . n 
A 1 29  LYS 29  169 169 LYS ALA A . n 
A 1 30  GLU 30  170 170 GLU GLU A . n 
A 1 31  ILE 31  171 171 ILE ILE A . n 
A 1 32  VAL 32  172 172 VAL VAL A . n 
A 1 33  GLU 33  173 173 GLU GLU A . n 
A 1 34  PHE 34  174 174 PHE PHE A . n 
A 1 35  LEU 35  175 175 LEU LEU A . n 
A 1 36  LYS 36  176 176 LYS LYS A . n 
A 1 37  ASN 37  177 177 ASN ASN A . n 
A 1 38  PRO 38  178 178 PRO PRO A . n 
A 1 39  SER 39  179 179 SER SER A . n 
A 1 40  ARG 40  180 180 ARG ALA A . n 
A 1 41  PHE 41  181 181 PHE PHE A . n 
A 1 42  HIS 42  182 182 HIS ALA A . n 
A 1 43  GLU 43  183 183 GLU ALA A . n 
A 1 44  MET 44  184 184 MET MET A . n 
A 1 45  GLY 45  185 185 GLY GLY A . n 
A 1 46  ALA 46  186 186 ALA ALA A . n 
A 1 47  ARG 47  187 187 ARG ALA A . n 
A 1 48  ILE 48  188 188 ILE ILE A . n 
A 1 49  PRO 49  189 189 PRO PRO A . n 
A 1 50  LYS 50  190 190 LYS ALA A . n 
A 1 51  GLY 51  191 191 GLY GLY A . n 
A 1 52  VAL 52  192 192 VAL VAL A . n 
A 1 53  LEU 53  193 193 LEU LEU A . n 
A 1 54  LEU 54  194 194 LEU LEU A . n 
A 1 55  VAL 55  195 195 VAL VAL A . n 
A 1 56  GLY 56  196 196 GLY GLY A . n 
A 1 57  PRO 57  197 197 PRO PRO A . n 
A 1 58  PRO 58  198 198 PRO PRO A . n 
A 1 59  GLY 59  199 199 GLY GLY A . n 
A 1 60  VAL 60  200 200 VAL VAL A . n 
A 1 61  GLY 61  201 201 GLY GLY A . n 
A 1 62  LYS 62  202 202 LYS LYS A . n 
A 1 63  THR 63  203 203 THR THR A . n 
A 1 64  HIS 64  204 204 HIS HIS A . n 
A 1 65  LEU 65  205 205 LEU LEU A . n 
A 1 66  ALA 66  206 206 ALA ALA A . n 
A 1 67  ARG 67  207 207 ARG ARG A . n 
A 1 68  ALA 68  208 208 ALA ALA A . n 
A 1 69  VAL 69  209 209 VAL VAL A . n 
A 1 70  ALA 70  210 210 ALA ALA A . n 
A 1 71  GLY 71  211 211 GLY GLY A . n 
A 1 72  GLU 72  212 212 GLU GLU A . n 
A 1 73  ALA 73  213 213 ALA ALA A . n 
A 1 74  ARG 74  214 214 ARG ALA A . n 
A 1 75  VAL 75  215 215 VAL VAL A . n 
A 1 76  PRO 76  216 216 PRO PRO A . n 
A 1 77  PHE 77  217 217 PHE PHE A . n 
A 1 78  ILE 78  218 218 ILE ILE A . n 
A 1 79  THR 79  219 219 THR THR A . n 
A 1 80  ALA 80  220 220 ALA ALA A . n 
A 1 81  SER 81  221 221 SER SER A . n 
A 1 82  GLY 82  222 222 GLY GLY A . n 
A 1 83  SER 83  223 223 SER SER A . n 
A 1 84  ASP 84  224 224 ASP ASP A . n 
A 1 85  PHE 85  225 225 PHE PHE A . n 
A 1 86  VAL 86  226 226 VAL VAL A . n 
A 1 87  GLU 87  227 227 GLU GLU A . n 
A 1 88  MET 88  228 228 MET MET A . n 
A 1 89  PHE 89  229 229 PHE PHE A . n 
A 1 90  VAL 90  230 230 VAL VAL A . n 
A 1 91  GLY 91  231 231 GLY GLY A . n 
A 1 92  VAL 92  232 232 VAL VAL A . n 
A 1 93  GLY 93  233 233 GLY GLY A . n 
A 1 94  ALA 94  234 234 ALA ALA A . n 
A 1 95  ALA 95  235 235 ALA ALA A . n 
A 1 96  ARG 96  236 236 ARG ARG A . n 
A 1 97  VAL 97  237 237 VAL VAL A . n 
A 1 98  ARG 98  238 238 ARG ARG A . n 
A 1 99  ASP 99  239 239 ASP ASP A . n 
A 1 100 LEU 100 240 240 LEU LEU A . n 
A 1 101 PHE 101 241 241 PHE PHE A . n 
A 1 102 GLU 102 242 242 GLU GLU A . n 
A 1 103 THR 103 243 243 THR THR A . n 
A 1 104 ALA 104 244 244 ALA ALA A . n 
A 1 105 LYS 105 245 245 LYS ALA A . n 
A 1 106 ARG 106 246 246 ARG ALA A . n 
A 1 107 HIS 107 247 247 HIS HIS A . n 
A 1 108 ALA 108 248 248 ALA ALA A . n 
A 1 109 PRO 109 249 249 PRO PRO A . n 
A 1 110 CYS 110 250 250 CYS CYS A . n 
A 1 111 ILE 111 251 251 ILE ILE A . n 
A 1 112 VAL 112 252 252 VAL VAL A . n 
A 1 113 PHE 113 253 253 PHE PHE A . n 
A 1 114 ILE 114 254 254 ILE ILE A . n 
A 1 115 ASP 115 255 255 ASP ASP A . n 
A 1 116 GLU 116 256 256 GLU GLU A . n 
A 1 117 ILE 117 257 257 ILE ILE A . n 
A 1 118 ASP 118 258 258 ASP ASP A . n 
A 1 119 ALA 119 259 259 ALA ALA A . n 
A 1 120 VAL 120 260 260 VAL VAL A . n 
A 1 121 GLY 121 261 261 GLY GLY A . n 
A 1 122 ARG 122 262 262 ARG ALA A . n 
A 1 123 LYS 123 263 263 LYS ALA A . n 
A 1 124 ARG 124 264 264 ARG ALA A . n 
A 1 125 GLY 125 265 ?   ?   ?   A . n 
A 1 126 SER 126 266 ?   ?   ?   A . n 
A 1 127 GLY 127 267 ?   ?   ?   A . n 
A 1 128 VAL 128 268 ?   ?   ?   A . n 
A 1 129 GLY 129 269 ?   ?   ?   A . n 
A 1 130 GLY 130 270 ?   ?   ?   A . n 
A 1 131 GLY 131 271 ?   ?   ?   A . n 
A 1 132 ASN 132 272 272 ASN ASN A . n 
A 1 133 ASP 133 273 273 ASP ALA A . n 
A 1 134 GLU 134 274 274 GLU GLU A . n 
A 1 135 ARG 135 275 275 ARG ARG A . n 
A 1 136 GLU 136 276 276 GLU GLU A . n 
A 1 137 GLN 137 277 277 GLN GLN A . n 
A 1 138 THR 138 278 278 THR THR A . n 
A 1 139 LEU 139 279 279 LEU LEU A . n 
A 1 140 ASN 140 280 280 ASN ASN A . n 
A 1 141 GLN 141 281 281 GLN GLN A . n 
A 1 142 LEU 142 282 282 LEU LEU A . n 
A 1 143 LEU 143 283 283 LEU LEU A . n 
A 1 144 VAL 144 284 284 VAL VAL A . n 
A 1 145 GLU 145 285 285 GLU GLU A . n 
A 1 146 MET 146 286 286 MET MET A . n 
A 1 147 ASP 147 287 287 ASP ASP A . n 
A 1 148 GLY 148 288 288 GLY GLY A . n 
A 1 149 PHE 149 289 289 PHE PHE A . n 
A 1 150 GLU 150 290 290 GLU ALA A . n 
A 1 151 LYS 151 291 291 LYS ALA A . n 
A 1 152 ASP 152 292 292 ASP ALA A . n 
A 1 153 THR 153 293 293 THR THR A . n 
A 1 154 ALA 154 294 294 ALA ALA A . n 
A 1 155 ILE 155 295 295 ILE ILE A . n 
A 1 156 VAL 156 296 296 VAL VAL A . n 
A 1 157 VAL 157 297 297 VAL VAL A . n 
A 1 158 MET 158 298 298 MET MET A . n 
A 1 159 ALA 159 299 299 ALA ALA A . n 
A 1 160 ALA 160 300 300 ALA ALA A . n 
A 1 161 THR 161 301 301 THR THR A . n 
A 1 162 ASN 162 302 302 ASN ASN A . n 
A 1 163 ARG 163 303 303 ARG ALA A . n 
A 1 164 PRO 164 304 304 PRO PRO A . n 
A 1 165 ASP 165 305 305 ASP ASP A . n 
A 1 166 ILE 166 306 306 ILE ILE A . n 
A 1 167 LEU 167 307 307 LEU LEU A . n 
A 1 168 ASP 168 308 308 ASP ASP A . n 
A 1 169 PRO 169 309 309 PRO PRO A . n 
A 1 170 ALA 170 310 310 ALA ALA A . n 
A 1 171 LEU 171 311 311 LEU LEU A . n 
A 1 172 LEU 172 312 312 LEU LEU A . n 
A 1 173 ARG 173 313 313 ARG ARG A . n 
A 1 174 PRO 174 314 314 PRO PRO A . n 
A 1 175 GLY 175 315 315 GLY GLY A . n 
A 1 176 ARG 176 316 316 ARG ARG A . n 
A 1 177 PHE 177 317 317 PHE PHE A . n 
A 1 178 ASP 178 318 318 ASP ASP A . n 
A 1 179 ARG 179 319 319 ARG ARG A . n 
A 1 180 GLN 180 320 320 GLN GLN A . n 
A 1 181 ILE 181 321 321 ILE ILE A . n 
A 1 182 ALA 182 322 322 ALA ALA A . n 
A 1 183 ILE 183 323 323 ILE ILE A . n 
A 1 184 ASP 184 324 324 ASP ASP A . n 
A 1 185 ALA 185 325 325 ALA ALA A . n 
A 1 186 PRO 186 326 326 PRO PRO A . n 
A 1 187 ASP 187 327 327 ASP ASP A . n 
A 1 188 VAL 188 328 328 VAL VAL A . n 
A 1 189 LYS 189 329 329 LYS LYS A . n 
A 1 190 GLY 190 330 330 GLY GLY A . n 
A 1 191 ARG 191 331 331 ARG ARG A . n 
A 1 192 GLU 192 332 332 GLU GLU A . n 
A 1 193 GLN 193 333 333 GLN GLN A . n 
A 1 194 ILE 194 334 334 ILE ILE A . n 
A 1 195 LEU 195 335 335 LEU LEU A . n 
A 1 196 ARG 196 336 336 ARG ARG A . n 
A 1 197 ILE 197 337 337 ILE ILE A . n 
A 1 198 HIS 198 338 338 HIS HIS A . n 
A 1 199 ALA 199 339 339 ALA ALA A . n 
A 1 200 ARG 200 340 340 ARG ALA A . n 
A 1 201 GLY 201 341 341 GLY GLY A . n 
A 1 202 LYS 202 342 342 LYS LYS A . n 
A 1 203 PRO 203 343 343 PRO PRO A . n 
A 1 204 LEU 204 344 344 LEU LEU A . n 
A 1 205 ALA 205 345 345 ALA ALA A . n 
A 1 206 GLU 206 346 346 GLU ALA A . n 
A 1 207 ASP 207 347 347 ASP ASP A . n 
A 1 208 VAL 208 348 348 VAL VAL A . n 
A 1 209 ASP 209 349 349 ASP ASP A . n 
A 1 210 LEU 210 350 350 LEU LEU A . n 
A 1 211 ALA 211 351 351 ALA ALA A . n 
A 1 212 LEU 212 352 352 LEU LEU A . n 
A 1 213 LEU 213 353 353 LEU LEU A . n 
A 1 214 ALA 214 354 354 ALA ALA A . n 
A 1 215 LYS 215 355 355 LYS LYS A . n 
A 1 216 ARG 216 356 356 ARG ARG A . n 
A 1 217 THR 217 357 357 THR THR A . n 
A 1 218 PRO 218 358 358 PRO PRO A . n 
A 1 219 GLY 219 359 359 GLY GLY A . n 
A 1 220 PHE 220 360 360 PHE PHE A . n 
A 1 221 VAL 221 361 361 VAL VAL A . n 
A 1 222 GLY 222 362 362 GLY GLY A . n 
A 1 223 ALA 223 363 363 ALA ALA A . n 
A 1 224 ASP 224 364 364 ASP ASP A . n 
A 1 225 LEU 225 365 365 LEU LEU A . n 
A 1 226 GLU 226 366 366 GLU ALA A . n 
A 1 227 ASN 227 367 367 ASN ALA A . n 
A 1 228 LEU 228 368 368 LEU LEU A . n 
A 1 229 LEU 229 369 369 LEU LEU A . n 
A 1 230 ASN 230 370 370 ASN ALA A . n 
A 1 231 GLU 231 371 371 GLU ALA A . n 
A 1 232 ALA 232 372 372 ALA ALA A . n 
A 1 233 ALA 233 373 373 ALA ALA A . n 
A 1 234 LEU 234 374 374 LEU LEU A . n 
A 1 235 LEU 235 375 375 LEU ALA A . n 
A 1 236 ALA 236 376 376 ALA ALA A . n 
A 1 237 ALA 237 377 377 ALA ALA A . n 
A 1 238 ARG 238 378 378 ARG ARG A . n 
A 1 239 GLU 239 379 379 GLU GLU A . n 
A 1 240 GLY 240 380 380 GLY GLY A . n 
A 1 241 ARG 241 381 381 ARG ARG A . n 
A 1 242 ARG 242 382 382 ARG ALA A . n 
A 1 243 LYS 243 383 383 LYS LYS A . n 
A 1 244 ILE 244 384 384 ILE ILE A . n 
A 1 245 THR 245 385 385 THR THR A . n 
A 1 246 MET 246 386 386 MET MET A . n 
A 1 247 LYS 247 387 387 LYS LYS A . n 
A 1 248 ASP 248 388 388 ASP ASP A . n 
A 1 249 LEU 249 389 389 LEU LEU A . n 
A 1 250 GLU 250 390 390 GLU GLU A . n 
A 1 251 GLU 251 391 391 GLU ALA A . n 
A 1 252 ALA 252 392 392 ALA ALA A . n 
A 1 253 ALA 253 393 393 ALA ALA A . n 
A 1 254 SER 254 393 394 SER SER A A n 
# 
_pdbx_nonpoly_scheme.asym_id         B 
_pdbx_nonpoly_scheme.entity_id       2 
_pdbx_nonpoly_scheme.mon_id          ANP 
_pdbx_nonpoly_scheme.ndb_seq_num     1 
_pdbx_nonpoly_scheme.pdb_seq_num     1 
_pdbx_nonpoly_scheme.auth_seq_num    1 
_pdbx_nonpoly_scheme.pdb_mon_id      ANP 
_pdbx_nonpoly_scheme.auth_mon_id     ANP 
_pdbx_nonpoly_scheme.pdb_strand_id   A 
_pdbx_nonpoly_scheme.pdb_ins_code    . 
# 
loop_
_pdbx_unobs_or_zero_occ_atoms.id 
_pdbx_unobs_or_zero_occ_atoms.PDB_model_num 
_pdbx_unobs_or_zero_occ_atoms.polymer_flag 
_pdbx_unobs_or_zero_occ_atoms.occupancy_flag 
_pdbx_unobs_or_zero_occ_atoms.auth_asym_id 
_pdbx_unobs_or_zero_occ_atoms.auth_comp_id 
_pdbx_unobs_or_zero_occ_atoms.auth_seq_id 
_pdbx_unobs_or_zero_occ_atoms.PDB_ins_code 
_pdbx_unobs_or_zero_occ_atoms.auth_atom_id 
_pdbx_unobs_or_zero_occ_atoms.label_alt_id 
_pdbx_unobs_or_zero_occ_atoms.label_asym_id 
_pdbx_unobs_or_zero_occ_atoms.label_comp_id 
_pdbx_unobs_or_zero_occ_atoms.label_seq_id 
_pdbx_unobs_or_zero_occ_atoms.label_atom_id 
1   1 Y 1 A THR 148 ? OG1 ? A THR 8   OG1 
2   1 Y 1 A THR 148 ? CG2 ? A THR 8   CG2 
3   1 Y 1 A GLU 149 ? CG  ? A GLU 9   CG  
4   1 Y 1 A GLU 149 ? CD  ? A GLU 9   CD  
5   1 Y 1 A GLU 149 ? OE1 ? A GLU 9   OE1 
6   1 Y 1 A GLU 149 ? OE2 ? A GLU 9   OE2 
7   1 Y 1 A LYS 152 ? CG  ? A LYS 12  CG  
8   1 Y 1 A LYS 152 ? CD  ? A LYS 12  CD  
9   1 Y 1 A LYS 152 ? CE  ? A LYS 12  CE  
10  1 Y 1 A LYS 152 ? NZ  ? A LYS 12  NZ  
11  1 Y 1 A LYS 156 ? CG  ? A LYS 16  CG  
12  1 Y 1 A LYS 156 ? CD  ? A LYS 16  CD  
13  1 Y 1 A LYS 156 ? CE  ? A LYS 16  CE  
14  1 Y 1 A LYS 156 ? NZ  ? A LYS 16  NZ  
15  1 Y 1 A GLU 162 ? CG  ? A GLU 22  CG  
16  1 Y 1 A GLU 162 ? CD  ? A GLU 22  CD  
17  1 Y 1 A GLU 162 ? OE1 ? A GLU 22  OE1 
18  1 Y 1 A GLU 162 ? OE2 ? A GLU 22  OE2 
19  1 Y 1 A GLU 163 ? CG  ? A GLU 23  CG  
20  1 Y 1 A GLU 163 ? CD  ? A GLU 23  CD  
21  1 Y 1 A GLU 163 ? OE1 ? A GLU 23  OE1 
22  1 Y 1 A GLU 163 ? OE2 ? A GLU 23  OE2 
23  1 Y 1 A LYS 169 ? CG  ? A LYS 29  CG  
24  1 Y 1 A LYS 169 ? CD  ? A LYS 29  CD  
25  1 Y 1 A LYS 169 ? CE  ? A LYS 29  CE  
26  1 Y 1 A LYS 169 ? NZ  ? A LYS 29  NZ  
27  1 Y 1 A ARG 180 ? CG  ? A ARG 40  CG  
28  1 Y 1 A ARG 180 ? CD  ? A ARG 40  CD  
29  1 Y 1 A ARG 180 ? NE  ? A ARG 40  NE  
30  1 Y 1 A ARG 180 ? CZ  ? A ARG 40  CZ  
31  1 Y 1 A ARG 180 ? NH1 ? A ARG 40  NH1 
32  1 Y 1 A ARG 180 ? NH2 ? A ARG 40  NH2 
33  1 Y 1 A HIS 182 ? CG  ? A HIS 42  CG  
34  1 Y 1 A HIS 182 ? ND1 ? A HIS 42  ND1 
35  1 Y 1 A HIS 182 ? CD2 ? A HIS 42  CD2 
36  1 Y 1 A HIS 182 ? CE1 ? A HIS 42  CE1 
37  1 Y 1 A HIS 182 ? NE2 ? A HIS 42  NE2 
38  1 Y 1 A GLU 183 ? CG  ? A GLU 43  CG  
39  1 Y 1 A GLU 183 ? CD  ? A GLU 43  CD  
40  1 Y 1 A GLU 183 ? OE1 ? A GLU 43  OE1 
41  1 Y 1 A GLU 183 ? OE2 ? A GLU 43  OE2 
42  1 Y 1 A ARG 187 ? CG  ? A ARG 47  CG  
43  1 Y 1 A ARG 187 ? CD  ? A ARG 47  CD  
44  1 Y 1 A ARG 187 ? NE  ? A ARG 47  NE  
45  1 Y 1 A ARG 187 ? CZ  ? A ARG 47  CZ  
46  1 Y 1 A ARG 187 ? NH1 ? A ARG 47  NH1 
47  1 Y 1 A ARG 187 ? NH2 ? A ARG 47  NH2 
48  1 Y 1 A LYS 190 ? CG  ? A LYS 50  CG  
49  1 Y 1 A LYS 190 ? CD  ? A LYS 50  CD  
50  1 Y 1 A LYS 190 ? CE  ? A LYS 50  CE  
51  1 Y 1 A LYS 190 ? NZ  ? A LYS 50  NZ  
52  1 Y 1 A ARG 214 ? CG  ? A ARG 74  CG  
53  1 Y 1 A ARG 214 ? CD  ? A ARG 74  CD  
54  1 Y 1 A ARG 214 ? NE  ? A ARG 74  NE  
55  1 Y 1 A ARG 214 ? CZ  ? A ARG 74  CZ  
56  1 Y 1 A ARG 214 ? NH1 ? A ARG 74  NH1 
57  1 Y 1 A ARG 214 ? NH2 ? A ARG 74  NH2 
58  1 Y 1 A LYS 245 ? CG  ? A LYS 105 CG  
59  1 Y 1 A LYS 245 ? CD  ? A LYS 105 CD  
60  1 Y 1 A LYS 245 ? CE  ? A LYS 105 CE  
61  1 Y 1 A LYS 245 ? NZ  ? A LYS 105 NZ  
62  1 Y 1 A ARG 246 ? CG  ? A ARG 106 CG  
63  1 Y 1 A ARG 246 ? CD  ? A ARG 106 CD  
64  1 Y 1 A ARG 246 ? NE  ? A ARG 106 NE  
65  1 Y 1 A ARG 246 ? CZ  ? A ARG 106 CZ  
66  1 Y 1 A ARG 246 ? NH1 ? A ARG 106 NH1 
67  1 Y 1 A ARG 246 ? NH2 ? A ARG 106 NH2 
68  1 Y 1 A ARG 262 ? CG  ? A ARG 122 CG  
69  1 Y 1 A ARG 262 ? CD  ? A ARG 122 CD  
70  1 Y 1 A ARG 262 ? NE  ? A ARG 122 NE  
71  1 Y 1 A ARG 262 ? CZ  ? A ARG 122 CZ  
72  1 Y 1 A ARG 262 ? NH1 ? A ARG 122 NH1 
73  1 Y 1 A ARG 262 ? NH2 ? A ARG 122 NH2 
74  1 Y 1 A LYS 263 ? CG  ? A LYS 123 CG  
75  1 Y 1 A LYS 263 ? CD  ? A LYS 123 CD  
76  1 Y 1 A LYS 263 ? CE  ? A LYS 123 CE  
77  1 Y 1 A LYS 263 ? NZ  ? A LYS 123 NZ  
78  1 Y 1 A ARG 264 ? CG  ? A ARG 124 CG  
79  1 Y 1 A ARG 264 ? CD  ? A ARG 124 CD  
80  1 Y 1 A ARG 264 ? NE  ? A ARG 124 NE  
81  1 Y 1 A ARG 264 ? CZ  ? A ARG 124 CZ  
82  1 Y 1 A ARG 264 ? NH1 ? A ARG 124 NH1 
83  1 Y 1 A ARG 264 ? NH2 ? A ARG 124 NH2 
84  1 Y 1 A ASP 273 ? CG  ? A ASP 133 CG  
85  1 Y 1 A ASP 273 ? OD1 ? A ASP 133 OD1 
86  1 Y 1 A ASP 273 ? OD2 ? A ASP 133 OD2 
87  1 Y 1 A GLU 290 ? CG  ? A GLU 150 CG  
88  1 Y 1 A GLU 290 ? CD  ? A GLU 150 CD  
89  1 Y 1 A GLU 290 ? OE1 ? A GLU 150 OE1 
90  1 Y 1 A GLU 290 ? OE2 ? A GLU 150 OE2 
91  1 Y 1 A LYS 291 ? CG  ? A LYS 151 CG  
92  1 Y 1 A LYS 291 ? CD  ? A LYS 151 CD  
93  1 Y 1 A LYS 291 ? CE  ? A LYS 151 CE  
94  1 Y 1 A LYS 291 ? NZ  ? A LYS 151 NZ  
95  1 Y 1 A ASP 292 ? CG  ? A ASP 152 CG  
96  1 Y 1 A ASP 292 ? OD1 ? A ASP 152 OD1 
97  1 Y 1 A ASP 292 ? OD2 ? A ASP 152 OD2 
98  1 Y 1 A ARG 303 ? CG  ? A ARG 163 CG  
99  1 Y 1 A ARG 303 ? CD  ? A ARG 163 CD  
100 1 Y 1 A ARG 303 ? NE  ? A ARG 163 NE  
101 1 Y 1 A ARG 303 ? CZ  ? A ARG 163 CZ  
102 1 Y 1 A ARG 303 ? NH1 ? A ARG 163 NH1 
103 1 Y 1 A ARG 303 ? NH2 ? A ARG 163 NH2 
104 1 Y 1 A ARG 340 ? CG  ? A ARG 200 CG  
105 1 Y 1 A ARG 340 ? CD  ? A ARG 200 CD  
106 1 Y 1 A ARG 340 ? NE  ? A ARG 200 NE  
107 1 Y 1 A ARG 340 ? CZ  ? A ARG 200 CZ  
108 1 Y 1 A ARG 340 ? NH1 ? A ARG 200 NH1 
109 1 Y 1 A ARG 340 ? NH2 ? A ARG 200 NH2 
110 1 Y 1 A GLU 346 ? CG  ? A GLU 206 CG  
111 1 Y 1 A GLU 346 ? CD  ? A GLU 206 CD  
112 1 Y 1 A GLU 346 ? OE1 ? A GLU 206 OE1 
113 1 Y 1 A GLU 346 ? OE2 ? A GLU 206 OE2 
114 1 Y 1 A GLU 366 ? CG  ? A GLU 226 CG  
115 1 Y 1 A GLU 366 ? CD  ? A GLU 226 CD  
116 1 Y 1 A GLU 366 ? OE1 ? A GLU 226 OE1 
117 1 Y 1 A GLU 366 ? OE2 ? A GLU 226 OE2 
118 1 Y 1 A ASN 367 ? CG  ? A ASN 227 CG  
119 1 Y 1 A ASN 367 ? OD1 ? A ASN 227 OD1 
120 1 Y 1 A ASN 367 ? ND2 ? A ASN 227 ND2 
121 1 Y 1 A ASN 370 ? CG  ? A ASN 230 CG  
122 1 Y 1 A ASN 370 ? OD1 ? A ASN 230 OD1 
123 1 Y 1 A ASN 370 ? ND2 ? A ASN 230 ND2 
124 1 Y 1 A GLU 371 ? CG  ? A GLU 231 CG  
125 1 Y 1 A GLU 371 ? CD  ? A GLU 231 CD  
126 1 Y 1 A GLU 371 ? OE1 ? A GLU 231 OE1 
127 1 Y 1 A GLU 371 ? OE2 ? A GLU 231 OE2 
128 1 Y 1 A LEU 375 ? CG  ? A LEU 235 CG  
129 1 Y 1 A LEU 375 ? CD1 ? A LEU 235 CD1 
130 1 Y 1 A LEU 375 ? CD2 ? A LEU 235 CD2 
131 1 Y 1 A ARG 382 ? CG  ? A ARG 242 CG  
132 1 Y 1 A ARG 382 ? CD  ? A ARG 242 CD  
133 1 Y 1 A ARG 382 ? NE  ? A ARG 242 NE  
134 1 Y 1 A ARG 382 ? CZ  ? A ARG 242 CZ  
135 1 Y 1 A ARG 382 ? NH1 ? A ARG 242 NH1 
136 1 Y 1 A ARG 382 ? NH2 ? A ARG 242 NH2 
137 1 Y 1 A GLU 391 ? CG  ? A GLU 251 CG  
138 1 Y 1 A GLU 391 ? CD  ? A GLU 251 CD  
139 1 Y 1 A GLU 391 ? OE1 ? A GLU 251 OE1 
140 1 Y 1 A GLU 391 ? OE2 ? A GLU 251 OE2 
# 
loop_
_software.name 
_software.classification 
_software.version 
_software.citation_id 
_software.pdbx_ordinal 
DENZO     'data reduction' . ? 1 
SCALEPACK 'data scaling'   . ? 2 
AMoRE     phasing          . ? 3 
CNS       refinement       . ? 4 
# 
_cell.entry_id           1IY0 
_cell.length_a           73.872 
_cell.length_b           73.872 
_cell.length_c           89.253 
_cell.angle_alpha        90.00 
_cell.angle_beta         90.00 
_cell.angle_gamma        120.00 
_cell.Z_PDB              6 
_cell.pdbx_unique_axis   ? 
# 
_symmetry.entry_id                         1IY0 
_symmetry.space_group_name_H-M             'P 65' 
_symmetry.pdbx_full_space_group_name_H-M   ? 
_symmetry.cell_setting                     ? 
_symmetry.Int_Tables_number                170 
# 
_exptl.entry_id          1IY0 
_exptl.method            'X-RAY DIFFRACTION' 
_exptl.crystals_number   1 
# 
_exptl_crystal.id                    1 
_exptl_crystal.density_meas          ? 
_exptl_crystal.density_percent_sol   52.06 
_exptl_crystal.density_Matthews      2.57 
_exptl_crystal.description           ? 
# 
_exptl_crystal_grow.crystal_id      1 
_exptl_crystal_grow.method          'VAPOR DIFFUSION, HANGING DROP' 
_exptl_crystal_grow.temp            298 
_exptl_crystal_grow.temp_details    ? 
_exptl_crystal_grow.pH              8.0 
_exptl_crystal_grow.pdbx_details    
'Ammonium sulfate, Tris-HCl, AMP-PNP, magnesium chloride, pH 8.0, VAPOR DIFFUSION, HANGING DROP, temperature 298K' 
_exptl_crystal_grow.pdbx_pH_range   . 
# 
_diffrn.id                     1 
_diffrn.ambient_temp           100 
_diffrn.ambient_temp_details   ? 
_diffrn.crystal_id             1 
# 
_diffrn_detector.diffrn_id              1 
_diffrn_detector.detector               'IMAGE PLATE' 
_diffrn_detector.type                   MACSCIENCE 
_diffrn_detector.pdbx_collection_date   2001-06-04 
_diffrn_detector.details                ? 
# 
_diffrn_radiation.diffrn_id                        1 
_diffrn_radiation.wavelength_id                    1 
_diffrn_radiation.pdbx_monochromatic_or_laue_m_l   M 
_diffrn_radiation.monochromator                    OSMIC 
_diffrn_radiation.pdbx_diffrn_protocol             'SINGLE WAVELENGTH' 
_diffrn_radiation.pdbx_scattering_type             x-ray 
# 
_diffrn_radiation_wavelength.id           1 
_diffrn_radiation_wavelength.wavelength   1.5418 
_diffrn_radiation_wavelength.wt           1.0 
# 
_diffrn_source.diffrn_id                   1 
_diffrn_source.source                      'ROTATING ANODE' 
_diffrn_source.type                        MACSCIENCE 
_diffrn_source.pdbx_synchrotron_site       ? 
_diffrn_source.pdbx_synchrotron_beamline   ? 
_diffrn_source.pdbx_wavelength             ? 
_diffrn_source.pdbx_wavelength_list        1.5418 
# 
_reflns.entry_id                     1IY0 
_reflns.observed_criterion_sigma_F   0 
_reflns.observed_criterion_sigma_I   0 
_reflns.d_resolution_high            2.95 
_reflns.d_resolution_low             50 
_reflns.number_all                   5922 
_reflns.number_obs                   5851 
_reflns.percent_possible_obs         98.8 
_reflns.pdbx_Rmerge_I_obs            ? 
_reflns.pdbx_Rsym_value              ? 
_reflns.pdbx_netI_over_sigmaI        ? 
_reflns.B_iso_Wilson_estimate        ? 
_reflns.pdbx_redundancy              ? 
_reflns.R_free_details               ? 
_reflns.limit_h_max                  ? 
_reflns.limit_h_min                  ? 
_reflns.limit_k_max                  ? 
_reflns.limit_k_min                  ? 
_reflns.limit_l_max                  ? 
_reflns.limit_l_min                  ? 
_reflns.observed_criterion_F_max     ? 
_reflns.observed_criterion_F_min     ? 
_reflns.pdbx_diffrn_id               1 
_reflns.pdbx_ordinal                 1 
# 
_reflns_shell.d_res_high             2.95 
_reflns_shell.d_res_low              3.1 
_reflns_shell.percent_possible_all   99.5 
_reflns_shell.Rmerge_I_obs           ? 
_reflns_shell.pdbx_Rsym_value        ? 
_reflns_shell.meanI_over_sigI_obs    ? 
_reflns_shell.pdbx_redundancy        ? 
_reflns_shell.percent_possible_obs   ? 
_reflns_shell.number_unique_all      ? 
_reflns_shell.pdbx_diffrn_id         ? 
_reflns_shell.pdbx_ordinal           1 
# 
_refine.entry_id                                 1IY0 
_refine.ls_d_res_high                            2.95 
_refine.ls_d_res_low                             12 
_refine.pdbx_ls_sigma_F                          0 
_refine.pdbx_ls_sigma_I                          ? 
_refine.ls_number_reflns_all                     5781 
_refine.ls_number_reflns_obs                     5736 
_refine.ls_number_reflns_R_free                  425 
_refine.ls_percent_reflns_obs                    ? 
_refine.ls_R_factor_all                          ? 
_refine.ls_R_factor_obs                          ? 
_refine.ls_R_factor_R_work                       0.2250000 
_refine.ls_R_factor_R_free                       0.2890000 
_refine.ls_redundancy_reflns_obs                 ? 
_refine.pdbx_data_cutoff_high_absF               ? 
_refine.pdbx_data_cutoff_low_absF                ? 
_refine.ls_number_parameters                     ? 
_refine.ls_number_restraints                     ? 
_refine.ls_percent_reflns_R_free                 ? 
_refine.ls_R_factor_R_free_error                 ? 
_refine.ls_R_factor_R_free_error_details         ? 
_refine.pdbx_method_to_determine_struct          'MOLECULAR REPLACEMENT' 
_refine.pdbx_starting_model                      ? 
_refine.pdbx_ls_cross_valid_method               ? 
_refine.pdbx_R_Free_selection_details            RANDOM 
_refine.pdbx_stereochem_target_val_spec_case     ? 
_refine.pdbx_stereochemistry_target_values       'Engh & Huber' 
_refine.solvent_model_details                    ? 
_refine.solvent_model_param_bsol                 ? 
_refine.solvent_model_param_ksol                 ? 
_refine.occupancy_max                            ? 
_refine.occupancy_min                            ? 
_refine.pdbx_isotropic_thermal_model             ? 
_refine.B_iso_mean                               ? 
_refine.aniso_B[1][1]                            ? 
_refine.aniso_B[1][2]                            ? 
_refine.aniso_B[1][3]                            ? 
_refine.aniso_B[2][2]                            ? 
_refine.aniso_B[2][3]                            ? 
_refine.aniso_B[3][3]                            ? 
_refine.details                                  ? 
_refine.B_iso_min                                ? 
_refine.B_iso_max                                ? 
_refine.correlation_coeff_Fo_to_Fc               ? 
_refine.correlation_coeff_Fo_to_Fc_free          ? 
_refine.pdbx_solvent_vdw_probe_radii             ? 
_refine.pdbx_solvent_ion_probe_radii             ? 
_refine.pdbx_solvent_shrinkage_radii             ? 
_refine.overall_SU_R_Cruickshank_DPI             ? 
_refine.overall_SU_R_free                        ? 
_refine.overall_SU_B                             ? 
_refine.overall_SU_ML                            ? 
_refine.pdbx_overall_ESU_R                       ? 
_refine.pdbx_overall_ESU_R_Free                  ? 
_refine.pdbx_data_cutoff_high_rms_absF           ? 
_refine.pdbx_refine_id                           'X-RAY DIFFRACTION' 
_refine.pdbx_diffrn_id                           1 
_refine.pdbx_TLS_residual_ADP_flag               ? 
_refine.pdbx_overall_phase_error                 ? 
_refine.pdbx_overall_SU_R_free_Cruickshank_DPI   ? 
_refine.pdbx_overall_SU_R_Blow_DPI               ? 
_refine.pdbx_overall_SU_R_free_Blow_DPI          ? 
# 
_refine_analyze.entry_id                        1IY0 
_refine_analyze.Luzzati_coordinate_error_obs    0.3713 
_refine_analyze.Luzzati_sigma_a_obs             0.4890 
_refine_analyze.Luzzati_d_res_low_obs           5.0 
_refine_analyze.Luzzati_coordinate_error_free   0.5108 
_refine_analyze.Luzzati_sigma_a_free            0.4606 
_refine_analyze.Luzzati_d_res_low_free          ? 
_refine_analyze.number_disordered_residues      ? 
_refine_analyze.occupancy_sum_non_hydrogen      ? 
_refine_analyze.occupancy_sum_hydrogen          ? 
_refine_analyze.pdbx_Luzzati_d_res_high_obs     ? 
_refine_analyze.pdbx_refine_id                  'X-RAY DIFFRACTION' 
# 
_refine_hist.pdbx_refine_id                   'X-RAY DIFFRACTION' 
_refine_hist.cycle_id                         LAST 
_refine_hist.pdbx_number_atoms_protein        1705 
_refine_hist.pdbx_number_atoms_nucleic_acid   0 
_refine_hist.pdbx_number_atoms_ligand         31 
_refine_hist.number_atoms_solvent             0 
_refine_hist.number_atoms_total               1736 
_refine_hist.d_res_high                       2.95 
_refine_hist.d_res_low                        12 
# 
loop_
_refine_ls_restr.type 
_refine_ls_restr.dev_ideal 
_refine_ls_restr.dev_ideal_target 
_refine_ls_restr.weight 
_refine_ls_restr.number 
_refine_ls_restr.pdbx_refine_id 
_refine_ls_restr.pdbx_restraint_function 
c_angle_deg 1.3    ? ? ? 'X-RAY DIFFRACTION' ? 
c_angle_d   0.0088 ? ? ? 'X-RAY DIFFRACTION' ? 
# 
_struct.entry_id                  1IY0 
_struct.title                     'Crystal structure of the FtsH ATPase domain with AMP-PNP from Thermus thermophilus' 
_struct.pdbx_model_details        ? 
_struct.pdbx_CASP_flag            ? 
_struct.pdbx_model_type_details   ? 
# 
_struct_keywords.entry_id        1IY0 
_struct_keywords.pdbx_keywords   HYDROLASE 
_struct_keywords.text            'AAA domain fold, HYDROLASE' 
# 
loop_
_struct_asym.id 
_struct_asym.pdbx_blank_PDB_chainid_flag 
_struct_asym.pdbx_modified 
_struct_asym.entity_id 
_struct_asym.details 
A N N 1 ? 
B N N 2 ? 
# 
_struct_ref.id                         1 
_struct_ref.db_code                    Q9LCZ4_THETH 
_struct_ref.db_name                    UNP 
_struct_ref.entity_id                  1 
_struct_ref.pdbx_db_accession          Q9LCZ4 
_struct_ref.pdbx_align_begin           141 
_struct_ref.pdbx_seq_one_letter_code   
;KSRARVLTEAPKVTFKDVAGAEEAKEELKEIVEFLKNPSRFHEMGARIPKGVLLVGPPGVGKTHLARAVAGEARVPFITA
SGSDFVEMFVGVGAARVRDLFETAKRHAPCIVFIDEIDAVGRKRGSGVGGGNDEREQTLNQLLVEMDGFEKDTAIVVMAA
TNRPDILDPALLRPGRFDRQIAIDAPDVKGREQILRIHARGKPLAEDVDLALLAKRTPGFVGADLENLLNEAALLAAREG
RRKITMKDLEEAAD
;
_struct_ref.pdbx_db_isoform            ? 
# 
_struct_ref_seq.align_id                      1 
_struct_ref_seq.ref_id                        1 
_struct_ref_seq.pdbx_PDB_id_code              1IY0 
_struct_ref_seq.pdbx_strand_id                A 
_struct_ref_seq.seq_align_beg                 6 
_struct_ref_seq.pdbx_seq_align_beg_ins_code   ? 
_struct_ref_seq.seq_align_end                 253 
_struct_ref_seq.pdbx_seq_align_end_ins_code   ? 
_struct_ref_seq.pdbx_db_accession             Q9LCZ4 
_struct_ref_seq.db_align_beg                  146 
_struct_ref_seq.pdbx_db_align_beg_ins_code    ? 
_struct_ref_seq.db_align_end                  393 
_struct_ref_seq.pdbx_db_align_end_ins_code    ? 
_struct_ref_seq.pdbx_auth_seq_align_beg       146 
_struct_ref_seq.pdbx_auth_seq_align_end       393 
# 
loop_
_struct_ref_seq_dif.align_id 
_struct_ref_seq_dif.pdbx_pdb_id_code 
_struct_ref_seq_dif.mon_id 
_struct_ref_seq_dif.pdbx_pdb_strand_id 
_struct_ref_seq_dif.seq_num 
_struct_ref_seq_dif.pdbx_pdb_ins_code 
_struct_ref_seq_dif.pdbx_seq_db_name 
_struct_ref_seq_dif.pdbx_seq_db_accession_code 
_struct_ref_seq_dif.db_mon_id 
_struct_ref_seq_dif.pdbx_seq_db_seq_num 
_struct_ref_seq_dif.details 
_struct_ref_seq_dif.pdbx_auth_seq_num 
_struct_ref_seq_dif.pdbx_ordinal 
1 1IY0 GLY A 1   ? UNP Q9LCZ4 ? ? linker             141 1 
1 1IY0 PRO A 2   ? UNP Q9LCZ4 ? ? linker             142 2 
1 1IY0 LEU A 3   ? UNP Q9LCZ4 ? ? linker             143 3 
1 1IY0 GLY A 4   ? UNP Q9LCZ4 ? ? linker             144 4 
1 1IY0 SER A 5   ? UNP Q9LCZ4 ? ? linker             145 5 
1 1IY0 SER A 254 A UNP Q9LCZ4 ? ? 'cloning artifact' 393 6 
# 
_pdbx_struct_assembly.id                   1 
_pdbx_struct_assembly.details              author_defined_assembly 
_pdbx_struct_assembly.method_details       ? 
_pdbx_struct_assembly.oligomeric_details   monomeric 
_pdbx_struct_assembly.oligomeric_count     1 
# 
_pdbx_struct_assembly_gen.assembly_id       1 
_pdbx_struct_assembly_gen.oper_expression   1 
_pdbx_struct_assembly_gen.asym_id_list      A,B 
# 
_pdbx_struct_oper_list.id                   1 
_pdbx_struct_oper_list.type                 'identity operation' 
_pdbx_struct_oper_list.name                 1_555 
_pdbx_struct_oper_list.symmetry_operation   x,y,z 
_pdbx_struct_oper_list.matrix[1][1]         1.0000000000 
_pdbx_struct_oper_list.matrix[1][2]         0.0000000000 
_pdbx_struct_oper_list.matrix[1][3]         0.0000000000 
_pdbx_struct_oper_list.vector[1]            0.0000000000 
_pdbx_struct_oper_list.matrix[2][1]         0.0000000000 
_pdbx_struct_oper_list.matrix[2][2]         1.0000000000 
_pdbx_struct_oper_list.matrix[2][3]         0.0000000000 
_pdbx_struct_oper_list.vector[2]            0.0000000000 
_pdbx_struct_oper_list.matrix[3][1]         0.0000000000 
_pdbx_struct_oper_list.matrix[3][2]         0.0000000000 
_pdbx_struct_oper_list.matrix[3][3]         1.0000000000 
_pdbx_struct_oper_list.vector[3]            0.0000000000 
# 
_struct_biol.id                    1 
_struct_biol.pdbx_parent_biol_id   ? 
_struct_biol.details               ? 
# 
loop_
_struct_conf.conf_type_id 
_struct_conf.id 
_struct_conf.pdbx_PDB_helix_id 
_struct_conf.beg_label_comp_id 
_struct_conf.beg_label_asym_id 
_struct_conf.beg_label_seq_id 
_struct_conf.pdbx_beg_PDB_ins_code 
_struct_conf.end_label_comp_id 
_struct_conf.end_label_asym_id 
_struct_conf.end_label_seq_id 
_struct_conf.pdbx_end_PDB_ins_code 
_struct_conf.beg_auth_comp_id 
_struct_conf.beg_auth_asym_id 
_struct_conf.beg_auth_seq_id 
_struct_conf.end_auth_comp_id 
_struct_conf.end_auth_asym_id 
_struct_conf.end_auth_seq_id 
_struct_conf.pdbx_PDB_helix_class 
_struct_conf.details 
_struct_conf.pdbx_PDB_helix_length 
HELX_P HELX_P1  1  THR A 14  ? VAL A 18  ? THR A 154 VAL A 158 5 ? 5  
HELX_P HELX_P2  2  ALA A 21  ? LEU A 28  ? ALA A 161 LEU A 168 1 ? 8  
HELX_P HELX_P3  3  LEU A 28  ? ASN A 37  ? LEU A 168 ASN A 177 1 ? 10 
HELX_P HELX_P4  4  SER A 39  ? MET A 44  ? SER A 179 MET A 184 1 ? 6  
HELX_P HELX_P5  5  GLY A 61  ? ALA A 73  ? GLY A 201 ALA A 213 1 ? 13 
HELX_P HELX_P6  6  GLY A 82  ? MET A 88  ? GLY A 222 MET A 228 1 ? 7  
HELX_P HELX_P7  7  GLY A 91  ? ARG A 106 ? GLY A 231 ARG A 246 1 ? 16 
HELX_P HELX_P8  8  ILE A 117 ? ARG A 122 ? ILE A 257 ARG A 262 1 ? 6  
HELX_P HELX_P9  9  ASN A 132 ? GLY A 148 ? ASN A 272 GLY A 288 1 ? 17 
HELX_P HELX_P10 10 ARG A 163 ? LEU A 167 ? ARG A 303 LEU A 307 5 ? 5  
HELX_P HELX_P11 11 ASP A 168 ? ARG A 173 ? ASP A 308 ARG A 313 5 ? 6  
HELX_P HELX_P12 12 ASP A 187 ? ALA A 199 ? ASP A 327 ALA A 339 1 ? 13 
HELX_P HELX_P13 13 ASP A 209 ? ARG A 216 ? ASP A 349 ARG A 356 1 ? 8  
HELX_P HELX_P14 14 ALA A 223 ? GLU A 239 ? ALA A 363 GLU A 379 1 ? 17 
HELX_P HELX_P15 15 THR A 245 ? ALA A 253 ? THR A 385 ALA A 393 1 ? 9  
# 
_struct_conf_type.id          HELX_P 
_struct_conf_type.criteria    ? 
_struct_conf_type.reference   ? 
# 
_struct_mon_prot_cis.pdbx_id                1 
_struct_mon_prot_cis.label_comp_id          ALA 
_struct_mon_prot_cis.label_seq_id           108 
_struct_mon_prot_cis.label_asym_id          A 
_struct_mon_prot_cis.label_alt_id           . 
_struct_mon_prot_cis.pdbx_PDB_ins_code      ? 
_struct_mon_prot_cis.auth_comp_id           ALA 
_struct_mon_prot_cis.auth_seq_id            248 
_struct_mon_prot_cis.auth_asym_id           A 
_struct_mon_prot_cis.pdbx_label_comp_id_2   PRO 
_struct_mon_prot_cis.pdbx_label_seq_id_2    109 
_struct_mon_prot_cis.pdbx_label_asym_id_2   A 
_struct_mon_prot_cis.pdbx_PDB_ins_code_2    ? 
_struct_mon_prot_cis.pdbx_auth_comp_id_2    PRO 
_struct_mon_prot_cis.pdbx_auth_seq_id_2     249 
_struct_mon_prot_cis.pdbx_auth_asym_id_2    A 
_struct_mon_prot_cis.pdbx_PDB_model_num     1 
_struct_mon_prot_cis.pdbx_omega_angle       -0.28 
# 
_struct_sheet.id               A 
_struct_sheet.type             ? 
_struct_sheet.number_strands   5 
_struct_sheet.details          ? 
# 
loop_
_struct_sheet_order.sheet_id 
_struct_sheet_order.range_id_1 
_struct_sheet_order.range_id_2 
_struct_sheet_order.offset 
_struct_sheet_order.sense 
A 1 2 ? parallel 
A 2 3 ? parallel 
A 3 4 ? parallel 
A 4 5 ? parallel 
# 
loop_
_struct_sheet_range.sheet_id 
_struct_sheet_range.id 
_struct_sheet_range.beg_label_comp_id 
_struct_sheet_range.beg_label_asym_id 
_struct_sheet_range.beg_label_seq_id 
_struct_sheet_range.pdbx_beg_PDB_ins_code 
_struct_sheet_range.end_label_comp_id 
_struct_sheet_range.end_label_asym_id 
_struct_sheet_range.end_label_seq_id 
_struct_sheet_range.pdbx_end_PDB_ins_code 
_struct_sheet_range.beg_auth_comp_id 
_struct_sheet_range.beg_auth_asym_id 
_struct_sheet_range.beg_auth_seq_id 
_struct_sheet_range.end_auth_comp_id 
_struct_sheet_range.end_auth_asym_id 
_struct_sheet_range.end_auth_seq_id 
A 1 PHE A 77  ? SER A 81  ? PHE A 217 SER A 221 
A 2 ILE A 111 ? ASP A 115 ? ILE A 251 ASP A 255 
A 3 VAL A 156 ? THR A 161 ? VAL A 296 THR A 301 
A 4 GLY A 51  ? VAL A 55  ? GLY A 191 VAL A 195 
A 5 GLN A 180 ? ALA A 182 ? GLN A 320 ALA A 322 
# 
loop_
_pdbx_struct_sheet_hbond.sheet_id 
_pdbx_struct_sheet_hbond.range_id_1 
_pdbx_struct_sheet_hbond.range_id_2 
_pdbx_struct_sheet_hbond.range_1_label_atom_id 
_pdbx_struct_sheet_hbond.range_1_label_comp_id 
_pdbx_struct_sheet_hbond.range_1_label_asym_id 
_pdbx_struct_sheet_hbond.range_1_label_seq_id 
_pdbx_struct_sheet_hbond.range_1_PDB_ins_code 
_pdbx_struct_sheet_hbond.range_1_auth_atom_id 
_pdbx_struct_sheet_hbond.range_1_auth_comp_id 
_pdbx_struct_sheet_hbond.range_1_auth_asym_id 
_pdbx_struct_sheet_hbond.range_1_auth_seq_id 
_pdbx_struct_sheet_hbond.range_2_label_atom_id 
_pdbx_struct_sheet_hbond.range_2_label_comp_id 
_pdbx_struct_sheet_hbond.range_2_label_asym_id 
_pdbx_struct_sheet_hbond.range_2_label_seq_id 
_pdbx_struct_sheet_hbond.range_2_PDB_ins_code 
_pdbx_struct_sheet_hbond.range_2_auth_atom_id 
_pdbx_struct_sheet_hbond.range_2_auth_comp_id 
_pdbx_struct_sheet_hbond.range_2_auth_asym_id 
_pdbx_struct_sheet_hbond.range_2_auth_seq_id 
A 1 2 N ALA A 80  ? N ALA A 220 O ASP A 115 ? O ASP A 255 
A 2 3 N VAL A 112 ? N VAL A 252 O MET A 158 ? O MET A 298 
A 3 4 O VAL A 157 ? O VAL A 297 N VAL A 52  ? N VAL A 192 
A 4 5 N VAL A 55  ? N VAL A 195 O ILE A 181 ? O ILE A 321 
# 
_struct_site.id                   AC1 
_struct_site.pdbx_evidence_code   Software 
_struct_site.pdbx_auth_asym_id    A 
_struct_site.pdbx_auth_comp_id    ANP 
_struct_site.pdbx_auth_seq_id     1 
_struct_site.pdbx_auth_ins_code   ? 
_struct_site.pdbx_num_residues    12 
_struct_site.details              'BINDING SITE FOR RESIDUE ANP A 1' 
# 
loop_
_struct_site_gen.id 
_struct_site_gen.site_id 
_struct_site_gen.pdbx_num_res 
_struct_site_gen.label_comp_id 
_struct_site_gen.label_asym_id 
_struct_site_gen.label_seq_id 
_struct_site_gen.pdbx_auth_ins_code 
_struct_site_gen.auth_comp_id 
_struct_site_gen.auth_asym_id 
_struct_site_gen.auth_seq_id 
_struct_site_gen.label_atom_id 
_struct_site_gen.label_alt_id 
_struct_site_gen.symmetry 
_struct_site_gen.details 
1  AC1 12 ASP A 17  ? ASP A 157 . ? 1_555 ? 
2  AC1 12 ALA A 19  ? ALA A 159 . ? 1_555 ? 
3  AC1 12 PRO A 57  ? PRO A 197 . ? 1_555 ? 
4  AC1 12 GLY A 59  ? GLY A 199 . ? 1_555 ? 
5  AC1 12 VAL A 60  ? VAL A 200 . ? 1_555 ? 
6  AC1 12 GLY A 61  ? GLY A 201 . ? 1_555 ? 
7  AC1 12 LYS A 62  ? LYS A 202 . ? 1_555 ? 
8  AC1 12 THR A 63  ? THR A 203 . ? 1_555 ? 
9  AC1 12 HIS A 64  ? HIS A 204 . ? 1_555 ? 
10 AC1 12 GLN A 193 ? GLN A 333 . ? 1_555 ? 
11 AC1 12 ILE A 194 ? ILE A 334 . ? 1_555 ? 
12 AC1 12 ILE A 197 ? ILE A 337 . ? 1_555 ? 
# 
loop_
_pdbx_validate_torsion.id 
_pdbx_validate_torsion.PDB_model_num 
_pdbx_validate_torsion.auth_comp_id 
_pdbx_validate_torsion.auth_asym_id 
_pdbx_validate_torsion.auth_seq_id 
_pdbx_validate_torsion.PDB_ins_code 
_pdbx_validate_torsion.label_alt_id 
_pdbx_validate_torsion.phi 
_pdbx_validate_torsion.psi 
1  1 PRO A 151 ? ? -56.51  -179.51 
2  1 PHE A 155 ? ? -57.67  -6.26   
3  1 MET A 184 ? ? -54.98  -7.96   
4  1 LYS A 190 ? ? 56.49   7.14    
5  1 HIS A 247 ? ? -140.69 30.32   
6  1 LYS A 263 ? ? -44.41  100.17  
7  1 ILE A 295 ? ? 166.84  122.95  
8  1 ILE A 306 ? ? -95.06  35.72   
9  1 ARG A 316 ? ? -121.18 -127.24 
10 1 VAL A 328 ? ? -36.68  -33.39  
11 1 PRO A 343 ? ? -48.34  104.97  
12 1 THR A 357 ? ? -117.02 60.95   
# 
loop_
_pdbx_unobs_or_zero_occ_residues.id 
_pdbx_unobs_or_zero_occ_residues.PDB_model_num 
_pdbx_unobs_or_zero_occ_residues.polymer_flag 
_pdbx_unobs_or_zero_occ_residues.occupancy_flag 
_pdbx_unobs_or_zero_occ_residues.auth_asym_id 
_pdbx_unobs_or_zero_occ_residues.auth_comp_id 
_pdbx_unobs_or_zero_occ_residues.auth_seq_id 
_pdbx_unobs_or_zero_occ_residues.PDB_ins_code 
_pdbx_unobs_or_zero_occ_residues.label_asym_id 
_pdbx_unobs_or_zero_occ_residues.label_comp_id 
_pdbx_unobs_or_zero_occ_residues.label_seq_id 
1  1 Y 1 A GLY 141 ? A GLY 1   
2  1 Y 1 A PRO 142 ? A PRO 2   
3  1 Y 1 A LEU 143 ? A LEU 3   
4  1 Y 1 A GLY 144 ? A GLY 4   
5  1 Y 1 A SER 145 ? A SER 5   
6  1 Y 1 A VAL 146 ? A VAL 6   
7  1 Y 1 A LEU 147 ? A LEU 7   
8  1 Y 1 A GLY 265 ? A GLY 125 
9  1 Y 1 A SER 266 ? A SER 126 
10 1 Y 1 A GLY 267 ? A GLY 127 
11 1 Y 1 A VAL 268 ? A VAL 128 
12 1 Y 1 A GLY 269 ? A GLY 129 
13 1 Y 1 A GLY 270 ? A GLY 130 
14 1 Y 1 A GLY 271 ? A GLY 131 
# 
loop_
_chem_comp_atom.comp_id 
_chem_comp_atom.atom_id 
_chem_comp_atom.type_symbol 
_chem_comp_atom.pdbx_aromatic_flag 
_chem_comp_atom.pdbx_stereo_config 
_chem_comp_atom.pdbx_ordinal 
ALA N      N N N 1   
ALA CA     C N S 2   
ALA C      C N N 3   
ALA O      O N N 4   
ALA CB     C N N 5   
ALA OXT    O N N 6   
ALA H      H N N 7   
ALA H2     H N N 8   
ALA HA     H N N 9   
ALA HB1    H N N 10  
ALA HB2    H N N 11  
ALA HB3    H N N 12  
ALA HXT    H N N 13  
ANP PG     P N N 14  
ANP O1G    O N N 15  
ANP O2G    O N N 16  
ANP O3G    O N N 17  
ANP PB     P N N 18  
ANP O1B    O N N 19  
ANP O2B    O N N 20  
ANP N3B    N N N 21  
ANP PA     P N N 22  
ANP O1A    O N N 23  
ANP O2A    O N N 24  
ANP O3A    O N N 25  
ANP "O5'"  O N N 26  
ANP "C5'"  C N N 27  
ANP "C4'"  C N R 28  
ANP "O4'"  O N N 29  
ANP "C3'"  C N S 30  
ANP "O3'"  O N N 31  
ANP "C2'"  C N R 32  
ANP "O2'"  O N N 33  
ANP "C1'"  C N R 34  
ANP N9     N Y N 35  
ANP C8     C Y N 36  
ANP N7     N Y N 37  
ANP C5     C Y N 38  
ANP C6     C Y N 39  
ANP N6     N N N 40  
ANP N1     N Y N 41  
ANP C2     C Y N 42  
ANP N3     N Y N 43  
ANP C4     C Y N 44  
ANP HOG2   H N N 45  
ANP HOG3   H N N 46  
ANP HOB2   H N N 47  
ANP HNB1   H N N 48  
ANP HOA2   H N N 49  
ANP "H5'1" H N N 50  
ANP "H5'2" H N N 51  
ANP "H4'"  H N N 52  
ANP "H3'"  H N N 53  
ANP "HO3'" H N N 54  
ANP "H2'"  H N N 55  
ANP "HO2'" H N N 56  
ANP "H1'"  H N N 57  
ANP H8     H N N 58  
ANP HN61   H N N 59  
ANP HN62   H N N 60  
ANP H2     H N N 61  
ARG N      N N N 62  
ARG CA     C N S 63  
ARG C      C N N 64  
ARG O      O N N 65  
ARG CB     C N N 66  
ARG CG     C N N 67  
ARG CD     C N N 68  
ARG NE     N N N 69  
ARG CZ     C N N 70  
ARG NH1    N N N 71  
ARG NH2    N N N 72  
ARG OXT    O N N 73  
ARG H      H N N 74  
ARG H2     H N N 75  
ARG HA     H N N 76  
ARG HB2    H N N 77  
ARG HB3    H N N 78  
ARG HG2    H N N 79  
ARG HG3    H N N 80  
ARG HD2    H N N 81  
ARG HD3    H N N 82  
ARG HE     H N N 83  
ARG HH11   H N N 84  
ARG HH12   H N N 85  
ARG HH21   H N N 86  
ARG HH22   H N N 87  
ARG HXT    H N N 88  
ASN N      N N N 89  
ASN CA     C N S 90  
ASN C      C N N 91  
ASN O      O N N 92  
ASN CB     C N N 93  
ASN CG     C N N 94  
ASN OD1    O N N 95  
ASN ND2    N N N 96  
ASN OXT    O N N 97  
ASN H      H N N 98  
ASN H2     H N N 99  
ASN HA     H N N 100 
ASN HB2    H N N 101 
ASN HB3    H N N 102 
ASN HD21   H N N 103 
ASN HD22   H N N 104 
ASN HXT    H N N 105 
ASP N      N N N 106 
ASP CA     C N S 107 
ASP C      C N N 108 
ASP O      O N N 109 
ASP CB     C N N 110 
ASP CG     C N N 111 
ASP OD1    O N N 112 
ASP OD2    O N N 113 
ASP OXT    O N N 114 
ASP H      H N N 115 
ASP H2     H N N 116 
ASP HA     H N N 117 
ASP HB2    H N N 118 
ASP HB3    H N N 119 
ASP HD2    H N N 120 
ASP HXT    H N N 121 
CYS N      N N N 122 
CYS CA     C N R 123 
CYS C      C N N 124 
CYS O      O N N 125 
CYS CB     C N N 126 
CYS SG     S N N 127 
CYS OXT    O N N 128 
CYS H      H N N 129 
CYS H2     H N N 130 
CYS HA     H N N 131 
CYS HB2    H N N 132 
CYS HB3    H N N 133 
CYS HG     H N N 134 
CYS HXT    H N N 135 
GLN N      N N N 136 
GLN CA     C N S 137 
GLN C      C N N 138 
GLN O      O N N 139 
GLN CB     C N N 140 
GLN CG     C N N 141 
GLN CD     C N N 142 
GLN OE1    O N N 143 
GLN NE2    N N N 144 
GLN OXT    O N N 145 
GLN H      H N N 146 
GLN H2     H N N 147 
GLN HA     H N N 148 
GLN HB2    H N N 149 
GLN HB3    H N N 150 
GLN HG2    H N N 151 
GLN HG3    H N N 152 
GLN HE21   H N N 153 
GLN HE22   H N N 154 
GLN HXT    H N N 155 
GLU N      N N N 156 
GLU CA     C N S 157 
GLU C      C N N 158 
GLU O      O N N 159 
GLU CB     C N N 160 
GLU CG     C N N 161 
GLU CD     C N N 162 
GLU OE1    O N N 163 
GLU OE2    O N N 164 
GLU OXT    O N N 165 
GLU H      H N N 166 
GLU H2     H N N 167 
GLU HA     H N N 168 
GLU HB2    H N N 169 
GLU HB3    H N N 170 
GLU HG2    H N N 171 
GLU HG3    H N N 172 
GLU HE2    H N N 173 
GLU HXT    H N N 174 
GLY N      N N N 175 
GLY CA     C N N 176 
GLY C      C N N 177 
GLY O      O N N 178 
GLY OXT    O N N 179 
GLY H      H N N 180 
GLY H2     H N N 181 
GLY HA2    H N N 182 
GLY HA3    H N N 183 
GLY HXT    H N N 184 
HIS N      N N N 185 
HIS CA     C N S 186 
HIS C      C N N 187 
HIS O      O N N 188 
HIS CB     C N N 189 
HIS CG     C Y N 190 
HIS ND1    N Y N 191 
HIS CD2    C Y N 192 
HIS CE1    C Y N 193 
HIS NE2    N Y N 194 
HIS OXT    O N N 195 
HIS H      H N N 196 
HIS H2     H N N 197 
HIS HA     H N N 198 
HIS HB2    H N N 199 
HIS HB3    H N N 200 
HIS HD1    H N N 201 
HIS HD2    H N N 202 
HIS HE1    H N N 203 
HIS HE2    H N N 204 
HIS HXT    H N N 205 
ILE N      N N N 206 
ILE CA     C N S 207 
ILE C      C N N 208 
ILE O      O N N 209 
ILE CB     C N S 210 
ILE CG1    C N N 211 
ILE CG2    C N N 212 
ILE CD1    C N N 213 
ILE OXT    O N N 214 
ILE H      H N N 215 
ILE H2     H N N 216 
ILE HA     H N N 217 
ILE HB     H N N 218 
ILE HG12   H N N 219 
ILE HG13   H N N 220 
ILE HG21   H N N 221 
ILE HG22   H N N 222 
ILE HG23   H N N 223 
ILE HD11   H N N 224 
ILE HD12   H N N 225 
ILE HD13   H N N 226 
ILE HXT    H N N 227 
LEU N      N N N 228 
LEU CA     C N S 229 
LEU C      C N N 230 
LEU O      O N N 231 
LEU CB     C N N 232 
LEU CG     C N N 233 
LEU CD1    C N N 234 
LEU CD2    C N N 235 
LEU OXT    O N N 236 
LEU H      H N N 237 
LEU H2     H N N 238 
LEU HA     H N N 239 
LEU HB2    H N N 240 
LEU HB3    H N N 241 
LEU HG     H N N 242 
LEU HD11   H N N 243 
LEU HD12   H N N 244 
LEU HD13   H N N 245 
LEU HD21   H N N 246 
LEU HD22   H N N 247 
LEU HD23   H N N 248 
LEU HXT    H N N 249 
LYS N      N N N 250 
LYS CA     C N S 251 
LYS C      C N N 252 
LYS O      O N N 253 
LYS CB     C N N 254 
LYS CG     C N N 255 
LYS CD     C N N 256 
LYS CE     C N N 257 
LYS NZ     N N N 258 
LYS OXT    O N N 259 
LYS H      H N N 260 
LYS H2     H N N 261 
LYS HA     H N N 262 
LYS HB2    H N N 263 
LYS HB3    H N N 264 
LYS HG2    H N N 265 
LYS HG3    H N N 266 
LYS HD2    H N N 267 
LYS HD3    H N N 268 
LYS HE2    H N N 269 
LYS HE3    H N N 270 
LYS HZ1    H N N 271 
LYS HZ2    H N N 272 
LYS HZ3    H N N 273 
LYS HXT    H N N 274 
MET N      N N N 275 
MET CA     C N S 276 
MET C      C N N 277 
MET O      O N N 278 
MET CB     C N N 279 
MET CG     C N N 280 
MET SD     S N N 281 
MET CE     C N N 282 
MET OXT    O N N 283 
MET H      H N N 284 
MET H2     H N N 285 
MET HA     H N N 286 
MET HB2    H N N 287 
MET HB3    H N N 288 
MET HG2    H N N 289 
MET HG3    H N N 290 
MET HE1    H N N 291 
MET HE2    H N N 292 
MET HE3    H N N 293 
MET HXT    H N N 294 
PHE N      N N N 295 
PHE CA     C N S 296 
PHE C      C N N 297 
PHE O      O N N 298 
PHE CB     C N N 299 
PHE CG     C Y N 300 
PHE CD1    C Y N 301 
PHE CD2    C Y N 302 
PHE CE1    C Y N 303 
PHE CE2    C Y N 304 
PHE CZ     C Y N 305 
PHE OXT    O N N 306 
PHE H      H N N 307 
PHE H2     H N N 308 
PHE HA     H N N 309 
PHE HB2    H N N 310 
PHE HB3    H N N 311 
PHE HD1    H N N 312 
PHE HD2    H N N 313 
PHE HE1    H N N 314 
PHE HE2    H N N 315 
PHE HZ     H N N 316 
PHE HXT    H N N 317 
PRO N      N N N 318 
PRO CA     C N S 319 
PRO C      C N N 320 
PRO O      O N N 321 
PRO CB     C N N 322 
PRO CG     C N N 323 
PRO CD     C N N 324 
PRO OXT    O N N 325 
PRO H      H N N 326 
PRO HA     H N N 327 
PRO HB2    H N N 328 
PRO HB3    H N N 329 
PRO HG2    H N N 330 
PRO HG3    H N N 331 
PRO HD2    H N N 332 
PRO HD3    H N N 333 
PRO HXT    H N N 334 
SER N      N N N 335 
SER CA     C N S 336 
SER C      C N N 337 
SER O      O N N 338 
SER CB     C N N 339 
SER OG     O N N 340 
SER OXT    O N N 341 
SER H      H N N 342 
SER H2     H N N 343 
SER HA     H N N 344 
SER HB2    H N N 345 
SER HB3    H N N 346 
SER HG     H N N 347 
SER HXT    H N N 348 
THR N      N N N 349 
THR CA     C N S 350 
THR C      C N N 351 
THR O      O N N 352 
THR CB     C N R 353 
THR OG1    O N N 354 
THR CG2    C N N 355 
THR OXT    O N N 356 
THR H      H N N 357 
THR H2     H N N 358 
THR HA     H N N 359 
THR HB     H N N 360 
THR HG1    H N N 361 
THR HG21   H N N 362 
THR HG22   H N N 363 
THR HG23   H N N 364 
THR HXT    H N N 365 
VAL N      N N N 366 
VAL CA     C N S 367 
VAL C      C N N 368 
VAL O      O N N 369 
VAL CB     C N N 370 
VAL CG1    C N N 371 
VAL CG2    C N N 372 
VAL OXT    O N N 373 
VAL H      H N N 374 
VAL H2     H N N 375 
VAL HA     H N N 376 
VAL HB     H N N 377 
VAL HG11   H N N 378 
VAL HG12   H N N 379 
VAL HG13   H N N 380 
VAL HG21   H N N 381 
VAL HG22   H N N 382 
VAL HG23   H N N 383 
VAL HXT    H N N 384 
# 
loop_
_chem_comp_bond.comp_id 
_chem_comp_bond.atom_id_1 
_chem_comp_bond.atom_id_2 
_chem_comp_bond.value_order 
_chem_comp_bond.pdbx_aromatic_flag 
_chem_comp_bond.pdbx_stereo_config 
_chem_comp_bond.pdbx_ordinal 
ALA N     CA     sing N N 1   
ALA N     H      sing N N 2   
ALA N     H2     sing N N 3   
ALA CA    C      sing N N 4   
ALA CA    CB     sing N N 5   
ALA CA    HA     sing N N 6   
ALA C     O      doub N N 7   
ALA C     OXT    sing N N 8   
ALA CB    HB1    sing N N 9   
ALA CB    HB2    sing N N 10  
ALA CB    HB3    sing N N 11  
ALA OXT   HXT    sing N N 12  
ANP PG    O1G    doub N N 13  
ANP PG    O2G    sing N N 14  
ANP PG    O3G    sing N N 15  
ANP PG    N3B    sing N N 16  
ANP O2G   HOG2   sing N N 17  
ANP O3G   HOG3   sing N N 18  
ANP PB    O1B    doub N N 19  
ANP PB    O2B    sing N N 20  
ANP PB    N3B    sing N N 21  
ANP PB    O3A    sing N N 22  
ANP O2B   HOB2   sing N N 23  
ANP N3B   HNB1   sing N N 24  
ANP PA    O1A    doub N N 25  
ANP PA    O2A    sing N N 26  
ANP PA    O3A    sing N N 27  
ANP PA    "O5'"  sing N N 28  
ANP O2A   HOA2   sing N N 29  
ANP "O5'" "C5'"  sing N N 30  
ANP "C5'" "C4'"  sing N N 31  
ANP "C5'" "H5'1" sing N N 32  
ANP "C5'" "H5'2" sing N N 33  
ANP "C4'" "O4'"  sing N N 34  
ANP "C4'" "C3'"  sing N N 35  
ANP "C4'" "H4'"  sing N N 36  
ANP "O4'" "C1'"  sing N N 37  
ANP "C3'" "O3'"  sing N N 38  
ANP "C3'" "C2'"  sing N N 39  
ANP "C3'" "H3'"  sing N N 40  
ANP "O3'" "HO3'" sing N N 41  
ANP "C2'" "O2'"  sing N N 42  
ANP "C2'" "C1'"  sing N N 43  
ANP "C2'" "H2'"  sing N N 44  
ANP "O2'" "HO2'" sing N N 45  
ANP "C1'" N9     sing N N 46  
ANP "C1'" "H1'"  sing N N 47  
ANP N9    C8     sing Y N 48  
ANP N9    C4     sing Y N 49  
ANP C8    N7     doub Y N 50  
ANP C8    H8     sing N N 51  
ANP N7    C5     sing Y N 52  
ANP C5    C6     sing Y N 53  
ANP C5    C4     doub Y N 54  
ANP C6    N6     sing N N 55  
ANP C6    N1     doub Y N 56  
ANP N6    HN61   sing N N 57  
ANP N6    HN62   sing N N 58  
ANP N1    C2     sing Y N 59  
ANP C2    N3     doub Y N 60  
ANP C2    H2     sing N N 61  
ANP N3    C4     sing Y N 62  
ARG N     CA     sing N N 63  
ARG N     H      sing N N 64  
ARG N     H2     sing N N 65  
ARG CA    C      sing N N 66  
ARG CA    CB     sing N N 67  
ARG CA    HA     sing N N 68  
ARG C     O      doub N N 69  
ARG C     OXT    sing N N 70  
ARG CB    CG     sing N N 71  
ARG CB    HB2    sing N N 72  
ARG CB    HB3    sing N N 73  
ARG CG    CD     sing N N 74  
ARG CG    HG2    sing N N 75  
ARG CG    HG3    sing N N 76  
ARG CD    NE     sing N N 77  
ARG CD    HD2    sing N N 78  
ARG CD    HD3    sing N N 79  
ARG NE    CZ     sing N N 80  
ARG NE    HE     sing N N 81  
ARG CZ    NH1    sing N N 82  
ARG CZ    NH2    doub N N 83  
ARG NH1   HH11   sing N N 84  
ARG NH1   HH12   sing N N 85  
ARG NH2   HH21   sing N N 86  
ARG NH2   HH22   sing N N 87  
ARG OXT   HXT    sing N N 88  
ASN N     CA     sing N N 89  
ASN N     H      sing N N 90  
ASN N     H2     sing N N 91  
ASN CA    C      sing N N 92  
ASN CA    CB     sing N N 93  
ASN CA    HA     sing N N 94  
ASN C     O      doub N N 95  
ASN C     OXT    sing N N 96  
ASN CB    CG     sing N N 97  
ASN CB    HB2    sing N N 98  
ASN CB    HB3    sing N N 99  
ASN CG    OD1    doub N N 100 
ASN CG    ND2    sing N N 101 
ASN ND2   HD21   sing N N 102 
ASN ND2   HD22   sing N N 103 
ASN OXT   HXT    sing N N 104 
ASP N     CA     sing N N 105 
ASP N     H      sing N N 106 
ASP N     H2     sing N N 107 
ASP CA    C      sing N N 108 
ASP CA    CB     sing N N 109 
ASP CA    HA     sing N N 110 
ASP C     O      doub N N 111 
ASP C     OXT    sing N N 112 
ASP CB    CG     sing N N 113 
ASP CB    HB2    sing N N 114 
ASP CB    HB3    sing N N 115 
ASP CG    OD1    doub N N 116 
ASP CG    OD2    sing N N 117 
ASP OD2   HD2    sing N N 118 
ASP OXT   HXT    sing N N 119 
CYS N     CA     sing N N 120 
CYS N     H      sing N N 121 
CYS N     H2     sing N N 122 
CYS CA    C      sing N N 123 
CYS CA    CB     sing N N 124 
CYS CA    HA     sing N N 125 
CYS C     O      doub N N 126 
CYS C     OXT    sing N N 127 
CYS CB    SG     sing N N 128 
CYS CB    HB2    sing N N 129 
CYS CB    HB3    sing N N 130 
CYS SG    HG     sing N N 131 
CYS OXT   HXT    sing N N 132 
GLN N     CA     sing N N 133 
GLN N     H      sing N N 134 
GLN N     H2     sing N N 135 
GLN CA    C      sing N N 136 
GLN CA    CB     sing N N 137 
GLN CA    HA     sing N N 138 
GLN C     O      doub N N 139 
GLN C     OXT    sing N N 140 
GLN CB    CG     sing N N 141 
GLN CB    HB2    sing N N 142 
GLN CB    HB3    sing N N 143 
GLN CG    CD     sing N N 144 
GLN CG    HG2    sing N N 145 
GLN CG    HG3    sing N N 146 
GLN CD    OE1    doub N N 147 
GLN CD    NE2    sing N N 148 
GLN NE2   HE21   sing N N 149 
GLN NE2   HE22   sing N N 150 
GLN OXT   HXT    sing N N 151 
GLU N     CA     sing N N 152 
GLU N     H      sing N N 153 
GLU N     H2     sing N N 154 
GLU CA    C      sing N N 155 
GLU CA    CB     sing N N 156 
GLU CA    HA     sing N N 157 
GLU C     O      doub N N 158 
GLU C     OXT    sing N N 159 
GLU CB    CG     sing N N 160 
GLU CB    HB2    sing N N 161 
GLU CB    HB3    sing N N 162 
GLU CG    CD     sing N N 163 
GLU CG    HG2    sing N N 164 
GLU CG    HG3    sing N N 165 
GLU CD    OE1    doub N N 166 
GLU CD    OE2    sing N N 167 
GLU OE2   HE2    sing N N 168 
GLU OXT   HXT    sing N N 169 
GLY N     CA     sing N N 170 
GLY N     H      sing N N 171 
GLY N     H2     sing N N 172 
GLY CA    C      sing N N 173 
GLY CA    HA2    sing N N 174 
GLY CA    HA3    sing N N 175 
GLY C     O      doub N N 176 
GLY C     OXT    sing N N 177 
GLY OXT   HXT    sing N N 178 
HIS N     CA     sing N N 179 
HIS N     H      sing N N 180 
HIS N     H2     sing N N 181 
HIS CA    C      sing N N 182 
HIS CA    CB     sing N N 183 
HIS CA    HA     sing N N 184 
HIS C     O      doub N N 185 
HIS C     OXT    sing N N 186 
HIS CB    CG     sing N N 187 
HIS CB    HB2    sing N N 188 
HIS CB    HB3    sing N N 189 
HIS CG    ND1    sing Y N 190 
HIS CG    CD2    doub Y N 191 
HIS ND1   CE1    doub Y N 192 
HIS ND1   HD1    sing N N 193 
HIS CD2   NE2    sing Y N 194 
HIS CD2   HD2    sing N N 195 
HIS CE1   NE2    sing Y N 196 
HIS CE1   HE1    sing N N 197 
HIS NE2   HE2    sing N N 198 
HIS OXT   HXT    sing N N 199 
ILE N     CA     sing N N 200 
ILE N     H      sing N N 201 
ILE N     H2     sing N N 202 
ILE CA    C      sing N N 203 
ILE CA    CB     sing N N 204 
ILE CA    HA     sing N N 205 
ILE C     O      doub N N 206 
ILE C     OXT    sing N N 207 
ILE CB    CG1    sing N N 208 
ILE CB    CG2    sing N N 209 
ILE CB    HB     sing N N 210 
ILE CG1   CD1    sing N N 211 
ILE CG1   HG12   sing N N 212 
ILE CG1   HG13   sing N N 213 
ILE CG2   HG21   sing N N 214 
ILE CG2   HG22   sing N N 215 
ILE CG2   HG23   sing N N 216 
ILE CD1   HD11   sing N N 217 
ILE CD1   HD12   sing N N 218 
ILE CD1   HD13   sing N N 219 
ILE OXT   HXT    sing N N 220 
LEU N     CA     sing N N 221 
LEU N     H      sing N N 222 
LEU N     H2     sing N N 223 
LEU CA    C      sing N N 224 
LEU CA    CB     sing N N 225 
LEU CA    HA     sing N N 226 
LEU C     O      doub N N 227 
LEU C     OXT    sing N N 228 
LEU CB    CG     sing N N 229 
LEU CB    HB2    sing N N 230 
LEU CB    HB3    sing N N 231 
LEU CG    CD1    sing N N 232 
LEU CG    CD2    sing N N 233 
LEU CG    HG     sing N N 234 
LEU CD1   HD11   sing N N 235 
LEU CD1   HD12   sing N N 236 
LEU CD1   HD13   sing N N 237 
LEU CD2   HD21   sing N N 238 
LEU CD2   HD22   sing N N 239 
LEU CD2   HD23   sing N N 240 
LEU OXT   HXT    sing N N 241 
LYS N     CA     sing N N 242 
LYS N     H      sing N N 243 
LYS N     H2     sing N N 244 
LYS CA    C      sing N N 245 
LYS CA    CB     sing N N 246 
LYS CA    HA     sing N N 247 
LYS C     O      doub N N 248 
LYS C     OXT    sing N N 249 
LYS CB    CG     sing N N 250 
LYS CB    HB2    sing N N 251 
LYS CB    HB3    sing N N 252 
LYS CG    CD     sing N N 253 
LYS CG    HG2    sing N N 254 
LYS CG    HG3    sing N N 255 
LYS CD    CE     sing N N 256 
LYS CD    HD2    sing N N 257 
LYS CD    HD3    sing N N 258 
LYS CE    NZ     sing N N 259 
LYS CE    HE2    sing N N 260 
LYS CE    HE3    sing N N 261 
LYS NZ    HZ1    sing N N 262 
LYS NZ    HZ2    sing N N 263 
LYS NZ    HZ3    sing N N 264 
LYS OXT   HXT    sing N N 265 
MET N     CA     sing N N 266 
MET N     H      sing N N 267 
MET N     H2     sing N N 268 
MET CA    C      sing N N 269 
MET CA    CB     sing N N 270 
MET CA    HA     sing N N 271 
MET C     O      doub N N 272 
MET C     OXT    sing N N 273 
MET CB    CG     sing N N 274 
MET CB    HB2    sing N N 275 
MET CB    HB3    sing N N 276 
MET CG    SD     sing N N 277 
MET CG    HG2    sing N N 278 
MET CG    HG3    sing N N 279 
MET SD    CE     sing N N 280 
MET CE    HE1    sing N N 281 
MET CE    HE2    sing N N 282 
MET CE    HE3    sing N N 283 
MET OXT   HXT    sing N N 284 
PHE N     CA     sing N N 285 
PHE N     H      sing N N 286 
PHE N     H2     sing N N 287 
PHE CA    C      sing N N 288 
PHE CA    CB     sing N N 289 
PHE CA    HA     sing N N 290 
PHE C     O      doub N N 291 
PHE C     OXT    sing N N 292 
PHE CB    CG     sing N N 293 
PHE CB    HB2    sing N N 294 
PHE CB    HB3    sing N N 295 
PHE CG    CD1    doub Y N 296 
PHE CG    CD2    sing Y N 297 
PHE CD1   CE1    sing Y N 298 
PHE CD1   HD1    sing N N 299 
PHE CD2   CE2    doub Y N 300 
PHE CD2   HD2    sing N N 301 
PHE CE1   CZ     doub Y N 302 
PHE CE1   HE1    sing N N 303 
PHE CE2   CZ     sing Y N 304 
PHE CE2   HE2    sing N N 305 
PHE CZ    HZ     sing N N 306 
PHE OXT   HXT    sing N N 307 
PRO N     CA     sing N N 308 
PRO N     CD     sing N N 309 
PRO N     H      sing N N 310 
PRO CA    C      sing N N 311 
PRO CA    CB     sing N N 312 
PRO CA    HA     sing N N 313 
PRO C     O      doub N N 314 
PRO C     OXT    sing N N 315 
PRO CB    CG     sing N N 316 
PRO CB    HB2    sing N N 317 
PRO CB    HB3    sing N N 318 
PRO CG    CD     sing N N 319 
PRO CG    HG2    sing N N 320 
PRO CG    HG3    sing N N 321 
PRO CD    HD2    sing N N 322 
PRO CD    HD3    sing N N 323 
PRO OXT   HXT    sing N N 324 
SER N     CA     sing N N 325 
SER N     H      sing N N 326 
SER N     H2     sing N N 327 
SER CA    C      sing N N 328 
SER CA    CB     sing N N 329 
SER CA    HA     sing N N 330 
SER C     O      doub N N 331 
SER C     OXT    sing N N 332 
SER CB    OG     sing N N 333 
SER CB    HB2    sing N N 334 
SER CB    HB3    sing N N 335 
SER OG    HG     sing N N 336 
SER OXT   HXT    sing N N 337 
THR N     CA     sing N N 338 
THR N     H      sing N N 339 
THR N     H2     sing N N 340 
THR CA    C      sing N N 341 
THR CA    CB     sing N N 342 
THR CA    HA     sing N N 343 
THR C     O      doub N N 344 
THR C     OXT    sing N N 345 
THR CB    OG1    sing N N 346 
THR CB    CG2    sing N N 347 
THR CB    HB     sing N N 348 
THR OG1   HG1    sing N N 349 
THR CG2   HG21   sing N N 350 
THR CG2   HG22   sing N N 351 
THR CG2   HG23   sing N N 352 
THR OXT   HXT    sing N N 353 
VAL N     CA     sing N N 354 
VAL N     H      sing N N 355 
VAL N     H2     sing N N 356 
VAL CA    C      sing N N 357 
VAL CA    CB     sing N N 358 
VAL CA    HA     sing N N 359 
VAL C     O      doub N N 360 
VAL C     OXT    sing N N 361 
VAL CB    CG1    sing N N 362 
VAL CB    CG2    sing N N 363 
VAL CB    HB     sing N N 364 
VAL CG1   HG11   sing N N 365 
VAL CG1   HG12   sing N N 366 
VAL CG1   HG13   sing N N 367 
VAL CG2   HG21   sing N N 368 
VAL CG2   HG22   sing N N 369 
VAL CG2   HG23   sing N N 370 
VAL OXT   HXT    sing N N 371 
# 
_atom_sites.entry_id                    1IY0 
_atom_sites.fract_transf_matrix[1][1]   -0.00728954 
_atom_sites.fract_transf_matrix[1][2]   0.01086368 
_atom_sites.fract_transf_matrix[1][3]   -0.00856311 
_atom_sites.fract_transf_matrix[2][1]   -0.01495457 
_atom_sites.fract_transf_matrix[2][2]   -0.00200050 
_atom_sites.fract_transf_matrix[2][3]   -0.00408116 
_atom_sites.fract_transf_matrix[3][1]   -0.00325298 
_atom_sites.fract_transf_matrix[3][2]   0.00520270 
_atom_sites.fract_transf_matrix[3][3]   0.00936963 
_atom_sites.fract_transf_vector[1]      0.640348 
_atom_sites.fract_transf_vector[2]      0.366672 
_atom_sites.fract_transf_vector[3]      0.643009 
# 
loop_
_atom_type.symbol 
C 
N 
O 
P 
S 
# 
loop_
_atom_site.group_PDB 
_atom_site.id 
_atom_site.type_symbol 
_atom_site.label_atom_id 
_atom_site.label_alt_id 
_atom_site.label_comp_id 
_atom_site.label_asym_id 
_atom_site.label_entity_id 
_atom_site.label_seq_id 
_atom_site.pdbx_PDB_ins_code 
_atom_site.Cartn_x 
_atom_site.Cartn_y 
_atom_site.Cartn_z 
_atom_site.occupancy 
_atom_site.B_iso_or_equiv 
_atom_site.pdbx_formal_charge 
_atom_site.auth_seq_id 
_atom_site.auth_comp_id 
_atom_site.auth_asym_id 
_atom_site.auth_atom_id 
_atom_site.pdbx_PDB_model_num 
ATOM   1    N N     . THR A 1 8   ? -15.714 3.666   8.951   1.00 68.33 ? 148 THR A N     1 
ATOM   2    C CA    . THR A 1 8   ? -16.981 4.434   8.759   1.00 67.80 ? 148 THR A CA    1 
ATOM   3    C C     . THR A 1 8   ? -16.936 5.282   7.491   1.00 67.72 ? 148 THR A C     1 
ATOM   4    O O     . THR A 1 8   ? -17.712 5.060   6.562   1.00 66.92 ? 148 THR A O     1 
ATOM   5    C CB    . THR A 1 8   ? -17.237 5.321   9.974   1.00 67.15 ? 148 THR A CB    1 
ATOM   6    N N     . GLU A 1 9   ? -16.028 6.255   7.461   1.00 69.19 ? 149 GLU A N     1 
ATOM   7    C CA    . GLU A 1 9   ? -15.875 7.142   6.307   1.00 70.52 ? 149 GLU A CA    1 
ATOM   8    C C     . GLU A 1 9   ? -14.937 6.553   5.254   1.00 71.02 ? 149 GLU A C     1 
ATOM   9    O O     . GLU A 1 9   ? -13.731 6.407   5.487   1.00 71.11 ? 149 GLU A O     1 
ATOM   10   C CB    . GLU A 1 9   ? -15.355 8.514   6.756   1.00 70.67 ? 149 GLU A CB    1 
ATOM   11   N N     . ALA A 1 10  ? -15.501 6.216   4.095   1.00 71.04 ? 150 ALA A N     1 
ATOM   12   C CA    . ALA A 1 10  ? -14.726 5.652   2.997   1.00 70.93 ? 150 ALA A CA    1 
ATOM   13   C C     . ALA A 1 10  ? -13.614 6.628   2.600   1.00 70.96 ? 150 ALA A C     1 
ATOM   14   O O     . ALA A 1 10  ? -13.729 7.837   2.828   1.00 70.32 ? 150 ALA A O     1 
ATOM   15   C CB    . ALA A 1 10  ? -15.639 5.379   1.809   1.00 71.09 ? 150 ALA A CB    1 
ATOM   16   N N     . PRO A 1 11  ? -12.523 6.114   1.994   1.00 70.69 ? 151 PRO A N     1 
ATOM   17   C CA    . PRO A 1 11  ? -11.391 6.953   1.571   1.00 70.34 ? 151 PRO A CA    1 
ATOM   18   C C     . PRO A 1 11  ? -11.810 8.082   0.620   1.00 70.80 ? 151 PRO A C     1 
ATOM   19   O O     . PRO A 1 11  ? -12.988 8.229   0.296   1.00 71.62 ? 151 PRO A O     1 
ATOM   20   C CB    . PRO A 1 11  ? -10.454 5.952   0.888   1.00 68.43 ? 151 PRO A CB    1 
ATOM   21   C CG    . PRO A 1 11  ? -10.793 4.645   1.537   1.00 68.15 ? 151 PRO A CG    1 
ATOM   22   C CD    . PRO A 1 11  ? -12.293 4.704   1.629   1.00 69.34 ? 151 PRO A CD    1 
ATOM   23   N N     . LYS A 1 12  ? -10.841 8.880   0.183   1.00 70.99 ? 152 LYS A N     1 
ATOM   24   C CA    . LYS A 1 12  ? -11.108 9.980   -0.747  1.00 69.81 ? 152 LYS A CA    1 
ATOM   25   C C     . LYS A 1 12  ? -10.279 9.730   -2.014  1.00 69.02 ? 152 LYS A C     1 
ATOM   26   O O     . LYS A 1 12  ? -10.042 10.640  -2.818  1.00 69.48 ? 152 LYS A O     1 
ATOM   27   C CB    . LYS A 1 12  ? -10.722 11.321  -0.103  1.00 68.84 ? 152 LYS A CB    1 
ATOM   28   N N     . VAL A 1 13  ? -9.852  8.475   -2.175  1.00 66.49 ? 153 VAL A N     1 
ATOM   29   C CA    . VAL A 1 13  ? -9.030  8.052   -3.308  1.00 61.78 ? 153 VAL A CA    1 
ATOM   30   C C     . VAL A 1 13  ? -9.736  7.001   -4.166  1.00 59.23 ? 153 VAL A C     1 
ATOM   31   O O     . VAL A 1 13  ? -10.355 6.071   -3.647  1.00 60.99 ? 153 VAL A O     1 
ATOM   32   C CB    . VAL A 1 13  ? -7.701  7.436   -2.816  1.00 60.64 ? 153 VAL A CB    1 
ATOM   33   C CG1   . VAL A 1 13  ? -6.704  7.375   -3.953  1.00 60.47 ? 153 VAL A CG1   1 
ATOM   34   C CG2   . VAL A 1 13  ? -7.160  8.230   -1.644  1.00 59.29 ? 153 VAL A CG2   1 
ATOM   35   N N     . THR A 1 14  ? -9.635  7.146   -5.480  1.00 54.39 ? 154 THR A N     1 
ATOM   36   C CA    . THR A 1 14  ? -10.255 6.193   -6.382  1.00 50.50 ? 154 THR A CA    1 
ATOM   37   C C     . THR A 1 14  ? -9.304  5.848   -7.520  1.00 49.15 ? 154 THR A C     1 
ATOM   38   O O     . THR A 1 14  ? -8.255  6.467   -7.679  1.00 47.58 ? 154 THR A O     1 
ATOM   39   C CB    . THR A 1 14  ? -11.579 6.736   -6.953  1.00 50.16 ? 154 THR A CB    1 
ATOM   40   O OG1   . THR A 1 14  ? -11.326 7.889   -7.767  1.00 52.40 ? 154 THR A OG1   1 
ATOM   41   C CG2   . THR A 1 14  ? -12.513 7.109   -5.823  1.00 45.47 ? 154 THR A CG2   1 
ATOM   42   N N     . PHE A 1 15  ? -9.672  4.852   -8.312  1.00 48.17 ? 155 PHE A N     1 
ATOM   43   C CA    . PHE A 1 15  ? -8.834  4.421   -9.418  1.00 48.70 ? 155 PHE A CA    1 
ATOM   44   C C     . PHE A 1 15  ? -8.525  5.545   -10.423 1.00 50.61 ? 155 PHE A C     1 
ATOM   45   O O     . PHE A 1 15  ? -7.726  5.366   -11.347 1.00 50.43 ? 155 PHE A O     1 
ATOM   46   C CB    . PHE A 1 15  ? -9.483  3.216   -10.126 1.00 47.71 ? 155 PHE A CB    1 
ATOM   47   C CG    . PHE A 1 15  ? -9.421  1.917   -9.333  1.00 46.99 ? 155 PHE A CG    1 
ATOM   48   C CD1   . PHE A 1 15  ? -9.723  0.696   -9.946  1.00 45.07 ? 155 PHE A CD1   1 
ATOM   49   C CD2   . PHE A 1 15  ? -9.043  1.907   -7.986  1.00 45.73 ? 155 PHE A CD2   1 
ATOM   50   C CE1   . PHE A 1 15  ? -9.643  -0.512  -9.235  1.00 41.33 ? 155 PHE A CE1   1 
ATOM   51   C CE2   . PHE A 1 15  ? -8.964  0.701   -7.272  1.00 43.73 ? 155 PHE A CE2   1 
ATOM   52   C CZ    . PHE A 1 15  ? -9.263  -0.506  -7.901  1.00 41.53 ? 155 PHE A CZ    1 
ATOM   53   N N     . LYS A 1 16  ? -9.149  6.707   -10.238 1.00 52.00 ? 156 LYS A N     1 
ATOM   54   C CA    . LYS A 1 16  ? -8.918  7.844   -11.133 1.00 51.89 ? 156 LYS A CA    1 
ATOM   55   C C     . LYS A 1 16  ? -7.659  8.587   -10.682 1.00 52.30 ? 156 LYS A C     1 
ATOM   56   O O     . LYS A 1 16  ? -6.984  9.243   -11.481 1.00 54.94 ? 156 LYS A O     1 
ATOM   57   C CB    . LYS A 1 16  ? -10.135 8.798   -11.118 1.00 49.15 ? 156 LYS A CB    1 
ATOM   58   N N     . ASP A 1 17  ? -7.344  8.452   -9.398  1.00 49.83 ? 157 ASP A N     1 
ATOM   59   C CA    . ASP A 1 17  ? -6.194  9.114   -8.797  1.00 47.09 ? 157 ASP A CA    1 
ATOM   60   C C     . ASP A 1 17  ? -4.956  8.214   -8.740  1.00 46.45 ? 157 ASP A C     1 
ATOM   61   O O     . ASP A 1 17  ? -4.002  8.505   -8.013  1.00 47.87 ? 157 ASP A O     1 
ATOM   62   C CB    . ASP A 1 17  ? -6.559  9.550   -7.379  1.00 45.56 ? 157 ASP A CB    1 
ATOM   63   C CG    . ASP A 1 17  ? -8.020  9.927   -7.248  1.00 46.19 ? 157 ASP A CG    1 
ATOM   64   O OD1   . ASP A 1 17  ? -8.494  10.103  -6.100  1.00 47.11 ? 157 ASP A OD1   1 
ATOM   65   O OD2   . ASP A 1 17  ? -8.694  10.048  -8.296  1.00 45.73 ? 157 ASP A OD2   1 
ATOM   66   N N     . VAL A 1 18  ? -4.970  7.120   -9.492  1.00 43.87 ? 158 VAL A N     1 
ATOM   67   C CA    . VAL A 1 18  ? -3.847  6.200   -9.492  1.00 42.83 ? 158 VAL A CA    1 
ATOM   68   C C     . VAL A 1 18  ? -3.250  6.080   -10.891 1.00 44.12 ? 158 VAL A C     1 
ATOM   69   O O     . VAL A 1 18  ? -3.740  5.328   -11.734 1.00 45.38 ? 158 VAL A O     1 
ATOM   70   C CB    . VAL A 1 18  ? -4.296  4.819   -8.964  1.00 41.82 ? 158 VAL A CB    1 
ATOM   71   C CG1   . VAL A 1 18  ? -3.177  3.793   -9.097  1.00 38.17 ? 158 VAL A CG1   1 
ATOM   72   C CG2   . VAL A 1 18  ? -4.718  4.958   -7.519  1.00 37.05 ? 158 VAL A CG2   1 
ATOM   73   N N     . ALA A 1 19  ? -2.184  6.829   -11.133 1.00 45.03 ? 159 ALA A N     1 
ATOM   74   C CA    . ALA A 1 19  ? -1.548  6.815   -12.439 1.00 47.28 ? 159 ALA A CA    1 
ATOM   75   C C     . ALA A 1 19  ? -0.860  5.498   -12.743 1.00 49.03 ? 159 ALA A C     1 
ATOM   76   O O     . ALA A 1 19  ? 0.095   5.099   -12.060 1.00 49.09 ? 159 ALA A O     1 
ATOM   77   C CB    . ALA A 1 19  ? -0.555  7.957   -12.546 1.00 47.47 ? 159 ALA A CB    1 
ATOM   78   N N     . GLY A 1 20  ? -1.352  4.835   -13.784 1.00 49.93 ? 160 GLY A N     1 
ATOM   79   C CA    . GLY A 1 20  ? -0.780  3.569   -14.197 1.00 54.29 ? 160 GLY A CA    1 
ATOM   80   C C     . GLY A 1 20  ? -1.433  2.390   -13.518 1.00 57.32 ? 160 GLY A C     1 
ATOM   81   O O     . GLY A 1 20  ? -2.599  2.461   -13.121 1.00 59.36 ? 160 GLY A O     1 
ATOM   82   N N     . ALA A 1 21  ? -0.678  1.305   -13.385 1.00 59.06 ? 161 ALA A N     1 
ATOM   83   C CA    . ALA A 1 21  ? -1.176  0.093   -12.744 1.00 59.26 ? 161 ALA A CA    1 
ATOM   84   C C     . ALA A 1 21  ? -2.488  -0.362  -13.382 1.00 60.59 ? 161 ALA A C     1 
ATOM   85   O O     . ALA A 1 21  ? -3.434  -0.747  -12.690 1.00 60.80 ? 161 ALA A O     1 
ATOM   86   C CB    . ALA A 1 21  ? -1.371  0.342   -11.257 1.00 58.14 ? 161 ALA A CB    1 
ATOM   87   N N     . GLU A 1 22  ? -2.545  -0.301  -14.706 1.00 60.35 ? 162 GLU A N     1 
ATOM   88   C CA    . GLU A 1 22  ? -3.735  -0.727  -15.423 1.00 59.80 ? 162 GLU A CA    1 
ATOM   89   C C     . GLU A 1 22  ? -3.957  -2.208  -15.124 1.00 58.21 ? 162 GLU A C     1 
ATOM   90   O O     . GLU A 1 22  ? -4.948  -2.584  -14.499 1.00 58.79 ? 162 GLU A O     1 
ATOM   91   C CB    . GLU A 1 22  ? -3.553  -0.508  -16.930 1.00 59.59 ? 162 GLU A CB    1 
ATOM   92   N N     . GLU A 1 23  ? -3.011  -3.038  -15.555 1.00 56.74 ? 163 GLU A N     1 
ATOM   93   C CA    . GLU A 1 23  ? -3.089  -4.483  -15.357 1.00 56.48 ? 163 GLU A CA    1 
ATOM   94   C C     . GLU A 1 23  ? -3.551  -4.882  -13.947 1.00 55.70 ? 163 GLU A C     1 
ATOM   95   O O     . GLU A 1 23  ? -4.256  -5.879  -13.778 1.00 55.48 ? 163 GLU A O     1 
ATOM   96   C CB    . GLU A 1 23  ? -1.731  -5.122  -15.681 1.00 55.88 ? 163 GLU A CB    1 
ATOM   97   N N     . ALA A 1 24  ? -3.158  -4.104  -12.942 1.00 54.49 ? 164 ALA A N     1 
ATOM   98   C CA    . ALA A 1 24  ? -3.540  -4.393  -11.568 1.00 51.73 ? 164 ALA A CA    1 
ATOM   99   C C     . ALA A 1 24  ? -4.984  -4.000  -11.322 1.00 51.19 ? 164 ALA A C     1 
ATOM   100  O O     . ALA A 1 24  ? -5.788  -4.822  -10.897 1.00 51.98 ? 164 ALA A O     1 
ATOM   101  C CB    . ALA A 1 24  ? -2.633  -3.648  -10.605 1.00 50.01 ? 164 ALA A CB    1 
ATOM   102  N N     . LYS A 1 25  ? -5.302  -2.737  -11.585 1.00 49.01 ? 165 LYS A N     1 
ATOM   103  C CA    . LYS A 1 25  ? -6.653  -2.209  -11.388 1.00 46.94 ? 165 LYS A CA    1 
ATOM   104  C C     . LYS A 1 25  ? -7.733  -3.131  -11.927 1.00 45.98 ? 165 LYS A C     1 
ATOM   105  O O     . LYS A 1 25  ? -8.842  -3.191  -11.393 1.00 46.96 ? 165 LYS A O     1 
ATOM   106  C CB    . LYS A 1 25  ? -6.808  -0.858  -12.076 1.00 43.34 ? 165 LYS A CB    1 
ATOM   107  C CG    . LYS A 1 25  ? -6.131  0.287   -11.392 1.00 42.90 ? 165 LYS A CG    1 
ATOM   108  C CD    . LYS A 1 25  ? -6.376  1.523   -12.205 1.00 42.42 ? 165 LYS A CD    1 
ATOM   109  C CE    . LYS A 1 25  ? -5.741  2.750   -11.608 1.00 41.57 ? 165 LYS A CE    1 
ATOM   110  N NZ    . LYS A 1 25  ? -6.000  3.916   -12.499 1.00 42.63 ? 165 LYS A NZ    1 
ATOM   111  N N     . GLU A 1 26  ? -7.417  -3.836  -13.002 1.00 43.36 ? 166 GLU A N     1 
ATOM   112  C CA    . GLU A 1 26  ? -8.381  -4.739  -13.606 1.00 41.33 ? 166 GLU A CA    1 
ATOM   113  C C     . GLU A 1 26  ? -8.659  -5.902  -12.675 1.00 39.52 ? 166 GLU A C     1 
ATOM   114  O O     . GLU A 1 26  ? -9.804  -6.257  -12.407 1.00 39.31 ? 166 GLU A O     1 
ATOM   115  C CB    . GLU A 1 26  ? -7.821  -5.265  -14.904 1.00 42.05 ? 166 GLU A CB    1 
ATOM   116  C CG    . GLU A 1 26  ? -8.872  -5.759  -15.855 1.00 22.65 ? 166 GLU A CG    1 
ATOM   117  C CD    . GLU A 1 26  ? -8.250  -6.132  -17.168 1.00 22.65 ? 166 GLU A CD    1 
ATOM   118  O OE1   . GLU A 1 26  ? -9.008  -6.553  -18.083 1.00 22.65 ? 166 GLU A OE1   1 
ATOM   119  O OE2   . GLU A 1 26  ? -6.985  -5.999  -17.285 1.00 22.65 ? 166 GLU A OE2   1 
ATOM   120  N N     . GLU A 1 27  ? -7.576  -6.486  -12.192 1.00 38.29 ? 167 GLU A N     1 
ATOM   121  C CA    . GLU A 1 27  ? -7.623  -7.605  -11.281 1.00 37.46 ? 167 GLU A CA    1 
ATOM   122  C C     . GLU A 1 27  ? -8.341  -7.267  -9.990  1.00 37.14 ? 167 GLU A C     1 
ATOM   123  O O     . GLU A 1 27  ? -8.957  -8.135  -9.364  1.00 37.22 ? 167 GLU A O     1 
ATOM   124  C CB    . GLU A 1 27  ? -6.208  -8.046  -10.968 1.00 36.78 ? 167 GLU A CB    1 
ATOM   125  C CG    . GLU A 1 27  ? -5.978  -9.496  -11.235 1.00 22.65 ? 167 GLU A CG    1 
ATOM   126  C CD    . GLU A 1 27  ? -4.531  -9.849  -11.074 1.00 22.65 ? 167 GLU A CD    1 
ATOM   127  O OE1   . GLU A 1 27  ? -4.227  -10.760 -10.246 1.00 22.65 ? 167 GLU A OE1   1 
ATOM   128  O OE2   . GLU A 1 27  ? -3.697  -9.205  -11.776 1.00 22.65 ? 167 GLU A OE2   1 
ATOM   129  N N     . LEU A 1 28  ? -8.261  -6.002  -9.595  1.00 36.81 ? 168 LEU A N     1 
ATOM   130  C CA    . LEU A 1 28  ? -8.904  -5.555  -8.378  1.00 36.54 ? 168 LEU A CA    1 
ATOM   131  C C     . LEU A 1 28  ? -10.336 -5.159  -8.653  1.00 36.55 ? 168 LEU A C     1 
ATOM   132  O O     . LEU A 1 28  ? -11.054 -4.787  -7.744  1.00 36.15 ? 168 LEU A O     1 
ATOM   133  C CB    . LEU A 1 28  ? -8.146  -4.375  -7.777  1.00 38.43 ? 168 LEU A CB    1 
ATOM   134  C CG    . LEU A 1 28  ? -6.712  -4.572  -7.283  1.00 39.19 ? 168 LEU A CG    1 
ATOM   135  C CD1   . LEU A 1 28  ? -6.218  -3.251  -6.756  1.00 41.19 ? 168 LEU A CD1   1 
ATOM   136  C CD2   . LEU A 1 28  ? -6.639  -5.617  -6.189  1.00 37.90 ? 168 LEU A CD2   1 
ATOM   137  N N     . LYS A 1 29  ? -10.758 -5.240  -9.909  1.00 39.71 ? 169 LYS A N     1 
ATOM   138  C CA    . LYS A 1 29  ? -12.139 -4.898  -10.262 1.00 40.97 ? 169 LYS A CA    1 
ATOM   139  C C     . LYS A 1 29  ? -13.060 -5.840  -9.515  1.00 41.29 ? 169 LYS A C     1 
ATOM   140  O O     . LYS A 1 29  ? -14.002 -5.418  -8.848  1.00 40.80 ? 169 LYS A O     1 
ATOM   141  C CB    . LYS A 1 29  ? -12.367 -5.044  -11.772 1.00 40.29 ? 169 LYS A CB    1 
ATOM   142  N N     . GLU A 1 30  ? -12.766 -7.127  -9.645  1.00 42.55 ? 170 GLU A N     1 
ATOM   143  C CA    . GLU A 1 30  ? -13.530 -8.178  -8.997  1.00 43.63 ? 170 GLU A CA    1 
ATOM   144  C C     . GLU A 1 30  ? -13.677 -7.931  -7.495  1.00 42.70 ? 170 GLU A C     1 
ATOM   145  O O     . GLU A 1 30  ? -14.761 -8.106  -6.932  1.00 43.05 ? 170 GLU A O     1 
ATOM   146  C CB    . GLU A 1 30  ? -12.839 -9.512  -9.229  1.00 45.25 ? 170 GLU A CB    1 
ATOM   147  C CG    . GLU A 1 30  ? -13.535 -10.686 -8.622  1.00 48.99 ? 170 GLU A CG    1 
ATOM   148  C CD    . GLU A 1 30  ? -12.608 -11.868 -8.500  1.00 53.93 ? 170 GLU A CD    1 
ATOM   149  O OE1   . GLU A 1 30  ? -11.635 -11.774 -7.723  1.00 55.75 ? 170 GLU A OE1   1 
ATOM   150  O OE2   . GLU A 1 30  ? -12.841 -12.888 -9.182  1.00 57.78 ? 170 GLU A OE2   1 
ATOM   151  N N     . ILE A 1 31  ? -12.589 -7.534  -6.842  1.00 39.51 ? 171 ILE A N     1 
ATOM   152  C CA    . ILE A 1 31  ? -12.638 -7.266  -5.409  1.00 37.48 ? 171 ILE A CA    1 
ATOM   153  C C     . ILE A 1 31  ? -13.574 -6.096  -5.108  1.00 36.90 ? 171 ILE A C     1 
ATOM   154  O O     . ILE A 1 31  ? -14.330 -6.119  -4.136  1.00 34.55 ? 171 ILE A O     1 
ATOM   155  C CB    . ILE A 1 31  ? -11.246 -6.917  -4.844  1.00 37.18 ? 171 ILE A CB    1 
ATOM   156  C CG1   . ILE A 1 31  ? -10.309 -8.120  -4.947  1.00 36.79 ? 171 ILE A CG1   1 
ATOM   157  C CG2   . ILE A 1 31  ? -11.375 -6.502  -3.388  1.00 37.76 ? 171 ILE A CG2   1 
ATOM   158  C CD1   . ILE A 1 31  ? -10.635 -9.233  -3.981  1.00 34.90 ? 171 ILE A CD1   1 
ATOM   159  N N     . VAL A 1 32  ? -13.510 -5.071  -5.955  1.00 38.25 ? 172 VAL A N     1 
ATOM   160  C CA    . VAL A 1 32  ? -14.331 -3.869  -5.799  1.00 37.43 ? 172 VAL A CA    1 
ATOM   161  C C     . VAL A 1 32  ? -15.817 -4.180  -5.902  1.00 38.11 ? 172 VAL A C     1 
ATOM   162  O O     . VAL A 1 32  ? -16.624 -3.637  -5.145  1.00 35.33 ? 172 VAL A O     1 
ATOM   163  C CB    . VAL A 1 32  ? -13.990 -2.803  -6.868  1.00 35.54 ? 172 VAL A CB    1 
ATOM   164  C CG1   . VAL A 1 32  ? -14.708 -1.495  -6.535  1.00 36.12 ? 172 VAL A CG1   1 
ATOM   165  C CG2   . VAL A 1 32  ? -12.495 -2.587  -6.936  1.00 32.37 ? 172 VAL A CG2   1 
ATOM   166  N N     . GLU A 1 33  ? -16.157 -5.050  -6.854  1.00 40.85 ? 173 GLU A N     1 
ATOM   167  C CA    . GLU A 1 33  ? -17.534 -5.471  -7.101  1.00 43.25 ? 173 GLU A CA    1 
ATOM   168  C C     . GLU A 1 33  ? -18.105 -6.169  -5.873  1.00 42.26 ? 173 GLU A C     1 
ATOM   169  O O     . GLU A 1 33  ? -19.265 -5.988  -5.510  1.00 39.60 ? 173 GLU A O     1 
ATOM   170  C CB    . GLU A 1 33  ? -17.568 -6.421  -8.296  1.00 47.27 ? 173 GLU A CB    1 
ATOM   171  C CG    . GLU A 1 33  ? -17.300 -5.776  -9.648  1.00 52.96 ? 173 GLU A CG    1 
ATOM   172  C CD    . GLU A 1 33  ? -16.966 -6.814  -10.721 1.00 59.41 ? 173 GLU A CD    1 
ATOM   173  O OE1   . GLU A 1 33  ? -17.684 -7.834  -10.822 1.00 61.71 ? 173 GLU A OE1   1 
ATOM   174  O OE2   . GLU A 1 33  ? -15.983 -6.615  -11.469 1.00 62.20 ? 173 GLU A OE2   1 
ATOM   175  N N     . PHE A 1 34  ? -17.264 -6.971  -5.242  1.00 42.99 ? 174 PHE A N     1 
ATOM   176  C CA    . PHE A 1 34  ? -17.642 -7.695  -4.045  1.00 45.06 ? 174 PHE A CA    1 
ATOM   177  C C     . PHE A 1 34  ? -17.824 -6.795  -2.800  1.00 45.91 ? 174 PHE A C     1 
ATOM   178  O O     . PHE A 1 34  ? -18.633 -7.109  -1.928  1.00 46.10 ? 174 PHE A O     1 
ATOM   179  C CB    . PHE A 1 34  ? -16.600 -8.781  -3.772  1.00 45.39 ? 174 PHE A CB    1 
ATOM   180  C CG    . PHE A 1 34  ? -16.792 -9.479  -2.466  1.00 49.48 ? 174 PHE A CG    1 
ATOM   181  C CD1   . PHE A 1 34  ? -17.979 -10.161 -2.194  1.00 51.20 ? 174 PHE A CD1   1 
ATOM   182  C CD2   . PHE A 1 34  ? -15.805 -9.427  -1.487  1.00 52.17 ? 174 PHE A CD2   1 
ATOM   183  C CE1   . PHE A 1 34  ? -18.187 -10.782 -0.959  1.00 52.73 ? 174 PHE A CE1   1 
ATOM   184  C CE2   . PHE A 1 34  ? -15.996 -10.043 -0.245  1.00 53.78 ? 174 PHE A CE2   1 
ATOM   185  C CZ    . PHE A 1 34  ? -17.190 -10.722 0.021   1.00 54.25 ? 174 PHE A CZ    1 
ATOM   186  N N     . LEU A 1 35  ? -17.080 -5.690  -2.701  1.00 46.93 ? 175 LEU A N     1 
ATOM   187  C CA    . LEU A 1 35  ? -17.222 -4.802  -1.543  1.00 45.41 ? 175 LEU A CA    1 
ATOM   188  C C     . LEU A 1 35  ? -18.450 -3.891  -1.641  1.00 47.67 ? 175 LEU A C     1 
ATOM   189  O O     . LEU A 1 35  ? -18.913 -3.335  -0.636  1.00 47.56 ? 175 LEU A O     1 
ATOM   190  C CB    . LEU A 1 35  ? -15.970 -3.941  -1.338  1.00 42.41 ? 175 LEU A CB    1 
ATOM   191  C CG    . LEU A 1 35  ? -14.797 -4.462  -0.499  1.00 37.58 ? 175 LEU A CG    1 
ATOM   192  C CD1   . LEU A 1 35  ? -15.291 -5.276  0.682   1.00 36.31 ? 175 LEU A CD1   1 
ATOM   193  C CD2   . LEU A 1 35  ? -13.915 -5.299  -1.363  1.00 38.01 ? 175 LEU A CD2   1 
ATOM   194  N N     . LYS A 1 36  ? -18.970 -3.741  -2.857  1.00 50.40 ? 176 LYS A N     1 
ATOM   195  C CA    . LYS A 1 36  ? -20.148 -2.919  -3.100  1.00 51.79 ? 176 LYS A CA    1 
ATOM   196  C C     . LYS A 1 36  ? -21.417 -3.747  -2.960  1.00 54.90 ? 176 LYS A C     1 
ATOM   197  O O     . LYS A 1 36  ? -22.404 -3.278  -2.404  1.00 57.16 ? 176 LYS A O     1 
ATOM   198  C CB    . LYS A 1 36  ? -20.083 -2.289  -4.487  1.00 48.72 ? 176 LYS A CB    1 
ATOM   199  C CG    . LYS A 1 36  ? -19.153 -1.107  -4.542  1.00 47.61 ? 176 LYS A CG    1 
ATOM   200  C CD    . LYS A 1 36  ? -19.270 -0.349  -5.845  1.00 48.29 ? 176 LYS A CD    1 
ATOM   201  C CE    . LYS A 1 36  ? -18.662 -1.109  -6.998  1.00 48.44 ? 176 LYS A CE    1 
ATOM   202  N NZ    . LYS A 1 36  ? -18.646 -0.256  -8.211  1.00 48.19 ? 176 LYS A NZ    1 
ATOM   203  N N     . ASN A 1 37  ? -21.392 -4.977  -3.460  1.00 57.56 ? 177 ASN A N     1 
ATOM   204  C CA    . ASN A 1 37  ? -22.549 -5.860  -3.355  1.00 59.26 ? 177 ASN A CA    1 
ATOM   205  C C     . ASN A 1 37  ? -22.111 -7.230  -2.834  1.00 60.76 ? 177 ASN A C     1 
ATOM   206  O O     . ASN A 1 37  ? -22.009 -8.199  -3.599  1.00 61.06 ? 177 ASN A O     1 
ATOM   207  C CB    . ASN A 1 37  ? -23.236 -6.024  -4.716  1.00 62.27 ? 177 ASN A CB    1 
ATOM   208  C CG    . ASN A 1 37  ? -23.849 -4.727  -5.229  1.00 65.42 ? 177 ASN A CG    1 
ATOM   209  O OD1   . ASN A 1 37  ? -23.144 -3.828  -5.695  1.00 66.54 ? 177 ASN A OD1   1 
ATOM   210  N ND2   . ASN A 1 37  ? -25.172 -4.627  -5.144  1.00 65.87 ? 177 ASN A ND2   1 
ATOM   211  N N     . PRO A 1 38  ? -21.832 -7.328  -1.521  1.00 60.81 ? 178 PRO A N     1 
ATOM   212  C CA    . PRO A 1 38  ? -21.405 -8.601  -0.932  1.00 61.77 ? 178 PRO A CA    1 
ATOM   213  C C     . PRO A 1 38  ? -22.536 -9.629  -0.899  1.00 63.10 ? 178 PRO A C     1 
ATOM   214  O O     . PRO A 1 38  ? -22.285 -10.840 -0.850  1.00 64.23 ? 178 PRO A O     1 
ATOM   215  C CB    . PRO A 1 38  ? -20.935 -8.190  0.461   1.00 59.31 ? 178 PRO A CB    1 
ATOM   216  C CG    . PRO A 1 38  ? -21.831 -7.055  0.777   1.00 58.85 ? 178 PRO A CG    1 
ATOM   217  C CD    . PRO A 1 38  ? -21.834 -6.264  -0.505  1.00 58.88 ? 178 PRO A CD    1 
ATOM   218  N N     . SER A 1 39  ? -23.776 -9.135  -0.929  1.00 63.40 ? 179 SER A N     1 
ATOM   219  C CA    . SER A 1 39  ? -24.962 -9.988  -0.913  1.00 62.79 ? 179 SER A CA    1 
ATOM   220  C C     . SER A 1 39  ? -25.165 -10.622 -2.286  1.00 62.53 ? 179 SER A C     1 
ATOM   221  O O     . SER A 1 39  ? -25.555 -11.781 -2.390  1.00 62.51 ? 179 SER A O     1 
ATOM   222  C CB    . SER A 1 39  ? -26.198 -9.170  -0.538  1.00 63.63 ? 179 SER A CB    1 
ATOM   223  O OG    . SER A 1 39  ? -26.420 -8.129  -1.471  1.00 66.62 ? 179 SER A OG    1 
ATOM   224  N N     . ARG A 1 40  ? -24.901 -9.856  -3.338  1.00 61.19 ? 180 ARG A N     1 
ATOM   225  C CA    . ARG A 1 40  ? -25.040 -10.366 -4.697  1.00 59.65 ? 180 ARG A CA    1 
ATOM   226  C C     . ARG A 1 40  ? -24.082 -11.536 -4.912  1.00 57.75 ? 180 ARG A C     1 
ATOM   227  O O     . ARG A 1 40  ? -24.469 -12.559 -5.467  1.00 58.05 ? 180 ARG A O     1 
ATOM   228  C CB    . ARG A 1 40  ? -24.760 -9.252  -5.718  1.00 60.16 ? 180 ARG A CB    1 
ATOM   229  N N     . PHE A 1 41  ? -22.832 -11.380 -4.479  1.00 55.86 ? 181 PHE A N     1 
ATOM   230  C CA    . PHE A 1 41  ? -21.835 -12.438 -4.622  1.00 54.61 ? 181 PHE A CA    1 
ATOM   231  C C     . PHE A 1 41  ? -22.175 -13.583 -3.694  1.00 55.18 ? 181 PHE A C     1 
ATOM   232  O O     . PHE A 1 41  ? -21.655 -14.686 -3.845  1.00 55.26 ? 181 PHE A O     1 
ATOM   233  C CB    . PHE A 1 41  ? -20.436 -11.938 -4.270  1.00 53.81 ? 181 PHE A CB    1 
ATOM   234  C CG    . PHE A 1 41  ? -19.647 -11.444 -5.445  1.00 52.12 ? 181 PHE A CG    1 
ATOM   235  C CD1   . PHE A 1 41  ? -19.883 -10.183 -5.983  1.00 51.83 ? 181 PHE A CD1   1 
ATOM   236  C CD2   . PHE A 1 41  ? -18.653 -12.244 -6.008  1.00 51.50 ? 181 PHE A CD2   1 
ATOM   237  C CE1   . PHE A 1 41  ? -19.133 -9.724  -7.071  1.00 53.34 ? 181 PHE A CE1   1 
ATOM   238  C CE2   . PHE A 1 41  ? -17.900 -11.799 -7.092  1.00 52.20 ? 181 PHE A CE2   1 
ATOM   239  C CZ    . PHE A 1 41  ? -18.138 -10.537 -7.627  1.00 53.08 ? 181 PHE A CZ    1 
ATOM   240  N N     . HIS A 1 42  ? -23.023 -13.298 -2.711  1.00 55.62 ? 182 HIS A N     1 
ATOM   241  C CA    . HIS A 1 42  ? -23.452 -14.308 -1.747  1.00 57.18 ? 182 HIS A CA    1 
ATOM   242  C C     . HIS A 1 42  ? -24.507 -15.187 -2.415  1.00 57.41 ? 182 HIS A C     1 
ATOM   243  O O     . HIS A 1 42  ? -24.346 -16.405 -2.519  1.00 55.89 ? 182 HIS A O     1 
ATOM   244  C CB    . HIS A 1 42  ? -24.034 -13.638 -0.511  1.00 55.86 ? 182 HIS A CB    1 
ATOM   245  N N     . GLU A 1 43  ? -25.583 -14.549 -2.868  1.00 58.18 ? 183 GLU A N     1 
ATOM   246  C CA    . GLU A 1 43  ? -26.663 -15.242 -3.550  1.00 58.73 ? 183 GLU A CA    1 
ATOM   247  C C     . GLU A 1 43  ? -26.098 -16.190 -4.613  1.00 60.63 ? 183 GLU A C     1 
ATOM   248  O O     . GLU A 1 43  ? -26.347 -17.393 -4.557  1.00 62.64 ? 183 GLU A O     1 
ATOM   249  C CB    . GLU A 1 43  ? -27.612 -14.228 -4.191  1.00 55.65 ? 183 GLU A CB    1 
ATOM   250  N N     . MET A 1 44  ? -25.323 -15.651 -5.559  1.00 61.01 ? 184 MET A N     1 
ATOM   251  C CA    . MET A 1 44  ? -24.723 -16.437 -6.646  1.00 61.65 ? 184 MET A CA    1 
ATOM   252  C C     . MET A 1 44  ? -23.865 -17.650 -6.256  1.00 60.00 ? 184 MET A C     1 
ATOM   253  O O     . MET A 1 44  ? -23.456 -18.425 -7.123  1.00 58.95 ? 184 MET A O     1 
ATOM   254  C CB    . MET A 1 44  ? -23.885 -15.525 -7.544  1.00 64.22 ? 184 MET A CB    1 
ATOM   255  C CG    . MET A 1 44  ? -24.685 -14.459 -8.255  1.00 67.93 ? 184 MET A CG    1 
ATOM   256  S SD    . MET A 1 44  ? -25.980 -15.187 -9.280  1.00 72.83 ? 184 MET A SD    1 
ATOM   257  C CE    . MET A 1 44  ? -27.404 -14.958 -8.179  1.00 69.11 ? 184 MET A CE    1 
ATOM   258  N N     . GLY A 1 45  ? -23.592 -17.808 -4.965  1.00 59.12 ? 185 GLY A N     1 
ATOM   259  C CA    . GLY A 1 45  ? -22.780 -18.924 -4.518  1.00 57.86 ? 185 GLY A CA    1 
ATOM   260  C C     . GLY A 1 45  ? -21.333 -18.768 -4.943  1.00 56.95 ? 185 GLY A C     1 
ATOM   261  O O     . GLY A 1 45  ? -20.591 -19.750 -5.006  1.00 55.00 ? 185 GLY A O     1 
ATOM   262  N N     . ALA A 1 46  ? -20.928 -17.528 -5.222  1.00 57.86 ? 186 ALA A N     1 
ATOM   263  C CA    . ALA A 1 46  ? -19.566 -17.218 -5.658  1.00 58.90 ? 186 ALA A CA    1 
ATOM   264  C C     . ALA A 1 46  ? -18.627 -16.917 -4.497  1.00 59.92 ? 186 ALA A C     1 
ATOM   265  O O     . ALA A 1 46  ? -19.066 -16.442 -3.448  1.00 60.32 ? 186 ALA A O     1 
ATOM   266  C CB    . ALA A 1 46  ? -19.588 -16.041 -6.613  1.00 57.82 ? 186 ALA A CB    1 
ATOM   267  N N     . ARG A 1 47  ? -17.334 -17.179 -4.706  1.00 60.29 ? 187 ARG A N     1 
ATOM   268  C CA    . ARG A 1 47  ? -16.298 -16.943 -3.691  1.00 60.67 ? 187 ARG A CA    1 
ATOM   269  C C     . ARG A 1 47  ? -15.209 -15.965 -4.163  1.00 60.15 ? 187 ARG A C     1 
ATOM   270  O O     . ARG A 1 47  ? -14.985 -15.797 -5.360  1.00 59.30 ? 187 ARG A O     1 
ATOM   271  C CB    . ARG A 1 47  ? -15.657 -18.283 -3.286  1.00 60.38 ? 187 ARG A CB    1 
ATOM   272  N N     . ILE A 1 48  ? -14.538 -15.324 -3.210  1.00 60.17 ? 188 ILE A N     1 
ATOM   273  C CA    . ILE A 1 48  ? -13.461 -14.380 -3.518  1.00 60.17 ? 188 ILE A CA    1 
ATOM   274  C C     . ILE A 1 48  ? -12.276 -14.694 -2.624  1.00 58.98 ? 188 ILE A C     1 
ATOM   275  O O     . ILE A 1 48  ? -12.460 -15.171 -1.505  1.00 58.42 ? 188 ILE A O     1 
ATOM   276  C CB    . ILE A 1 48  ? -13.892 -12.907 -3.276  1.00 61.40 ? 188 ILE A CB    1 
ATOM   277  C CG1   . ILE A 1 48  ? -14.835 -12.458 -4.390  1.00 60.83 ? 188 ILE A CG1   1 
ATOM   278  C CG2   . ILE A 1 48  ? -12.673 -11.993 -3.199  1.00 60.23 ? 188 ILE A CG2   1 
ATOM   279  C CD1   . ILE A 1 48  ? -14.281 -12.689 -5.771  1.00 61.91 ? 188 ILE A CD1   1 
ATOM   280  N N     . PRO A 1 49  ? -11.044 -14.451 -3.112  1.00 58.88 ? 189 PRO A N     1 
ATOM   281  C CA    . PRO A 1 49  ? -9.810  -14.707 -2.355  1.00 57.68 ? 189 PRO A CA    1 
ATOM   282  C C     . PRO A 1 49  ? -9.700  -14.120 -0.934  1.00 55.87 ? 189 PRO A C     1 
ATOM   283  O O     . PRO A 1 49  ? -9.096  -14.750 -0.042  1.00 54.88 ? 189 PRO A O     1 
ATOM   284  C CB    . PRO A 1 49  ? -8.731  -14.201 -3.303  1.00 59.16 ? 189 PRO A CB    1 
ATOM   285  C CG    . PRO A 1 49  ? -9.267  -14.671 -4.620  1.00 58.79 ? 189 PRO A CG    1 
ATOM   286  C CD    . PRO A 1 49  ? -10.727 -14.239 -4.538  1.00 58.78 ? 189 PRO A CD    1 
ATOM   287  N N     . LYS A 1 50  ? -10.279 -12.938 -0.715  1.00 51.67 ? 190 LYS A N     1 
ATOM   288  C CA    . LYS A 1 50  ? -10.243 -12.301 0.609   1.00 48.39 ? 190 LYS A CA    1 
ATOM   289  C C     . LYS A 1 50  ? -8.835  -12.065 1.209   1.00 43.58 ? 190 LYS A C     1 
ATOM   290  O O     . LYS A 1 50  ? -8.703  -11.667 2.353   1.00 42.29 ? 190 LYS A O     1 
ATOM   291  C CB    . LYS A 1 50  ? -11.096 -13.111 1.594   1.00 48.17 ? 190 LYS A CB    1 
ATOM   292  N N     . GLY A 1 51  ? -7.790  -12.315 0.437   1.00 40.05 ? 191 GLY A N     1 
ATOM   293  C CA    . GLY A 1 51  ? -6.438  -12.099 0.915   1.00 35.33 ? 191 GLY A CA    1 
ATOM   294  C C     . GLY A 1 51  ? -5.604  -11.727 -0.291  1.00 33.56 ? 191 GLY A C     1 
ATOM   295  O O     . GLY A 1 51  ? -5.239  -12.596 -1.080  1.00 36.07 ? 191 GLY A O     1 
ATOM   296  N N     . VAL A 1 52  ? -5.307  -10.438 -0.445  1.00 30.36 ? 192 VAL A N     1 
ATOM   297  C CA    . VAL A 1 52  ? -4.541  -9.956  -1.590  1.00 25.85 ? 192 VAL A CA    1 
ATOM   298  C C     . VAL A 1 52  ? -3.227  -9.279  -1.224  1.00 27.89 ? 192 VAL A C     1 
ATOM   299  O O     . VAL A 1 52  ? -3.191  -8.249  -0.541  1.00 25.54 ? 192 VAL A O     1 
ATOM   300  C CB    . VAL A 1 52  ? -5.360  -8.963  -2.418  1.00 25.36 ? 192 VAL A CB    1 
ATOM   301  C CG1   . VAL A 1 52  ? -4.572  -8.544  -3.645  1.00 24.04 ? 192 VAL A CG1   1 
ATOM   302  C CG2   . VAL A 1 52  ? -6.693  -9.578  -2.800  1.00 25.15 ? 192 VAL A CG2   1 
ATOM   303  N N     . LEU A 1 53  ? -2.142  -9.867  -1.711  1.00 28.82 ? 193 LEU A N     1 
ATOM   304  C CA    . LEU A 1 53  ? -0.815  -9.358  -1.461  1.00 29.44 ? 193 LEU A CA    1 
ATOM   305  C C     . LEU A 1 53  ? -0.333  -8.598  -2.692  1.00 32.76 ? 193 LEU A C     1 
ATOM   306  O O     . LEU A 1 53  ? -0.120  -9.203  -3.736  1.00 34.87 ? 193 LEU A O     1 
ATOM   307  C CB    . LEU A 1 53  ? 0.115   -10.532 -1.167  1.00 27.38 ? 193 LEU A CB    1 
ATOM   308  C CG    . LEU A 1 53  ? 1.553   -10.253 -0.724  1.00 29.30 ? 193 LEU A CG    1 
ATOM   309  C CD1   . LEU A 1 53  ? 1.554   -9.573  0.647   1.00 31.05 ? 193 LEU A CD1   1 
ATOM   310  C CD2   . LEU A 1 53  ? 2.326   -11.561 -0.664  1.00 26.30 ? 193 LEU A CD2   1 
ATOM   311  N N     . LEU A 1 54  ? -0.188  -7.275  -2.580  1.00 35.92 ? 194 LEU A N     1 
ATOM   312  C CA    . LEU A 1 54  ? 0.300   -6.462  -3.702  1.00 36.53 ? 194 LEU A CA    1 
ATOM   313  C C     . LEU A 1 54  ? 1.802   -6.649  -3.742  1.00 40.13 ? 194 LEU A C     1 
ATOM   314  O O     . LEU A 1 54  ? 2.487   -6.386  -2.752  1.00 43.93 ? 194 LEU A O     1 
ATOM   315  C CB    . LEU A 1 54  ? -0.009  -4.989  -3.485  1.00 31.89 ? 194 LEU A CB    1 
ATOM   316  C CG    . LEU A 1 54  ? -1.469  -4.591  -3.337  1.00 31.13 ? 194 LEU A CG    1 
ATOM   317  C CD1   . LEU A 1 54  ? -1.560  -3.082  -3.196  1.00 28.82 ? 194 LEU A CD1   1 
ATOM   318  C CD2   . LEU A 1 54  ? -2.241  -5.061  -4.543  1.00 29.84 ? 194 LEU A CD2   1 
ATOM   319  N N     . VAL A 1 55  ? 2.335   -7.106  -4.867  1.00 43.31 ? 195 VAL A N     1 
ATOM   320  C CA    . VAL A 1 55  ? 3.769   -7.335  -4.917  1.00 45.94 ? 195 VAL A CA    1 
ATOM   321  C C     . VAL A 1 55  ? 4.525   -6.308  -5.731  1.00 47.31 ? 195 VAL A C     1 
ATOM   322  O O     . VAL A 1 55  ? 4.217   -6.083  -6.900  1.00 48.61 ? 195 VAL A O     1 
ATOM   323  C CB    . VAL A 1 55  ? 4.097   -8.729  -5.467  1.00 45.02 ? 195 VAL A CB    1 
ATOM   324  C CG1   . VAL A 1 55  ? 5.599   -8.938  -5.424  1.00 45.85 ? 195 VAL A CG1   1 
ATOM   325  C CG2   . VAL A 1 55  ? 3.381   -9.800  -4.656  1.00 42.55 ? 195 VAL A CG2   1 
ATOM   326  N N     . GLY A 1 56  ? 5.526   -5.698  -5.105  1.00 48.91 ? 196 GLY A N     1 
ATOM   327  C CA    . GLY A 1 56  ? 6.317   -4.698  -5.791  1.00 52.39 ? 196 GLY A CA    1 
ATOM   328  C C     . GLY A 1 56  ? 7.434   -4.079  -4.970  1.00 55.06 ? 196 GLY A C     1 
ATOM   329  O O     . GLY A 1 56  ? 7.530   -4.307  -3.763  1.00 56.65 ? 196 GLY A O     1 
ATOM   330  N N     . PRO A 1 57  ? 8.304   -3.282  -5.605  1.00 56.76 ? 197 PRO A N     1 
ATOM   331  C CA    . PRO A 1 57  ? 9.413   -2.641  -4.888  1.00 57.23 ? 197 PRO A CA    1 
ATOM   332  C C     . PRO A 1 57  ? 8.922   -1.475  -4.033  1.00 58.39 ? 197 PRO A C     1 
ATOM   333  O O     . PRO A 1 57  ? 7.881   -0.883  -4.300  1.00 59.70 ? 197 PRO A O     1 
ATOM   334  C CB    . PRO A 1 57  ? 10.325  -2.147  -6.017  1.00 56.94 ? 197 PRO A CB    1 
ATOM   335  C CG    . PRO A 1 57  ? 9.889   -2.961  -7.239  1.00 57.32 ? 197 PRO A CG    1 
ATOM   336  C CD    . PRO A 1 57  ? 8.406   -3.040  -7.055  1.00 55.94 ? 197 PRO A CD    1 
ATOM   337  N N     . PRO A 1 58  ? 9.673   -1.128  -2.992  1.00 59.36 ? 198 PRO A N     1 
ATOM   338  C CA    . PRO A 1 58  ? 9.294   -0.016  -2.114  1.00 59.69 ? 198 PRO A CA    1 
ATOM   339  C C     . PRO A 1 58  ? 9.165   1.315   -2.861  1.00 59.59 ? 198 PRO A C     1 
ATOM   340  O O     . PRO A 1 58  ? 10.046  1.693   -3.638  1.00 59.95 ? 198 PRO A O     1 
ATOM   341  C CB    . PRO A 1 58  ? 10.434  0.021   -1.104  1.00 59.26 ? 198 PRO A CB    1 
ATOM   342  C CG    . PRO A 1 58  ? 10.828  -1.411  -1.003  1.00 61.72 ? 198 PRO A CG    1 
ATOM   343  C CD    . PRO A 1 58  ? 10.813  -1.875  -2.438  1.00 59.70 ? 198 PRO A CD    1 
ATOM   344  N N     . GLY A 1 59  ? 8.066   2.023   -2.626  1.00 59.63 ? 199 GLY A N     1 
ATOM   345  C CA    . GLY A 1 59  ? 7.868   3.320   -3.255  1.00 57.64 ? 199 GLY A CA    1 
ATOM   346  C C     . GLY A 1 59  ? 7.187   3.355   -4.610  1.00 56.17 ? 199 GLY A C     1 
ATOM   347  O O     . GLY A 1 59  ? 7.573   4.138   -5.482  1.00 55.04 ? 199 GLY A O     1 
ATOM   348  N N     . VAL A 1 60  ? 6.171   2.519   -4.790  1.00 55.15 ? 200 VAL A N     1 
ATOM   349  C CA    . VAL A 1 60  ? 5.439   2.479   -6.050  1.00 53.47 ? 200 VAL A CA    1 
ATOM   350  C C     . VAL A 1 60  ? 3.958   2.831   -5.816  1.00 51.57 ? 200 VAL A C     1 
ATOM   351  O O     . VAL A 1 60  ? 3.149   2.879   -6.745  1.00 49.32 ? 200 VAL A O     1 
ATOM   352  C CB    . VAL A 1 60  ? 5.593   1.091   -6.712  1.00 53.63 ? 200 VAL A CB    1 
ATOM   353  C CG1   . VAL A 1 60  ? 4.811   1.039   -7.993  1.00 54.63 ? 200 VAL A CG1   1 
ATOM   354  C CG2   . VAL A 1 60  ? 7.065   0.819   -7.001  1.00 51.61 ? 200 VAL A CG2   1 
ATOM   355  N N     . GLY A 1 61  ? 3.630   3.109   -4.555  1.00 51.09 ? 201 GLY A N     1 
ATOM   356  C CA    . GLY A 1 61  ? 2.273   3.470   -4.188  1.00 50.49 ? 201 GLY A CA    1 
ATOM   357  C C     . GLY A 1 61  ? 1.340   2.282   -4.095  1.00 49.66 ? 201 GLY A C     1 
ATOM   358  O O     . GLY A 1 61  ? 0.252   2.299   -4.672  1.00 50.64 ? 201 GLY A O     1 
ATOM   359  N N     . LYS A 1 62  ? 1.775   1.253   -3.366  1.00 48.24 ? 202 LYS A N     1 
ATOM   360  C CA    . LYS A 1 62  ? 0.991   0.032   -3.172  1.00 43.29 ? 202 LYS A CA    1 
ATOM   361  C C     . LYS A 1 62  ? -0.131  0.293   -2.163  1.00 43.27 ? 202 LYS A C     1 
ATOM   362  O O     . LYS A 1 62  ? -1.257  -0.178  -2.337  1.00 43.65 ? 202 LYS A O     1 
ATOM   363  C CB    . LYS A 1 62  ? 1.904   -1.116  -2.708  1.00 38.85 ? 202 LYS A CB    1 
ATOM   364  C CG    . LYS A 1 62  ? 2.945   -1.519  -3.742  1.00 36.27 ? 202 LYS A CG    1 
ATOM   365  C CD    . LYS A 1 62  ? 3.631   -2.817  -3.377  1.00 39.29 ? 202 LYS A CD    1 
ATOM   366  C CE    . LYS A 1 62  ? 4.360   -2.740  -2.032  1.00 42.89 ? 202 LYS A CE    1 
ATOM   367  N NZ    . LYS A 1 62  ? 5.825   -2.385  -2.113  1.00 44.06 ? 202 LYS A NZ    1 
ATOM   368  N N     . THR A 1 63  ? 0.181   1.061   -1.121  1.00 42.05 ? 203 THR A N     1 
ATOM   369  C CA    . THR A 1 63  ? -0.801  1.420   -0.105  1.00 40.47 ? 203 THR A CA    1 
ATOM   370  C C     . THR A 1 63  ? -1.822  2.378   -0.701  1.00 42.50 ? 203 THR A C     1 
ATOM   371  O O     . THR A 1 63  ? -2.970  2.394   -0.284  1.00 46.12 ? 203 THR A O     1 
ATOM   372  C CB    . THR A 1 63  ? -0.164  2.137   1.068   1.00 37.35 ? 203 THR A CB    1 
ATOM   373  O OG1   . THR A 1 63  ? 0.933   1.369   1.564   1.00 38.58 ? 203 THR A OG1   1 
ATOM   374  C CG2   . THR A 1 63  ? -1.175  2.328   2.162   1.00 35.24 ? 203 THR A CG2   1 
ATOM   375  N N     . HIS A 1 64  ? -1.387  3.185   -1.667  1.00 42.62 ? 204 HIS A N     1 
ATOM   376  C CA    . HIS A 1 64  ? -2.237  4.164   -2.339  1.00 41.67 ? 204 HIS A CA    1 
ATOM   377  C C     . HIS A 1 64  ? -3.318  3.422   -3.128  1.00 41.57 ? 204 HIS A C     1 
ATOM   378  O O     . HIS A 1 64  ? -4.508  3.726   -3.030  1.00 39.45 ? 204 HIS A O     1 
ATOM   379  C CB    . HIS A 1 64  ? -1.367  5.031   -3.272  1.00 43.63 ? 204 HIS A CB    1 
ATOM   380  C CG    . HIS A 1 64  ? -2.107  6.152   -3.948  1.00 45.58 ? 204 HIS A CG    1 
ATOM   381  N ND1   . HIS A 1 64  ? -2.766  7.145   -3.251  1.00 44.25 ? 204 HIS A ND1   1 
ATOM   382  C CD2   . HIS A 1 64  ? -2.279  6.439   -5.264  1.00 43.80 ? 204 HIS A CD2   1 
ATOM   383  C CE1   . HIS A 1 64  ? -3.311  7.992   -4.107  1.00 42.90 ? 204 HIS A CE1   1 
ATOM   384  N NE2   . HIS A 1 64  ? -3.031  7.588   -5.334  1.00 41.98 ? 204 HIS A NE2   1 
ATOM   385  N N     . LEU A 1 65  ? -2.888  2.435   -3.903  1.00 42.74 ? 205 LEU A N     1 
ATOM   386  C CA    . LEU A 1 65  ? -3.795  1.628   -4.706  1.00 43.08 ? 205 LEU A CA    1 
ATOM   387  C C     . LEU A 1 65  ? -4.738  0.869   -3.784  1.00 44.28 ? 205 LEU A C     1 
ATOM   388  O O     . LEU A 1 65  ? -5.934  0.758   -4.055  1.00 44.68 ? 205 LEU A O     1 
ATOM   389  C CB    . LEU A 1 65  ? -3.001  0.635   -5.543  1.00 41.20 ? 205 LEU A CB    1 
ATOM   390  C CG    . LEU A 1 65  ? -3.851  -0.363  -6.311  1.00 41.00 ? 205 LEU A CG    1 
ATOM   391  C CD1   . LEU A 1 65  ? -4.638  0.382   -7.391  1.00 40.41 ? 205 LEU A CD1   1 
ATOM   392  C CD2   . LEU A 1 65  ? -2.946  -1.443  -6.913  1.00 40.04 ? 205 LEU A CD2   1 
ATOM   393  N N     . ALA A 1 66  ? -4.185  0.343   -2.697  1.00 43.55 ? 206 ALA A N     1 
ATOM   394  C CA    . ALA A 1 66  ? -4.968  -0.393  -1.730  1.00 44.29 ? 206 ALA A CA    1 
ATOM   395  C C     . ALA A 1 66  ? -6.053  0.529   -1.211  1.00 45.54 ? 206 ALA A C     1 
ATOM   396  O O     . ALA A 1 66  ? -7.234  0.190   -1.213  1.00 47.47 ? 206 ALA A O     1 
ATOM   397  C CB    . ALA A 1 66  ? -4.091  -0.839  -0.597  1.00 45.43 ? 206 ALA A CB    1 
ATOM   398  N N     . ARG A 1 67  ? -5.636  1.706   -0.770  1.00 46.02 ? 207 ARG A N     1 
ATOM   399  C CA    . ARG A 1 67  ? -6.554  2.705   -0.245  1.00 46.52 ? 207 ARG A CA    1 
ATOM   400  C C     . ARG A 1 67  ? -7.530  3.104   -1.343  1.00 44.35 ? 207 ARG A C     1 
ATOM   401  O O     . ARG A 1 67  ? -8.663  3.514   -1.077  1.00 41.18 ? 207 ARG A O     1 
ATOM   402  C CB    . ARG A 1 67  ? -5.760  3.922   0.249   1.00 48.34 ? 207 ARG A CB    1 
ATOM   403  C CG    . ARG A 1 67  ? -6.582  4.942   1.014   1.00 54.56 ? 207 ARG A CG    1 
ATOM   404  C CD    . ARG A 1 67  ? -5.693  5.941   1.746   1.00 57.92 ? 207 ARG A CD    1 
ATOM   405  N NE    . ARG A 1 67  ? -5.130  5.408   2.991   1.00 60.90 ? 207 ARG A NE    1 
ATOM   406  C CZ    . ARG A 1 67  ? -3.827  5.323   3.266   1.00 62.72 ? 207 ARG A CZ    1 
ATOM   407  N NH1   . ARG A 1 67  ? -2.920  5.728   2.382   1.00 63.47 ? 207 ARG A NH1   1 
ATOM   408  N NH2   . ARG A 1 67  ? -3.428  4.851   4.442   1.00 62.84 ? 207 ARG A NH2   1 
ATOM   409  N N     . ALA A 1 68  ? -7.082  2.958   -2.585  1.00 43.80 ? 208 ALA A N     1 
ATOM   410  C CA    . ALA A 1 68  ? -7.904  3.299   -3.738  1.00 44.27 ? 208 ALA A CA    1 
ATOM   411  C C     . ALA A 1 68  ? -9.003  2.281   -3.950  1.00 44.12 ? 208 ALA A C     1 
ATOM   412  O O     . ALA A 1 68  ? -10.041 2.596   -4.526  1.00 44.74 ? 208 ALA A O     1 
ATOM   413  C CB    . ALA A 1 68  ? -7.046  3.390   -4.989  1.00 44.95 ? 208 ALA A CB    1 
ATOM   414  N N     . VAL A 1 69  ? -8.775  1.055   -3.495  1.00 41.59 ? 209 VAL A N     1 
ATOM   415  C CA    . VAL A 1 69  ? -9.775  0.019   -3.663  1.00 39.67 ? 209 VAL A CA    1 
ATOM   416  C C     . VAL A 1 69  ? -10.922 0.239   -2.689  1.00 38.75 ? 209 VAL A C     1 
ATOM   417  O O     . VAL A 1 69  ? -12.081 0.048   -3.032  1.00 38.98 ? 209 VAL A O     1 
ATOM   418  C CB    . VAL A 1 69  ? -9.151  -1.383  -3.487  1.00 38.04 ? 209 VAL A CB    1 
ATOM   419  C CG1   . VAL A 1 69  ? -10.217 -2.449  -3.601  1.00 34.70 ? 209 VAL A CG1   1 
ATOM   420  C CG2   . VAL A 1 69  ? -8.102  -1.612  -4.573  1.00 40.36 ? 209 VAL A CG2   1 
ATOM   421  N N     . ALA A 1 70  ? -10.600 0.666   -1.477  1.00 39.67 ? 210 ALA A N     1 
ATOM   422  C CA    . ALA A 1 70  ? -11.626 0.915   -0.476  1.00 39.61 ? 210 ALA A CA    1 
ATOM   423  C C     . ALA A 1 70  ? -12.476 2.102   -0.910  1.00 39.99 ? 210 ALA A C     1 
ATOM   424  O O     . ALA A 1 70  ? -13.667 2.162   -0.614  1.00 39.67 ? 210 ALA A O     1 
ATOM   425  C CB    . ALA A 1 70  ? -10.979 1.199   0.871   1.00 39.38 ? 210 ALA A CB    1 
ATOM   426  N N     . GLY A 1 71  ? -11.852 3.036   -1.627  1.00 41.31 ? 211 GLY A N     1 
ATOM   427  C CA    . GLY A 1 71  ? -12.542 4.232   -2.095  1.00 39.68 ? 211 GLY A CA    1 
ATOM   428  C C     . GLY A 1 71  ? -13.394 4.077   -3.343  1.00 40.49 ? 211 GLY A C     1 
ATOM   429  O O     . GLY A 1 71  ? -14.398 4.757   -3.494  1.00 42.98 ? 211 GLY A O     1 
ATOM   430  N N     . GLU A 1 72  ? -12.999 3.185   -4.239  1.00 41.88 ? 212 GLU A N     1 
ATOM   431  C CA    . GLU A 1 72  ? -13.725 2.940   -5.475  1.00 40.52 ? 212 GLU A CA    1 
ATOM   432  C C     . GLU A 1 72  ? -14.965 2.100   -5.190  1.00 42.84 ? 212 GLU A C     1 
ATOM   433  O O     . GLU A 1 72  ? -15.824 1.922   -6.049  1.00 45.75 ? 212 GLU A O     1 
ATOM   434  C CB    . GLU A 1 72  ? -12.803 2.206   -6.441  1.00 41.25 ? 212 GLU A CB    1 
ATOM   435  C CG    . GLU A 1 72  ? -13.353 1.954   -7.830  1.00 45.37 ? 212 GLU A CG    1 
ATOM   436  C CD    . GLU A 1 72  ? -13.429 3.210   -8.678  1.00 46.10 ? 212 GLU A CD    1 
ATOM   437  O OE1   . GLU A 1 72  ? -12.486 4.028   -8.616  1.00 48.91 ? 212 GLU A OE1   1 
ATOM   438  O OE2   . GLU A 1 72  ? -14.424 3.377   -9.416  1.00 46.91 ? 212 GLU A OE2   1 
ATOM   439  N N     . ALA A 1 73  ? -15.052 1.581   -3.973  1.00 44.79 ? 213 ALA A N     1 
ATOM   440  C CA    . ALA A 1 73  ? -16.177 0.750   -3.572  1.00 45.74 ? 213 ALA A CA    1 
ATOM   441  C C     . ALA A 1 73  ? -16.910 1.430   -2.436  1.00 46.25 ? 213 ALA A C     1 
ATOM   442  O O     . ALA A 1 73  ? -17.853 0.872   -1.869  1.00 44.89 ? 213 ALA A O     1 
ATOM   443  C CB    . ALA A 1 73  ? -15.686 -0.620  -3.135  1.00 44.91 ? 213 ALA A CB    1 
ATOM   444  N N     . ARG A 1 74  ? -16.463 2.643   -2.122  1.00 48.06 ? 214 ARG A N     1 
ATOM   445  C CA    . ARG A 1 74  ? -17.040 3.461   -1.055  1.00 50.25 ? 214 ARG A CA    1 
ATOM   446  C C     . ARG A 1 74  ? -17.253 2.646   0.223   1.00 49.07 ? 214 ARG A C     1 
ATOM   447  O O     . ARG A 1 74  ? -18.320 2.695   0.837   1.00 48.02 ? 214 ARG A O     1 
ATOM   448  C CB    . ARG A 1 74  ? -18.361 4.079   -1.522  1.00 54.19 ? 214 ARG A CB    1 
ATOM   449  N N     . VAL A 1 75  ? -16.213 1.912   0.615   1.00 46.54 ? 215 VAL A N     1 
ATOM   450  C CA    . VAL A 1 75  ? -16.228 1.062   1.802   1.00 42.57 ? 215 VAL A CA    1 
ATOM   451  C C     . VAL A 1 75  ? -14.994 1.454   2.648   1.00 41.39 ? 215 VAL A C     1 
ATOM   452  O O     . VAL A 1 75  ? -13.998 1.913   2.093   1.00 43.94 ? 215 VAL A O     1 
ATOM   453  C CB    . VAL A 1 75  ? -16.174 -0.423  1.350   1.00 41.26 ? 215 VAL A CB    1 
ATOM   454  C CG1   . VAL A 1 75  ? -14.736 -0.868  1.153   1.00 42.28 ? 215 VAL A CG1   1 
ATOM   455  C CG2   . VAL A 1 75  ? -16.929 -1.292  2.314   1.00 37.90 ? 215 VAL A CG2   1 
ATOM   456  N N     . PRO A 1 76  ? -15.044 1.291   3.989   1.00 37.89 ? 216 PRO A N     1 
ATOM   457  C CA    . PRO A 1 76  ? -13.926 1.644   4.879   1.00 36.22 ? 216 PRO A CA    1 
ATOM   458  C C     . PRO A 1 76  ? -12.554 0.998   4.614   1.00 36.32 ? 216 PRO A C     1 
ATOM   459  O O     . PRO A 1 76  ? -12.466 -0.138  4.177   1.00 34.92 ? 216 PRO A O     1 
ATOM   460  C CB    . PRO A 1 76  ? -14.456 1.285   6.270   1.00 34.95 ? 216 PRO A CB    1 
ATOM   461  C CG    . PRO A 1 76  ? -15.909 1.371   6.127   1.00 35.82 ? 216 PRO A CG    1 
ATOM   462  C CD    . PRO A 1 76  ? -16.166 0.760   4.779   1.00 36.84 ? 216 PRO A CD    1 
ATOM   463  N N     . PHE A 1 77  ? -11.491 1.748   4.897   1.00 38.47 ? 217 PHE A N     1 
ATOM   464  C CA    . PHE A 1 77  ? -10.103 1.304   4.718   1.00 37.63 ? 217 PHE A CA    1 
ATOM   465  C C     . PHE A 1 77  ? -9.456  1.258   6.103   1.00 37.59 ? 217 PHE A C     1 
ATOM   466  O O     . PHE A 1 77  ? -8.852  2.228   6.531   1.00 38.97 ? 217 PHE A O     1 
ATOM   467  C CB    . PHE A 1 77  ? -9.343  2.308   3.840   1.00 34.56 ? 217 PHE A CB    1 
ATOM   468  C CG    . PHE A 1 77  ? -7.951  1.876   3.452   1.00 34.73 ? 217 PHE A CG    1 
ATOM   469  C CD1   . PHE A 1 77  ? -7.751  0.856   2.529   1.00 36.66 ? 217 PHE A CD1   1 
ATOM   470  C CD2   . PHE A 1 77  ? -6.834  2.528   3.968   1.00 36.24 ? 217 PHE A CD2   1 
ATOM   471  C CE1   . PHE A 1 77  ? -6.458  0.500   2.123   1.00 35.57 ? 217 PHE A CE1   1 
ATOM   472  C CE2   . PHE A 1 77  ? -5.535  2.175   3.565   1.00 33.65 ? 217 PHE A CE2   1 
ATOM   473  C CZ    . PHE A 1 77  ? -5.352  1.164   2.642   1.00 33.00 ? 217 PHE A CZ    1 
ATOM   474  N N     . ILE A 1 78  ? -9.597  0.141   6.802   1.00 36.56 ? 218 ILE A N     1 
ATOM   475  C CA    . ILE A 1 78  ? -9.016  -0.026  8.135   1.00 37.07 ? 218 ILE A CA    1 
ATOM   476  C C     . ILE A 1 78  ? -7.543  -0.466  8.058   1.00 37.64 ? 218 ILE A C     1 
ATOM   477  O O     . ILE A 1 78  ? -7.238  -1.521  7.511   1.00 37.39 ? 218 ILE A O     1 
ATOM   478  C CB    . ILE A 1 78  ? -9.808  -1.076  8.926   1.00 36.88 ? 218 ILE A CB    1 
ATOM   479  C CG1   . ILE A 1 78  ? -11.295 -0.709  8.905   1.00 33.19 ? 218 ILE A CG1   1 
ATOM   480  C CG2   . ILE A 1 78  ? -9.265  -1.180  10.350  1.00 36.46 ? 218 ILE A CG2   1 
ATOM   481  C CD1   . ILE A 1 78  ? -12.188 -1.792  9.466   1.00 31.88 ? 218 ILE A CD1   1 
ATOM   482  N N     . THR A 1 79  ? -6.638  0.324   8.632   1.00 38.64 ? 219 THR A N     1 
ATOM   483  C CA    . THR A 1 79  ? -5.207  0.010   8.570   1.00 40.79 ? 219 THR A CA    1 
ATOM   484  C C     . THR A 1 79  ? -4.511  -0.389  9.879   1.00 41.28 ? 219 THR A C     1 
ATOM   485  O O     . THR A 1 79  ? -4.954  -0.037  10.979  1.00 42.22 ? 219 THR A O     1 
ATOM   486  C CB    . THR A 1 79  ? -4.428  1.201   7.989   1.00 41.71 ? 219 THR A CB    1 
ATOM   487  O OG1   . THR A 1 79  ? -5.099  1.674   6.818   1.00 47.78 ? 219 THR A OG1   1 
ATOM   488  C CG2   . THR A 1 79  ? -3.013  0.792   7.597   1.00 43.04 ? 219 THR A CG2   1 
ATOM   489  N N     . ALA A 1 80  ? -3.406  -1.124  9.734   1.00 39.75 ? 220 ALA A N     1 
ATOM   490  C CA    . ALA A 1 80  ? -2.581  -1.557  10.856  1.00 36.55 ? 220 ALA A CA    1 
ATOM   491  C C     . ALA A 1 80  ? -1.133  -1.740  10.393  1.00 35.13 ? 220 ALA A C     1 
ATOM   492  O O     . ALA A 1 80  ? -0.876  -1.914  9.202   1.00 34.16 ? 220 ALA A O     1 
ATOM   493  C CB    . ALA A 1 80  ? -3.112  -2.851  11.417  1.00 36.27 ? 220 ALA A CB    1 
ATOM   494  N N     . SER A 1 81  ? -0.175  -1.685  11.312  1.00 34.93 ? 221 SER A N     1 
ATOM   495  C CA    . SER A 1 81  ? 1.209   -1.895  10.897  1.00 35.31 ? 221 SER A CA    1 
ATOM   496  C C     . SER A 1 81  ? 1.754   -3.217  11.401  1.00 33.05 ? 221 SER A C     1 
ATOM   497  O O     . SER A 1 81  ? 1.843   -3.439  12.594  1.00 32.82 ? 221 SER A O     1 
ATOM   498  C CB    . SER A 1 81  ? 2.127   -0.776  11.379  1.00 36.24 ? 221 SER A CB    1 
ATOM   499  O OG    . SER A 1 81  ? 3.450   -1.009  10.899  1.00 36.31 ? 221 SER A OG    1 
ATOM   500  N N     . GLY A 1 82  ? 2.127   -4.093  10.483  1.00 32.80 ? 222 GLY A N     1 
ATOM   501  C CA    . GLY A 1 82  ? 2.664   -5.373  10.891  1.00 35.70 ? 222 GLY A CA    1 
ATOM   502  C C     . GLY A 1 82  ? 3.871   -5.168  11.783  1.00 37.38 ? 222 GLY A C     1 
ATOM   503  O O     . GLY A 1 82  ? 4.150   -5.965  12.674  1.00 38.15 ? 222 GLY A O     1 
ATOM   504  N N     . SER A 1 83  ? 4.575   -4.070  11.535  1.00 38.65 ? 223 SER A N     1 
ATOM   505  C CA    . SER A 1 83  ? 5.774   -3.711  12.275  1.00 38.73 ? 223 SER A CA    1 
ATOM   506  C C     . SER A 1 83  ? 5.510   -3.321  13.736  1.00 37.10 ? 223 SER A C     1 
ATOM   507  O O     . SER A 1 83  ? 6.253   -3.716  14.620  1.00 38.33 ? 223 SER A O     1 
ATOM   508  C CB    . SER A 1 83  ? 6.481   -2.570  11.543  1.00 39.95 ? 223 SER A CB    1 
ATOM   509  O OG    . SER A 1 83  ? 7.659   -2.179  12.223  1.00 42.93 ? 223 SER A OG    1 
ATOM   510  N N     . ASP A 1 84  ? 4.462   -2.538  13.979  1.00 35.05 ? 224 ASP A N     1 
ATOM   511  C CA    . ASP A 1 84  ? 4.090   -2.099  15.326  1.00 33.62 ? 224 ASP A CA    1 
ATOM   512  C C     . ASP A 1 84  ? 3.793   -3.279  16.227  1.00 34.16 ? 224 ASP A C     1 
ATOM   513  O O     . ASP A 1 84  ? 4.208   -3.322  17.384  1.00 33.00 ? 224 ASP A O     1 
ATOM   514  C CB    . ASP A 1 84  ? 2.847   -1.217  15.264  1.00 35.35 ? 224 ASP A CB    1 
ATOM   515  C CG    . ASP A 1 84  ? 3.124   0.124   14.646  1.00 38.88 ? 224 ASP A CG    1 
ATOM   516  O OD1   . ASP A 1 84  ? 3.740   0.164   13.566  1.00 40.73 ? 224 ASP A OD1   1 
ATOM   517  O OD2   . ASP A 1 84  ? 2.728   1.139   15.240  1.00 40.41 ? 224 ASP A OD2   1 
ATOM   518  N N     . PHE A 1 85  ? 3.040   -4.227  15.682  1.00 34.77 ? 225 PHE A N     1 
ATOM   519  C CA    . PHE A 1 85  ? 2.661   -5.440  16.388  1.00 31.54 ? 225 PHE A CA    1 
ATOM   520  C C     . PHE A 1 85  ? 3.903   -6.124  16.932  1.00 31.20 ? 225 PHE A C     1 
ATOM   521  O O     . PHE A 1 85  ? 4.030   -6.379  18.130  1.00 32.06 ? 225 PHE A O     1 
ATOM   522  C CB    . PHE A 1 85  ? 1.956   -6.388  15.421  1.00 29.66 ? 225 PHE A CB    1 
ATOM   523  C CG    . PHE A 1 85  ? 0.590   -5.932  15.003  1.00 26.17 ? 225 PHE A CG    1 
ATOM   524  C CD1   . PHE A 1 85  ? 0.061   -6.330  13.785  1.00 24.27 ? 225 PHE A CD1   1 
ATOM   525  C CD2   . PHE A 1 85  ? -0.192  -5.157  15.846  1.00 23.73 ? 225 PHE A CD2   1 
ATOM   526  C CE1   . PHE A 1 85  ? -1.227  -5.962  13.414  1.00 24.18 ? 225 PHE A CE1   1 
ATOM   527  C CE2   . PHE A 1 85  ? -1.478  -4.789  15.484  1.00 22.37 ? 225 PHE A CE2   1 
ATOM   528  C CZ    . PHE A 1 85  ? -1.996  -5.191  14.269  1.00 24.88 ? 225 PHE A CZ    1 
ATOM   529  N N     . VAL A 1 86  ? 4.820   -6.424  16.025  1.00 29.78 ? 226 VAL A N     1 
ATOM   530  C CA    . VAL A 1 86  ? 6.040   -7.098  16.387  1.00 33.24 ? 226 VAL A CA    1 
ATOM   531  C C     . VAL A 1 86  ? 6.802   -6.288  17.433  1.00 36.92 ? 226 VAL A C     1 
ATOM   532  O O     . VAL A 1 86  ? 7.594   -6.841  18.187  1.00 39.13 ? 226 VAL A O     1 
ATOM   533  C CB    . VAL A 1 86  ? 6.925   -7.323  15.138  1.00 31.86 ? 226 VAL A CB    1 
ATOM   534  C CG1   . VAL A 1 86  ? 8.046   -8.303  15.445  1.00 32.12 ? 226 VAL A CG1   1 
ATOM   535  C CG2   . VAL A 1 86  ? 6.092   -7.861  14.001  1.00 32.68 ? 226 VAL A CG2   1 
ATOM   536  N N     . GLU A 1 87  ? 6.549   -4.985  17.503  1.00 39.89 ? 227 GLU A N     1 
ATOM   537  C CA    . GLU A 1 87  ? 7.250   -4.125  18.459  1.00 41.24 ? 227 GLU A CA    1 
ATOM   538  C C     . GLU A 1 87  ? 6.621   -4.043  19.848  1.00 41.79 ? 227 GLU A C     1 
ATOM   539  O O     . GLU A 1 87  ? 7.226   -3.493  20.771  1.00 43.71 ? 227 GLU A O     1 
ATOM   540  C CB    . GLU A 1 87  ? 7.396   -2.712  17.884  1.00 42.74 ? 227 GLU A CB    1 
ATOM   541  C CG    . GLU A 1 87  ? 8.817   -2.355  17.493  1.00 48.51 ? 227 GLU A CG    1 
ATOM   542  C CD    . GLU A 1 87  ? 8.894   -1.143  16.578  1.00 53.05 ? 227 GLU A CD    1 
ATOM   543  O OE1   . GLU A 1 87  ? 10.010  -0.828  16.113  1.00 55.39 ? 227 GLU A OE1   1 
ATOM   544  O OE2   . GLU A 1 87  ? 7.848   -0.503  16.317  1.00 55.67 ? 227 GLU A OE2   1 
ATOM   545  N N     . MET A 1 88  ? 5.414   -4.584  19.993  1.00 41.33 ? 228 MET A N     1 
ATOM   546  C CA    . MET A 1 88  ? 4.698   -4.570  21.263  1.00 38.68 ? 228 MET A CA    1 
ATOM   547  C C     . MET A 1 88  ? 5.044   -5.796  22.091  1.00 39.48 ? 228 MET A C     1 
ATOM   548  O O     . MET A 1 88  ? 5.356   -6.855  21.543  1.00 42.39 ? 228 MET A O     1 
ATOM   549  C CB    . MET A 1 88  ? 3.197   -4.560  21.005  1.00 37.99 ? 228 MET A CB    1 
ATOM   550  C CG    . MET A 1 88  ? 2.723   -3.416  20.137  1.00 38.44 ? 228 MET A CG    1 
ATOM   551  S SD    . MET A 1 88  ? 0.985   -3.561  19.678  1.00 40.65 ? 228 MET A SD    1 
ATOM   552  C CE    . MET A 1 88  ? 1.049   -2.926  18.025  1.00 37.79 ? 228 MET A CE    1 
ATOM   553  N N     . PHE A 1 89  ? 4.974   -5.652  23.411  1.00 39.34 ? 229 PHE A N     1 
ATOM   554  C CA    . PHE A 1 89  ? 5.257   -6.749  24.334  1.00 36.42 ? 229 PHE A CA    1 
ATOM   555  C C     . PHE A 1 89  ? 4.660   -8.026  23.766  1.00 33.80 ? 229 PHE A C     1 
ATOM   556  O O     . PHE A 1 89  ? 3.586   -7.992  23.161  1.00 32.22 ? 229 PHE A O     1 
ATOM   557  C CB    . PHE A 1 89  ? 4.605   -6.498  25.700  1.00 37.44 ? 229 PHE A CB    1 
ATOM   558  C CG    . PHE A 1 89  ? 5.141   -5.307  26.440  1.00 39.88 ? 229 PHE A CG    1 
ATOM   559  C CD1   . PHE A 1 89  ? 4.278   -4.486  27.166  1.00 40.64 ? 229 PHE A CD1   1 
ATOM   560  C CD2   . PHE A 1 89  ? 6.504   -5.022  26.446  1.00 41.73 ? 229 PHE A CD2   1 
ATOM   561  C CE1   . PHE A 1 89  ? 4.759   -3.393  27.892  1.00 43.75 ? 229 PHE A CE1   1 
ATOM   562  C CE2   . PHE A 1 89  ? 7.001   -3.933  27.168  1.00 45.35 ? 229 PHE A CE2   1 
ATOM   563  C CZ    . PHE A 1 89  ? 6.123   -3.115  27.895  1.00 45.66 ? 229 PHE A CZ    1 
ATOM   564  N N     . VAL A 1 90  ? 5.359   -9.142  23.960  1.00 31.18 ? 230 VAL A N     1 
ATOM   565  C CA    . VAL A 1 90  ? 4.886   -10.447 23.508  1.00 28.59 ? 230 VAL A CA    1 
ATOM   566  C C     . VAL A 1 90  ? 3.436   -10.596 23.938  1.00 27.36 ? 230 VAL A C     1 
ATOM   567  O O     . VAL A 1 90  ? 3.081   -10.254 25.060  1.00 31.04 ? 230 VAL A O     1 
ATOM   568  C CB    . VAL A 1 90  ? 5.681   -11.578 24.164  1.00 28.69 ? 230 VAL A CB    1 
ATOM   569  C CG1   . VAL A 1 90  ? 5.271   -12.900 23.593  1.00 26.90 ? 230 VAL A CG1   1 
ATOM   570  C CG2   . VAL A 1 90  ? 7.159   -11.356 23.949  1.00 32.00 ? 230 VAL A CG2   1 
ATOM   571  N N     . GLY A 1 91  ? 2.594   -11.103 23.050  1.00 25.53 ? 231 GLY A N     1 
ATOM   572  C CA    . GLY A 1 91  ? 1.200   -11.256 23.392  1.00 23.17 ? 231 GLY A CA    1 
ATOM   573  C C     . GLY A 1 91  ? 0.353   -10.037 23.062  1.00 21.22 ? 231 GLY A C     1 
ATOM   574  O O     . GLY A 1 91  ? -0.794  -10.172 22.659  1.00 20.01 ? 231 GLY A O     1 
ATOM   575  N N     . VAL A 1 92  ? 0.894   -8.838  23.233  1.00 22.71 ? 232 VAL A N     1 
ATOM   576  C CA    . VAL A 1 92  ? 0.103   -7.663  22.928  1.00 23.66 ? 232 VAL A CA    1 
ATOM   577  C C     . VAL A 1 92  ? -0.080  -7.553  21.429  1.00 25.06 ? 232 VAL A C     1 
ATOM   578  O O     . VAL A 1 92  ? -1.197  -7.360  20.957  1.00 24.24 ? 232 VAL A O     1 
ATOM   579  C CB    . VAL A 1 92  ? 0.736   -6.374  23.477  1.00 22.71 ? 232 VAL A CB    1 
ATOM   580  C CG1   . VAL A 1 92  ? -0.204  -5.200  23.193  1.00 23.80 ? 232 VAL A CG1   1 
ATOM   581  C CG2   . VAL A 1 92  ? 0.973   -6.507  24.981  1.00 17.16 ? 232 VAL A CG2   1 
ATOM   582  N N     . GLY A 1 93  ? 1.016   -7.697  20.687  1.00 27.43 ? 233 GLY A N     1 
ATOM   583  C CA    . GLY A 1 93  ? 0.951   -7.629  19.233  1.00 28.29 ? 233 GLY A CA    1 
ATOM   584  C C     . GLY A 1 93  ? -0.142  -8.509  18.655  1.00 28.25 ? 233 GLY A C     1 
ATOM   585  O O     . GLY A 1 93  ? -0.808  -8.139  17.695  1.00 29.62 ? 233 GLY A O     1 
ATOM   586  N N     . ALA A 1 94  ? -0.331  -9.682  19.247  1.00 29.84 ? 234 ALA A N     1 
ATOM   587  C CA    . ALA A 1 94  ? -1.351  -10.624 18.798  1.00 29.99 ? 234 ALA A CA    1 
ATOM   588  C C     . ALA A 1 94  ? -2.723  -10.157 19.224  1.00 31.47 ? 234 ALA A C     1 
ATOM   589  O O     . ALA A 1 94  ? -3.662  -10.175 18.431  1.00 36.26 ? 234 ALA A O     1 
ATOM   590  C CB    . ALA A 1 94  ? -1.088  -11.996 19.374  1.00 29.18 ? 234 ALA A CB    1 
ATOM   591  N N     . ALA A 1 95  ? -2.826  -9.757  20.490  1.00 31.15 ? 235 ALA A N     1 
ATOM   592  C CA    . ALA A 1 95  ? -4.067  -9.278  21.086  1.00 28.01 ? 235 ALA A CA    1 
ATOM   593  C C     . ALA A 1 95  ? -4.719  -8.257  20.176  1.00 30.70 ? 235 ALA A C     1 
ATOM   594  O O     . ALA A 1 95  ? -5.941  -8.266  19.972  1.00 31.41 ? 235 ALA A O     1 
ATOM   595  C CB    . ALA A 1 95  ? -3.773  -8.649  22.418  1.00 24.55 ? 235 ALA A CB    1 
ATOM   596  N N     . ARG A 1 96  ? -3.877  -7.379  19.638  1.00 30.77 ? 236 ARG A N     1 
ATOM   597  C CA    . ARG A 1 96  ? -4.293  -6.311  18.740  1.00 31.09 ? 236 ARG A CA    1 
ATOM   598  C C     . ARG A 1 96  ? -4.713  -6.849  17.365  1.00 30.66 ? 236 ARG A C     1 
ATOM   599  O O     . ARG A 1 96  ? -5.589  -6.277  16.707  1.00 30.19 ? 236 ARG A O     1 
ATOM   600  C CB    . ARG A 1 96  ? -3.146  -5.297  18.594  1.00 31.72 ? 236 ARG A CB    1 
ATOM   601  C CG    . ARG A 1 96  ? -2.882  -4.445  19.836  1.00 31.19 ? 236 ARG A CG    1 
ATOM   602  C CD    . ARG A 1 96  ? -3.705  -3.175  19.795  1.00 36.76 ? 236 ARG A CD    1 
ATOM   603  N NE    . ARG A 1 96  ? -3.663  -2.378  21.024  1.00 42.03 ? 236 ARG A NE    1 
ATOM   604  C CZ    . ARG A 1 96  ? -3.839  -1.053  21.068  1.00 44.98 ? 236 ARG A CZ    1 
ATOM   605  N NH1   . ARG A 1 96  ? -4.057  -0.361  19.949  1.00 43.76 ? 236 ARG A NH1   1 
ATOM   606  N NH2   . ARG A 1 96  ? -3.817  -0.414  22.235  1.00 43.88 ? 236 ARG A NH2   1 
ATOM   607  N N     . VAL A 1 97  ? -4.080  -7.934  16.920  1.00 29.28 ? 237 VAL A N     1 
ATOM   608  C CA    . VAL A 1 97  ? -4.443  -8.508  15.634  1.00 28.43 ? 237 VAL A CA    1 
ATOM   609  C C     . VAL A 1 97  ? -5.821  -9.056  15.833  1.00 29.56 ? 237 VAL A C     1 
ATOM   610  O O     . VAL A 1 97  ? -6.626  -9.044  14.917  1.00 31.28 ? 237 VAL A O     1 
ATOM   611  C CB    . VAL A 1 97  ? -3.513  -9.661  15.179  1.00 26.95 ? 237 VAL A CB    1 
ATOM   612  C CG1   . VAL A 1 97  ? -4.065  -10.275 13.906  1.00 23.47 ? 237 VAL A CG1   1 
ATOM   613  C CG2   . VAL A 1 97  ? -2.098  -9.140  14.923  1.00 24.38 ? 237 VAL A CG2   1 
ATOM   614  N N     . ARG A 1 98  ? -6.088  -9.534  17.045  1.00 31.78 ? 238 ARG A N     1 
ATOM   615  C CA    . ARG A 1 98  ? -7.397  -10.082 17.408  1.00 33.98 ? 238 ARG A CA    1 
ATOM   616  C C     . ARG A 1 98  ? -8.421  -8.930  17.311  1.00 34.94 ? 238 ARG A C     1 
ATOM   617  O O     . ARG A 1 98  ? -9.496  -9.071  16.721  1.00 32.32 ? 238 ARG A O     1 
ATOM   618  C CB    . ARG A 1 98  ? -7.332  -10.631 18.841  1.00 33.59 ? 238 ARG A CB    1 
ATOM   619  C CG    . ARG A 1 98  ? -8.120  -11.924 19.127  1.00 35.75 ? 238 ARG A CG    1 
ATOM   620  C CD    . ARG A 1 98  ? -7.841  -12.375 20.565  1.00 35.32 ? 238 ARG A CD    1 
ATOM   621  N NE    . ARG A 1 98  ? -6.398  -12.461 20.817  1.00 36.95 ? 238 ARG A NE    1 
ATOM   622  C CZ    . ARG A 1 98  ? -5.805  -12.187 21.980  1.00 36.30 ? 238 ARG A CZ    1 
ATOM   623  N NH1   . ARG A 1 98  ? -6.527  -11.805 23.023  1.00 35.09 ? 238 ARG A NH1   1 
ATOM   624  N NH2   . ARG A 1 98  ? -4.483  -12.267 22.094  1.00 34.71 ? 238 ARG A NH2   1 
ATOM   625  N N     . ASP A 1 99  ? -8.053  -7.784  17.880  1.00 37.94 ? 239 ASP A N     1 
ATOM   626  C CA    . ASP A 1 99  ? -8.883  -6.583  17.870  1.00 40.21 ? 239 ASP A CA    1 
ATOM   627  C C     . ASP A 1 99  ? -9.148  -6.101  16.461  1.00 39.34 ? 239 ASP A C     1 
ATOM   628  O O     . ASP A 1 99  ? -10.300 -5.959  16.058  1.00 40.54 ? 239 ASP A O     1 
ATOM   629  C CB    . ASP A 1 99  ? -8.203  -5.460  18.653  1.00 43.51 ? 239 ASP A CB    1 
ATOM   630  C CG    . ASP A 1 99  ? -8.564  -5.474  20.127  1.00 48.66 ? 239 ASP A CG    1 
ATOM   631  O OD1   . ASP A 1 99  ? -7.872  -4.794  20.917  1.00 50.32 ? 239 ASP A OD1   1 
ATOM   632  O OD2   . ASP A 1 99  ? -9.548  -6.158  20.496  1.00 51.54 ? 239 ASP A OD2   1 
ATOM   633  N N     . LEU A 1 100 ? -8.075  -5.841  15.721  1.00 38.50 ? 240 LEU A N     1 
ATOM   634  C CA    . LEU A 1 100 ? -8.187  -5.372  14.345  1.00 37.27 ? 240 LEU A CA    1 
ATOM   635  C C     . LEU A 1 100 ? -9.332  -6.065  13.632  1.00 36.87 ? 240 LEU A C     1 
ATOM   636  O O     . LEU A 1 100 ? -10.262 -5.415  13.178  1.00 37.46 ? 240 LEU A O     1 
ATOM   637  C CB    . LEU A 1 100 ? -6.894  -5.637  13.569  1.00 34.17 ? 240 LEU A CB    1 
ATOM   638  C CG    . LEU A 1 100 ? -6.874  -5.084  12.142  1.00 29.42 ? 240 LEU A CG    1 
ATOM   639  C CD1   . LEU A 1 100 ? -6.844  -3.574  12.213  1.00 27.65 ? 240 LEU A CD1   1 
ATOM   640  C CD2   . LEU A 1 100 ? -5.676  -5.605  11.380  1.00 24.33 ? 240 LEU A CD2   1 
ATOM   641  N N     . PHE A 1 101 ? -9.273  -7.388  13.550  1.00 37.78 ? 241 PHE A N     1 
ATOM   642  C CA    . PHE A 1 101 ? -10.312 -8.146  12.871  1.00 38.65 ? 241 PHE A CA    1 
ATOM   643  C C     . PHE A 1 101 ? -11.667 -8.173  13.567  1.00 39.91 ? 241 PHE A C     1 
ATOM   644  O O     . PHE A 1 101 ? -12.689 -8.392  12.925  1.00 37.04 ? 241 PHE A O     1 
ATOM   645  C CB    . PHE A 1 101 ? -9.848  -9.575  12.623  1.00 37.45 ? 241 PHE A CB    1 
ATOM   646  C CG    . PHE A 1 101 ? -8.721  -9.680  11.643  1.00 39.08 ? 241 PHE A CG    1 
ATOM   647  C CD1   . PHE A 1 101 ? -7.442  -9.272  11.988  1.00 40.41 ? 241 PHE A CD1   1 
ATOM   648  C CD2   . PHE A 1 101 ? -8.940  -10.198 10.372  1.00 40.23 ? 241 PHE A CD2   1 
ATOM   649  C CE1   . PHE A 1 101 ? -6.386  -9.381  11.080  1.00 42.59 ? 241 PHE A CE1   1 
ATOM   650  C CE2   . PHE A 1 101 ? -7.901  -10.313 9.458   1.00 42.24 ? 241 PHE A CE2   1 
ATOM   651  C CZ    . PHE A 1 101 ? -6.621  -9.905  9.807   1.00 43.65 ? 241 PHE A CZ    1 
ATOM   652  N N     . GLU A 1 102 ? -11.696 -7.954  14.873  1.00 44.32 ? 242 GLU A N     1 
ATOM   653  C CA    . GLU A 1 102 ? -12.983 -7.984  15.559  1.00 48.40 ? 242 GLU A CA    1 
ATOM   654  C C     . GLU A 1 102 ? -13.723 -6.682  15.314  1.00 48.45 ? 242 GLU A C     1 
ATOM   655  O O     . GLU A 1 102 ? -14.958 -6.622  15.383  1.00 49.57 ? 242 GLU A O     1 
ATOM   656  C CB    . GLU A 1 102 ? -12.799 -8.183  17.052  1.00 51.56 ? 242 GLU A CB    1 
ATOM   657  C CG    . GLU A 1 102 ? -14.062 -8.604  17.752  1.00 56.10 ? 242 GLU A CG    1 
ATOM   658  C CD    . GLU A 1 102 ? -13.965 -8.387  19.240  1.00 62.07 ? 242 GLU A CD    1 
ATOM   659  O OE1   . GLU A 1 102 ? -14.833 -8.916  19.978  1.00 66.20 ? 242 GLU A OE1   1 
ATOM   660  O OE2   . GLU A 1 102 ? -13.019 -7.678  19.665  1.00 64.31 ? 242 GLU A OE2   1 
ATOM   661  N N     . THR A 1 103 ? -12.944 -5.641  15.038  1.00 46.78 ? 243 THR A N     1 
ATOM   662  C CA    . THR A 1 103 ? -13.479 -4.328  14.753  1.00 45.71 ? 243 THR A CA    1 
ATOM   663  C C     . THR A 1 103 ? -13.915 -4.336  13.303  1.00 46.78 ? 243 THR A C     1 
ATOM   664  O O     . THR A 1 103 ? -14.997 -3.860  12.972  1.00 48.73 ? 243 THR A O     1 
ATOM   665  C CB    . THR A 1 103 ? -12.410 -3.259  14.945  1.00 44.44 ? 243 THR A CB    1 
ATOM   666  O OG1   . THR A 1 103 ? -12.112 -3.144  16.338  1.00 47.45 ? 243 THR A OG1   1 
ATOM   667  C CG2   . THR A 1 103 ? -12.880 -1.927  14.411  1.00 44.45 ? 243 THR A CG2   1 
ATOM   668  N N     . ALA A 1 104 ? -13.067 -4.894  12.442  1.00 45.40 ? 244 ALA A N     1 
ATOM   669  C CA    . ALA A 1 104 ? -13.352 -4.965  11.020  1.00 43.40 ? 244 ALA A CA    1 
ATOM   670  C C     . ALA A 1 104 ? -14.610 -5.773  10.771  1.00 42.86 ? 244 ALA A C     1 
ATOM   671  O O     . ALA A 1 104 ? -15.363 -5.469  9.861   1.00 44.33 ? 244 ALA A O     1 
ATOM   672  C CB    . ALA A 1 104 ? -12.180 -5.576  10.276  1.00 42.87 ? 244 ALA A CB    1 
ATOM   673  N N     . LYS A 1 105 ? -14.846 -6.806  11.566  1.00 43.22 ? 245 LYS A N     1 
ATOM   674  C CA    . LYS A 1 105 ? -16.048 -7.607  11.381  1.00 44.20 ? 245 LYS A CA    1 
ATOM   675  C C     . LYS A 1 105 ? -17.233 -6.668  11.561  1.00 45.19 ? 245 LYS A C     1 
ATOM   676  O O     . LYS A 1 105 ? -18.205 -6.727  10.804  1.00 45.92 ? 245 LYS A O     1 
ATOM   677  C CB    . LYS A 1 105 ? -16.098 -8.746  12.403  1.00 43.82 ? 245 LYS A CB    1 
ATOM   678  N N     . ARG A 1 106 ? -17.111 -5.775  12.544  1.00 44.81 ? 246 ARG A N     1 
ATOM   679  C CA    . ARG A 1 106 ? -18.140 -4.786  12.894  1.00 42.66 ? 246 ARG A CA    1 
ATOM   680  C C     . ARG A 1 106 ? -18.322 -3.611  11.912  1.00 40.98 ? 246 ARG A C     1 
ATOM   681  O O     . ARG A 1 106 ? -19.111 -2.707  12.166  1.00 42.03 ? 246 ARG A O     1 
ATOM   682  C CB    . ARG A 1 106 ? -17.846 -4.240  14.289  1.00 42.79 ? 246 ARG A CB    1 
ATOM   683  N N     . HIS A 1 107 ? -17.596 -3.632  10.797  1.00 40.84 ? 247 HIS A N     1 
ATOM   684  C CA    . HIS A 1 107 ? -17.657 -2.575  9.782   1.00 38.85 ? 247 HIS A CA    1 
ATOM   685  C C     . HIS A 1 107 ? -17.595 -3.152  8.381   1.00 38.35 ? 247 HIS A C     1 
ATOM   686  O O     . HIS A 1 107 ? -17.076 -2.512  7.464   1.00 37.98 ? 247 HIS A O     1 
ATOM   687  C CB    . HIS A 1 107 ? -16.483 -1.619  9.932   1.00 39.10 ? 247 HIS A CB    1 
ATOM   688  C CG    . HIS A 1 107 ? -16.511 -0.823  11.190  1.00 42.03 ? 247 HIS A CG    1 
ATOM   689  N ND1   . HIS A 1 107 ? -17.463 0.141   11.434  1.00 43.86 ? 247 HIS A ND1   1 
ATOM   690  C CD2   . HIS A 1 107 ? -15.704 -0.843  12.277  1.00 46.15 ? 247 HIS A CD2   1 
ATOM   691  C CE1   . HIS A 1 107 ? -17.242 0.682   12.619  1.00 47.22 ? 247 HIS A CE1   1 
ATOM   692  N NE2   . HIS A 1 107 ? -16.180 0.103   13.152  1.00 49.23 ? 247 HIS A NE2   1 
ATOM   693  N N     . ALA A 1 108 ? -18.106 -4.363  8.221   1.00 36.92 ? 248 ALA A N     1 
ATOM   694  C CA    . ALA A 1 108 ? -18.095 -5.018  6.929   1.00 35.07 ? 248 ALA A CA    1 
ATOM   695  C C     . ALA A 1 108 ? -19.215 -4.430  6.068   1.00 33.87 ? 248 ALA A C     1 
ATOM   696  O O     . ALA A 1 108 ? -20.244 -4.010  6.593   1.00 34.01 ? 248 ALA A O     1 
ATOM   697  C CB    . ALA A 1 108 ? -18.290 -6.514  7.127   1.00 36.16 ? 248 ALA A CB    1 
ATOM   698  N N     . PRO A 1 109 ? -19.012 -4.350  4.740   1.00 32.84 ? 249 PRO A N     1 
ATOM   699  C CA    . PRO A 1 109 ? -17.786 -4.785  4.074   1.00 33.48 ? 249 PRO A CA    1 
ATOM   700  C C     . PRO A 1 109 ? -16.697 -3.734  4.248   1.00 34.78 ? 249 PRO A C     1 
ATOM   701  O O     . PRO A 1 109 ? -16.984 -2.572  4.567   1.00 35.74 ? 249 PRO A O     1 
ATOM   702  C CB    . PRO A 1 109 ? -18.225 -4.957  2.620   1.00 32.16 ? 249 PRO A CB    1 
ATOM   703  C CG    . PRO A 1 109 ? -19.227 -3.899  2.460   1.00 32.63 ? 249 PRO A CG    1 
ATOM   704  C CD    . PRO A 1 109 ? -20.033 -3.980  3.746   1.00 32.78 ? 249 PRO A CD    1 
ATOM   705  N N     . CYS A 1 110 ? -15.450 -4.152  4.056   1.00 33.91 ? 250 CYS A N     1 
ATOM   706  C CA    . CYS A 1 110 ? -14.323 -3.248  4.196   1.00 31.85 ? 250 CYS A CA    1 
ATOM   707  C C     . CYS A 1 110 ? -13.029 -3.922  3.813   1.00 31.12 ? 250 CYS A C     1 
ATOM   708  O O     . CYS A 1 110 ? -12.983 -5.118  3.537   1.00 31.13 ? 250 CYS A O     1 
ATOM   709  C CB    . CYS A 1 110 ? -14.216 -2.751  5.638   1.00 31.48 ? 250 CYS A CB    1 
ATOM   710  S SG    . CYS A 1 110 ? -13.956 -4.044  6.870   1.00 37.33 ? 250 CYS A SG    1 
ATOM   711  N N     . ILE A 1 111 ? -11.974 -3.124  3.815   1.00 31.43 ? 251 ILE A N     1 
ATOM   712  C CA    . ILE A 1 111 ? -10.639 -3.583  3.502   1.00 30.33 ? 251 ILE A CA    1 
ATOM   713  C C     . ILE A 1 111 ? -9.725  -3.369  4.705   1.00 29.87 ? 251 ILE A C     1 
ATOM   714  O O     . ILE A 1 111 ? -9.743  -2.314  5.321   1.00 30.68 ? 251 ILE A O     1 
ATOM   715  C CB    . ILE A 1 111 ? -10.082 -2.810  2.303   1.00 29.31 ? 251 ILE A CB    1 
ATOM   716  C CG1   . ILE A 1 111 ? -10.641 -3.419  1.022   1.00 31.97 ? 251 ILE A CG1   1 
ATOM   717  C CG2   . ILE A 1 111 ? -8.565  -2.793  2.333   1.00 27.50 ? 251 ILE A CG2   1 
ATOM   718  C CD1   . ILE A 1 111 ? -10.120 -2.791  -0.237  1.00 38.37 ? 251 ILE A CD1   1 
ATOM   719  N N     . VAL A 1 112 ? -8.949  -4.380  5.061   1.00 30.40 ? 252 VAL A N     1 
ATOM   720  C CA    . VAL A 1 112 ? -8.016  -4.216  6.160   1.00 29.99 ? 252 VAL A CA    1 
ATOM   721  C C     . VAL A 1 112 ? -6.639  -4.237  5.524   1.00 30.85 ? 252 VAL A C     1 
ATOM   722  O O     . VAL A 1 112 ? -6.249  -5.218  4.905   1.00 31.59 ? 252 VAL A O     1 
ATOM   723  C CB    . VAL A 1 112 ? -8.130  -5.346  7.215   1.00 28.47 ? 252 VAL A CB    1 
ATOM   724  C CG1   . VAL A 1 112 ? -7.060  -5.183  8.266   1.00 26.14 ? 252 VAL A CG1   1 
ATOM   725  C CG2   . VAL A 1 112 ? -9.495  -5.301  7.886   1.00 31.06 ? 252 VAL A CG2   1 
ATOM   726  N N     . PHE A 1 113 ? -5.918  -3.127  5.631   1.00 31.01 ? 253 PHE A N     1 
ATOM   727  C CA    . PHE A 1 113 ? -4.580  -3.069  5.073   1.00 31.28 ? 253 PHE A CA    1 
ATOM   728  C C     . PHE A 1 113 ? -3.533  -3.285  6.175   1.00 32.63 ? 253 PHE A C     1 
ATOM   729  O O     . PHE A 1 113 ? -3.409  -2.454  7.087   1.00 32.77 ? 253 PHE A O     1 
ATOM   730  C CB    . PHE A 1 113 ? -4.329  -1.722  4.387   1.00 26.57 ? 253 PHE A CB    1 
ATOM   731  C CG    . PHE A 1 113 ? -3.070  -1.703  3.557   1.00 24.44 ? 253 PHE A CG    1 
ATOM   732  C CD1   . PHE A 1 113 ? -3.047  -2.274  2.284   1.00 21.61 ? 253 PHE A CD1   1 
ATOM   733  C CD2   . PHE A 1 113 ? -1.885  -1.186  4.073   1.00 22.64 ? 253 PHE A CD2   1 
ATOM   734  C CE1   . PHE A 1 113 ? -1.856  -2.334  1.541   1.00 20.59 ? 253 PHE A CE1   1 
ATOM   735  C CE2   . PHE A 1 113 ? -0.690  -1.243  3.338   1.00 19.53 ? 253 PHE A CE2   1 
ATOM   736  C CZ    . PHE A 1 113 ? -0.676  -1.817  2.075   1.00 19.08 ? 253 PHE A CZ    1 
ATOM   737  N N     . ILE A 1 114 ? -2.812  -4.410  6.106   1.00 31.14 ? 254 ILE A N     1 
ATOM   738  C CA    . ILE A 1 114 ? -1.764  -4.704  7.074   1.00 32.50 ? 254 ILE A CA    1 
ATOM   739  C C     . ILE A 1 114 ? -0.502  -4.210  6.401   1.00 35.86 ? 254 ILE A C     1 
ATOM   740  O O     . ILE A 1 114 ? -0.067  -4.763  5.383   1.00 36.82 ? 254 ILE A O     1 
ATOM   741  C CB    . ILE A 1 114 ? -1.579  -6.213  7.348   1.00 30.98 ? 254 ILE A CB    1 
ATOM   742  C CG1   . ILE A 1 114 ? -2.868  -6.845  7.873   1.00 31.67 ? 254 ILE A CG1   1 
ATOM   743  C CG2   . ILE A 1 114 ? -0.504  -6.406  8.381   1.00 28.56 ? 254 ILE A CG2   1 
ATOM   744  C CD1   . ILE A 1 114 ? -3.382  -6.241  9.146   1.00 31.02 ? 254 ILE A CD1   1 
ATOM   745  N N     . ASP A 1 115 ? 0.081   -3.154  6.961   1.00 38.75 ? 255 ASP A N     1 
ATOM   746  C CA    . ASP A 1 115 ? 1.291   -2.578  6.399   1.00 39.15 ? 255 ASP A CA    1 
ATOM   747  C C     . ASP A 1 115 ? 2.501   -3.378  6.880   1.00 38.57 ? 255 ASP A C     1 
ATOM   748  O O     . ASP A 1 115 ? 2.501   -3.917  7.988   1.00 38.66 ? 255 ASP A O     1 
ATOM   749  C CB    . ASP A 1 115 ? 1.400   -1.097  6.805   1.00 39.44 ? 255 ASP A CB    1 
ATOM   750  C CG    . ASP A 1 115 ? 2.397   -0.318  5.948   1.00 42.41 ? 255 ASP A CG    1 
ATOM   751  O OD1   . ASP A 1 115 ? 2.627   -0.717  4.783   1.00 43.65 ? 255 ASP A OD1   1 
ATOM   752  O OD2   . ASP A 1 115 ? 2.938   0.703   6.436   1.00 42.91 ? 255 ASP A OD2   1 
ATOM   753  N N     . GLU A 1 116 ? 3.519   -3.466  6.030   1.00 37.65 ? 256 GLU A N     1 
ATOM   754  C CA    . GLU A 1 116 ? 4.733   -4.187  6.356   1.00 35.39 ? 256 GLU A CA    1 
ATOM   755  C C     . GLU A 1 116 ? 4.399   -5.533  6.940   1.00 34.04 ? 256 GLU A C     1 
ATOM   756  O O     . GLU A 1 116 ? 4.655   -5.814  8.108   1.00 32.92 ? 256 GLU A O     1 
ATOM   757  C CB    . GLU A 1 116 ? 5.556   -3.386  7.341   1.00 34.04 ? 256 GLU A CB    1 
ATOM   758  C CG    . GLU A 1 116 ? 6.750   -2.700  6.709   1.00 22.65 ? 256 GLU A CG    1 
ATOM   759  C CD    . GLU A 1 116 ? 7.251   -1.564  7.580   1.00 22.65 ? 256 GLU A CD    1 
ATOM   760  O OE1   . GLU A 1 116 ? 8.396   -1.087  7.323   1.00 22.65 ? 256 GLU A OE1   1 
ATOM   761  O OE2   . GLU A 1 116 ? 6.495   -1.127  8.515   1.00 22.65 ? 256 GLU A OE2   1 
ATOM   762  N N     . ILE A 1 117 ? 3.810   -6.363  6.100   1.00 33.84 ? 257 ILE A N     1 
ATOM   763  C CA    . ILE A 1 117 ? 3.416   -7.690  6.495   1.00 30.18 ? 257 ILE A CA    1 
ATOM   764  C C     . ILE A 1 117 ? 4.716   -8.510  6.599   1.00 32.21 ? 257 ILE A C     1 
ATOM   765  O O     . ILE A 1 117 ? 4.730   -9.600  7.169   1.00 33.39 ? 257 ILE A O     1 
ATOM   766  C CB    . ILE A 1 117 ? 2.431   -8.251  5.438   1.00 25.74 ? 257 ILE A CB    1 
ATOM   767  C CG1   . ILE A 1 117 ? 1.722   -9.504  5.951   1.00 23.29 ? 257 ILE A CG1   1 
ATOM   768  C CG2   . ILE A 1 117 ? 3.169   -8.510  4.147   1.00 23.98 ? 257 ILE A CG2   1 
ATOM   769  C CD1   . ILE A 1 117 ? 0.781   -9.231  7.058   1.00 16.99 ? 257 ILE A CD1   1 
ATOM   770  N N     . ASP A 1 118 ? 5.814   -7.969  6.066   1.00 34.99 ? 258 ASP A N     1 
ATOM   771  C CA    . ASP A 1 118 ? 7.113   -8.661  6.115   1.00 36.19 ? 258 ASP A CA    1 
ATOM   772  C C     . ASP A 1 118 ? 7.665   -8.662  7.524   1.00 36.16 ? 258 ASP A C     1 
ATOM   773  O O     . ASP A 1 118 ? 8.524   -9.477  7.860   1.00 34.34 ? 258 ASP A O     1 
ATOM   774  C CB    . ASP A 1 118 ? 8.149   -8.000  5.204   1.00 37.83 ? 258 ASP A CB    1 
ATOM   775  C CG    . ASP A 1 118 ? 7.776   -8.081  3.760   1.00 43.00 ? 258 ASP A CG    1 
ATOM   776  O OD1   . ASP A 1 118 ? 7.144   -7.122  3.268   1.00 48.84 ? 258 ASP A OD1   1 
ATOM   777  O OD2   . ASP A 1 118 ? 8.089   -9.110  3.119   1.00 44.34 ? 258 ASP A OD2   1 
ATOM   778  N N     . ALA A 1 119 ? 7.166   -7.735  8.339   1.00 35.25 ? 259 ALA A N     1 
ATOM   779  C CA    . ALA A 1 119 ? 7.597   -7.618  9.721   1.00 34.64 ? 259 ALA A CA    1 
ATOM   780  C C     . ALA A 1 119 ? 7.054   -8.820  10.461  1.00 35.25 ? 259 ALA A C     1 
ATOM   781  O O     . ALA A 1 119 ? 7.651   -9.319  11.415  1.00 37.93 ? 259 ALA A O     1 
ATOM   782  C CB    . ALA A 1 119 ? 7.041   -6.325  10.340  1.00 34.94 ? 259 ALA A CB    1 
ATOM   783  N N     . VAL A 1 120 ? 5.907   -9.287  9.981   1.00 35.14 ? 260 VAL A N     1 
ATOM   784  C CA    . VAL A 1 120 ? 5.210   -10.410 10.585  1.00 33.36 ? 260 VAL A CA    1 
ATOM   785  C C     . VAL A 1 120 ? 5.506   -11.766 9.960   1.00 32.24 ? 260 VAL A C     1 
ATOM   786  O O     . VAL A 1 120 ? 5.620   -12.776 10.667  1.00 32.75 ? 260 VAL A O     1 
ATOM   787  C CB    . VAL A 1 120 ? 3.696   -10.163 10.545  1.00 33.08 ? 260 VAL A CB    1 
ATOM   788  C CG1   . VAL A 1 120 ? 2.979   -11.298 11.248  1.00 34.23 ? 260 VAL A CG1   1 
ATOM   789  C CG2   . VAL A 1 120 ? 3.378   -8.818  11.206  1.00 30.84 ? 260 VAL A CG2   1 
ATOM   790  N N     . GLY A 1 121 ? 5.621   -11.777 8.635   1.00 31.93 ? 261 GLY A N     1 
ATOM   791  C CA    . GLY A 1 121 ? 5.880   -13.008 7.907   1.00 31.61 ? 261 GLY A CA    1 
ATOM   792  C C     . GLY A 1 121 ? 7.330   -13.414 7.738   1.00 32.93 ? 261 GLY A C     1 
ATOM   793  O O     . GLY A 1 121 ? 7.586   -14.585 7.491   1.00 35.51 ? 261 GLY A O     1 
ATOM   794  N N     . ARG A 1 122 ? 8.273   -12.478 7.868   1.00 32.68 ? 262 ARG A N     1 
ATOM   795  C CA    . ARG A 1 122 ? 9.691   -12.797 7.706   1.00 30.88 ? 262 ARG A CA    1 
ATOM   796  C C     . ARG A 1 122 ? 10.435  -13.001 9.020   1.00 29.96 ? 262 ARG A C     1 
ATOM   797  O O     . ARG A 1 122 ? 10.495  -12.104 9.855   1.00 33.49 ? 262 ARG A O     1 
ATOM   798  C CB    . ARG A 1 122 ? 10.386  -11.714 6.876   1.00 32.93 ? 262 ARG A CB    1 
ATOM   799  N N     . LYS A 1 123 ? 11.000  -14.199 9.186   1.00 22.65 ? 263 LYS A N     1 
ATOM   800  C CA    . LYS A 1 123 ? 11.775  -14.576 10.380  1.00 22.65 ? 263 LYS A CA    1 
ATOM   801  C C     . LYS A 1 123 ? 12.750  -13.456 10.799  1.00 22.65 ? 263 LYS A C     1 
ATOM   802  O O     . LYS A 1 123 ? 13.833  -13.315 10.199  1.00 22.65 ? 263 LYS A O     1 
ATOM   803  C CB    . LYS A 1 123 ? 12.555  -15.892 10.107  1.00 22.65 ? 263 LYS A CB    1 
ATOM   804  N N     . ARG A 1 124 ? 12.353  -12.672 11.818  1.00 22.65 ? 264 ARG A N     1 
ATOM   805  C CA    . ARG A 1 124 ? 13.154  -11.543 12.349  1.00 22.65 ? 264 ARG A CA    1 
ATOM   806  C C     . ARG A 1 124 ? 14.486  -12.043 12.938  1.00 22.65 ? 264 ARG A C     1 
ATOM   807  O O     . ARG A 1 124 ? 15.250  -12.758 12.281  1.00 22.65 ? 264 ARG A O     1 
ATOM   808  C CB    . ARG A 1 124 ? 12.343  -10.777 13.448  1.00 22.65 ? 264 ARG A CB    1 
ATOM   809  N N     . ASN A 1 132 ? 11.554  -14.994 16.682  1.00 39.92 ? 272 ASN A N     1 
ATOM   810  C CA    . ASN A 1 132 ? 11.081  -13.959 17.595  1.00 38.60 ? 272 ASN A CA    1 
ATOM   811  C C     . ASN A 1 132 ? 9.698   -14.268 18.180  1.00 36.42 ? 272 ASN A C     1 
ATOM   812  O O     . ASN A 1 132 ? 8.733   -14.506 17.452  1.00 33.89 ? 272 ASN A O     1 
ATOM   813  C CB    . ASN A 1 132 ? 11.052  -12.605 16.880  1.00 39.90 ? 272 ASN A CB    1 
ATOM   814  C CG    . ASN A 1 132 ? 10.491  -11.504 17.752  1.00 40.76 ? 272 ASN A CG    1 
ATOM   815  O OD1   . ASN A 1 132 ? 10.921  -11.318 18.884  1.00 43.32 ? 272 ASN A OD1   1 
ATOM   816  N ND2   . ASN A 1 132 ? 9.526   -10.768 17.229  1.00 43.11 ? 272 ASN A ND2   1 
ATOM   817  N N     . ASP A 1 133 ? 9.613   -14.264 19.506  1.00 35.60 ? 273 ASP A N     1 
ATOM   818  C CA    . ASP A 1 133 ? 8.367   -14.545 20.198  1.00 34.74 ? 273 ASP A CA    1 
ATOM   819  C C     . ASP A 1 133 ? 7.246   -13.627 19.738  1.00 34.28 ? 273 ASP A C     1 
ATOM   820  O O     . ASP A 1 133 ? 6.155   -14.084 19.443  1.00 35.97 ? 273 ASP A O     1 
ATOM   821  C CB    . ASP A 1 133 ? 8.561   -14.424 21.705  1.00 34.11 ? 273 ASP A CB    1 
ATOM   822  N N     . GLU A 1 134 ? 7.510   -12.331 19.672  1.00 35.07 ? 274 GLU A N     1 
ATOM   823  C CA    . GLU A 1 134 ? 6.486   -11.386 19.244  1.00 35.62 ? 274 GLU A CA    1 
ATOM   824  C C     . GLU A 1 134 ? 5.972   -11.746 17.849  1.00 36.89 ? 274 GLU A C     1 
ATOM   825  O O     . GLU A 1 134 ? 4.774   -11.950 17.651  1.00 37.53 ? 274 GLU A O     1 
ATOM   826  C CB    . GLU A 1 134 ? 7.044   -9.954  19.230  1.00 36.81 ? 274 GLU A CB    1 
ATOM   827  C CG    . GLU A 1 134 ? 7.316   -9.316  20.602  1.00 39.01 ? 274 GLU A CG    1 
ATOM   828  C CD    . GLU A 1 134 ? 8.670   -9.698  21.198  1.00 39.94 ? 274 GLU A CD    1 
ATOM   829  O OE1   . GLU A 1 134 ? 9.087   -9.045  22.182  1.00 41.48 ? 274 GLU A OE1   1 
ATOM   830  O OE2   . GLU A 1 134 ? 9.314   -10.646 20.692  1.00 38.37 ? 274 GLU A OE2   1 
ATOM   831  N N     . ARG A 1 135 ? 6.893   -11.819 16.890  1.00 35.60 ? 275 ARG A N     1 
ATOM   832  C CA    . ARG A 1 135 ? 6.582   -12.145 15.505  1.00 32.23 ? 275 ARG A CA    1 
ATOM   833  C C     . ARG A 1 135 ? 5.763   -13.412 15.387  1.00 31.98 ? 275 ARG A C     1 
ATOM   834  O O     . ARG A 1 135 ? 4.734   -13.424 14.730  1.00 35.20 ? 275 ARG A O     1 
ATOM   835  C CB    . ARG A 1 135 ? 7.865   -12.332 14.707  1.00 32.29 ? 275 ARG A CB    1 
ATOM   836  C CG    . ARG A 1 135 ? 7.839   -11.688 13.347  1.00 35.87 ? 275 ARG A CG    1 
ATOM   837  C CD    . ARG A 1 135 ? 8.962   -12.185 12.455  1.00 39.31 ? 275 ARG A CD    1 
ATOM   838  N NE    . ARG A 1 135 ? 8.623   -13.457 11.815  1.00 47.27 ? 275 ARG A NE    1 
ATOM   839  C CZ    . ARG A 1 135 ? 8.906   -14.665 12.301  1.00 47.97 ? 275 ARG A CZ    1 
ATOM   840  N NH1   . ARG A 1 135 ? 8.537   -15.743 11.625  1.00 48.69 ? 275 ARG A NH1   1 
ATOM   841  N NH2   . ARG A 1 135 ? 9.569   -14.799 13.442  1.00 47.91 ? 275 ARG A NH2   1 
ATOM   842  N N     . GLU A 1 136 ? 6.228   -14.483 16.019  1.00 32.21 ? 276 GLU A N     1 
ATOM   843  C CA    . GLU A 1 136 ? 5.536   -15.762 15.964  1.00 29.93 ? 276 GLU A CA    1 
ATOM   844  C C     . GLU A 1 136 ? 4.135   -15.742 16.583  1.00 28.67 ? 276 GLU A C     1 
ATOM   845  O O     . GLU A 1 136 ? 3.230   -16.422 16.111  1.00 27.39 ? 276 GLU A O     1 
ATOM   846  C CB    . GLU A 1 136 ? 6.398   -16.827 16.625  1.00 30.78 ? 276 GLU A CB    1 
ATOM   847  C CG    . GLU A 1 136 ? 7.592   -17.249 15.783  1.00 37.10 ? 276 GLU A CG    1 
ATOM   848  C CD    . GLU A 1 136 ? 7.200   -17.864 14.426  1.00 42.51 ? 276 GLU A CD    1 
ATOM   849  O OE1   . GLU A 1 136 ? 8.124   -18.202 13.644  1.00 43.29 ? 276 GLU A OE1   1 
ATOM   850  O OE2   . GLU A 1 136 ? 5.985   -18.011 14.133  1.00 44.17 ? 276 GLU A OE2   1 
ATOM   851  N N     . GLN A 1 137 ? 3.951   -14.960 17.639  1.00 25.90 ? 277 GLN A N     1 
ATOM   852  C CA    . GLN A 1 137 ? 2.649   -14.870 18.269  1.00 23.42 ? 277 GLN A CA    1 
ATOM   853  C C     . GLN A 1 137 ? 1.726   -13.969 17.456  1.00 24.98 ? 277 GLN A C     1 
ATOM   854  O O     . GLN A 1 137 ? 0.504   -14.140 17.470  1.00 26.27 ? 277 GLN A O     1 
ATOM   855  C CB    . GLN A 1 137 ? 2.790   -14.376 19.703  1.00 19.73 ? 277 GLN A CB    1 
ATOM   856  C CG    . GLN A 1 137 ? 3.410   -15.425 20.564  1.00 20.32 ? 277 GLN A CG    1 
ATOM   857  C CD    . GLN A 1 137 ? 3.219   -15.189 22.036  1.00 23.30 ? 277 GLN A CD    1 
ATOM   858  O OE1   . GLN A 1 137 ? 2.290   -14.508 22.451  1.00 23.05 ? 277 GLN A OE1   1 
ATOM   859  N NE2   . GLN A 1 137 ? 4.095   -15.778 22.846  1.00 25.46 ? 277 GLN A NE2   1 
ATOM   860  N N     . THR A 1 138 ? 2.317   -13.020 16.737  1.00 23.92 ? 278 THR A N     1 
ATOM   861  C CA    . THR A 1 138 ? 1.559   -12.122 15.875  1.00 20.82 ? 278 THR A CA    1 
ATOM   862  C C     . THR A 1 138 ? 1.243   -12.865 14.565  1.00 18.58 ? 278 THR A C     1 
ATOM   863  O O     . THR A 1 138 ? 0.146   -12.751 14.033  1.00 18.22 ? 278 THR A O     1 
ATOM   864  C CB    . THR A 1 138 ? 2.363   -10.859 15.574  1.00 22.06 ? 278 THR A CB    1 
ATOM   865  O OG1   . THR A 1 138 ? 2.840   -10.316 16.806  1.00 26.52 ? 278 THR A OG1   1 
ATOM   866  C CG2   . THR A 1 138 ? 1.501   -9.821  14.886  1.00 20.35 ? 278 THR A CG2   1 
ATOM   867  N N     . LEU A 1 139 ? 2.193   -13.641 14.055  1.00 17.10 ? 279 LEU A N     1 
ATOM   868  C CA    . LEU A 1 139 ? 1.947   -14.393 12.833  1.00 17.80 ? 279 LEU A CA    1 
ATOM   869  C C     . LEU A 1 139 ? 0.848   -15.415 13.094  1.00 22.01 ? 279 LEU A C     1 
ATOM   870  O O     . LEU A 1 139 ? -0.121  -15.501 12.329  1.00 25.66 ? 279 LEU A O     1 
ATOM   871  C CB    . LEU A 1 139 ? 3.213   -15.107 12.329  1.00 11.95 ? 279 LEU A CB    1 
ATOM   872  C CG    . LEU A 1 139 ? 3.052   -16.039 11.117  1.00 6.92  ? 279 LEU A CG    1 
ATOM   873  C CD1   . LEU A 1 139 ? 2.408   -15.343 9.973   1.00 5.84  ? 279 LEU A CD1   1 
ATOM   874  C CD2   . LEU A 1 139 ? 4.398   -16.543 10.691  1.00 9.98  ? 279 LEU A CD2   1 
ATOM   875  N N     . ASN A 1 140 ? 0.980   -16.186 14.170  1.00 21.06 ? 280 ASN A N     1 
ATOM   876  C CA    . ASN A 1 140 ? -0.043  -17.177 14.483  1.00 19.70 ? 280 ASN A CA    1 
ATOM   877  C C     . ASN A 1 140 ? -1.436  -16.567 14.594  1.00 21.19 ? 280 ASN A C     1 
ATOM   878  O O     . ASN A 1 140 ? -2.373  -17.059 13.963  1.00 22.68 ? 280 ASN A O     1 
ATOM   879  C CB    . ASN A 1 140 ? 0.294   -17.919 15.772  1.00 18.36 ? 280 ASN A CB    1 
ATOM   880  C CG    . ASN A 1 140 ? 1.436   -18.876 15.591  1.00 21.12 ? 280 ASN A CG    1 
ATOM   881  O OD1   . ASN A 1 140 ? 1.473   -19.628 14.610  1.00 24.39 ? 280 ASN A OD1   1 
ATOM   882  N ND2   . ASN A 1 140 ? 2.375   -18.864 16.526  1.00 15.45 ? 280 ASN A ND2   1 
ATOM   883  N N     . GLN A 1 141 ? -1.575  -15.496 15.383  1.00 20.79 ? 281 GLN A N     1 
ATOM   884  C CA    . GLN A 1 141 ? -2.875  -14.851 15.542  1.00 19.09 ? 281 GLN A CA    1 
ATOM   885  C C     . GLN A 1 141 ? -3.459  -14.349 14.221  1.00 19.29 ? 281 GLN A C     1 
ATOM   886  O O     . GLN A 1 141 ? -4.666  -14.399 14.022  1.00 20.74 ? 281 GLN A O     1 
ATOM   887  C CB    . GLN A 1 141 ? -2.793  -13.688 16.511  1.00 17.71 ? 281 GLN A CB    1 
ATOM   888  C CG    . GLN A 1 141 ? -4.163  -13.128 16.862  1.00 17.07 ? 281 GLN A CG    1 
ATOM   889  C CD    . GLN A 1 141 ? -4.954  -14.055 17.770  1.00 18.22 ? 281 GLN A CD    1 
ATOM   890  O OE1   . GLN A 1 141 ? -6.105  -14.393 17.485  1.00 13.73 ? 281 GLN A OE1   1 
ATOM   891  N NE2   . GLN A 1 141 ? -4.339  -14.463 18.880  1.00 18.52 ? 281 GLN A NE2   1 
ATOM   892  N N     . LEU A 1 142 ? -2.614  -13.854 13.323  1.00 17.21 ? 282 LEU A N     1 
ATOM   893  C CA    . LEU A 1 142 ? -3.110  -13.379 12.042  1.00 15.52 ? 282 LEU A CA    1 
ATOM   894  C C     . LEU A 1 142 ? -3.688  -14.535 11.233  1.00 16.06 ? 282 LEU A C     1 
ATOM   895  O O     . LEU A 1 142 ? -4.755  -14.409 10.669  1.00 14.94 ? 282 LEU A O     1 
ATOM   896  C CB    . LEU A 1 142 ? -1.991  -12.705 11.248  1.00 14.95 ? 282 LEU A CB    1 
ATOM   897  C CG    . LEU A 1 142 ? -2.341  -12.214 9.834   1.00 16.38 ? 282 LEU A CG    1 
ATOM   898  C CD1   . LEU A 1 142 ? -3.606  -11.359 9.826   1.00 12.96 ? 282 LEU A CD1   1 
ATOM   899  C CD2   . LEU A 1 142 ? -1.171  -11.426 9.299   1.00 12.44 ? 282 LEU A CD2   1 
ATOM   900  N N     . LEU A 1 143 ? -2.979  -15.660 11.186  1.00 16.35 ? 283 LEU A N     1 
ATOM   901  C CA    . LEU A 1 143 ? -3.435  -16.835 10.432  1.00 15.50 ? 283 LEU A CA    1 
ATOM   902  C C     . LEU A 1 143 ? -4.806  -17.320 10.907  1.00 17.68 ? 283 LEU A C     1 
ATOM   903  O O     . LEU A 1 143 ? -5.680  -17.614 10.103  1.00 18.99 ? 283 LEU A O     1 
ATOM   904  C CB    . LEU A 1 143 ? -2.425  -17.999 10.549  1.00 12.03 ? 283 LEU A CB    1 
ATOM   905  C CG    . LEU A 1 143 ? -1.196  -18.233 9.650   1.00 8.16  ? 283 LEU A CG    1 
ATOM   906  C CD1   . LEU A 1 143 ? -1.263  -17.401 8.390   1.00 5.64  ? 283 LEU A CD1   1 
ATOM   907  C CD2   . LEU A 1 143 ? 0.057   -17.923 10.429  1.00 7.64  ? 283 LEU A CD2   1 
ATOM   908  N N     . VAL A 1 144 ? -4.979  -17.424 12.218  1.00 18.54 ? 284 VAL A N     1 
ATOM   909  C CA    . VAL A 1 144 ? -6.244  -17.856 12.785  1.00 19.63 ? 284 VAL A CA    1 
ATOM   910  C C     . VAL A 1 144 ? -7.323  -16.868 12.363  1.00 22.68 ? 284 VAL A C     1 
ATOM   911  O O     . VAL A 1 144 ? -8.366  -17.257 11.869  1.00 23.34 ? 284 VAL A O     1 
ATOM   912  C CB    . VAL A 1 144 ? -6.174  -17.919 14.335  1.00 17.66 ? 284 VAL A CB    1 
ATOM   913  C CG1   . VAL A 1 144 ? -7.535  -18.269 14.913  1.00 15.48 ? 284 VAL A CG1   1 
ATOM   914  C CG2   . VAL A 1 144 ? -5.147  -18.944 14.756  1.00 15.70 ? 284 VAL A CG2   1 
ATOM   915  N N     . GLU A 1 145 ? -7.053  -15.581 12.539  1.00 25.79 ? 285 GLU A N     1 
ATOM   916  C CA    . GLU A 1 145 ? -8.005  -14.542 12.170  1.00 28.04 ? 285 GLU A CA    1 
ATOM   917  C C     . GLU A 1 145 ? -8.483  -14.630 10.710  1.00 31.05 ? 285 GLU A C     1 
ATOM   918  O O     . GLU A 1 145 ? -9.666  -14.447 10.421  1.00 32.45 ? 285 GLU A O     1 
ATOM   919  C CB    . GLU A 1 145 ? -7.390  -13.170 12.451  1.00 25.18 ? 285 GLU A CB    1 
ATOM   920  C CG    . GLU A 1 145 ? -7.131  -12.940 13.925  1.00 27.17 ? 285 GLU A CG    1 
ATOM   921  C CD    . GLU A 1 145 ? -8.373  -13.155 14.775  1.00 30.97 ? 285 GLU A CD    1 
ATOM   922  O OE1   . GLU A 1 145 ? -8.247  -13.609 15.936  1.00 31.60 ? 285 GLU A OE1   1 
ATOM   923  O OE2   . GLU A 1 145 ? -9.484  -12.863 14.283  1.00 33.49 ? 285 GLU A OE2   1 
ATOM   924  N N     . MET A 1 146 ? -7.565  -14.928 9.800   1.00 33.84 ? 286 MET A N     1 
ATOM   925  C CA    . MET A 1 146 ? -7.890  -15.032 8.385   1.00 36.50 ? 286 MET A CA    1 
ATOM   926  C C     . MET A 1 146 ? -8.645  -16.298 8.049   1.00 36.08 ? 286 MET A C     1 
ATOM   927  O O     . MET A 1 146 ? -9.297  -16.386 7.007   1.00 36.38 ? 286 MET A O     1 
ATOM   928  C CB    . MET A 1 146 ? -6.620  -14.973 7.549   1.00 39.97 ? 286 MET A CB    1 
ATOM   929  C CG    . MET A 1 146 ? -5.911  -13.640 7.619   1.00 44.06 ? 286 MET A CG    1 
ATOM   930  S SD    . MET A 1 146 ? -5.228  -13.274 6.018   1.00 51.51 ? 286 MET A SD    1 
ATOM   931  C CE    . MET A 1 146 ? -6.718  -12.801 5.164   1.00 47.14 ? 286 MET A CE    1 
ATOM   932  N N     . ASP A 1 147 ? -8.525  -17.287 8.924   1.00 34.65 ? 287 ASP A N     1 
ATOM   933  C CA    . ASP A 1 147 ? -9.213  -18.552 8.754   1.00 33.86 ? 287 ASP A CA    1 
ATOM   934  C C     . ASP A 1 147 ? -10.517 -18.447 9.524   1.00 34.98 ? 287 ASP A C     1 
ATOM   935  O O     . ASP A 1 147 ? -11.408 -19.276 9.374   1.00 38.35 ? 287 ASP A O     1 
ATOM   936  C CB    . ASP A 1 147 ? -8.381  -19.703 9.322   1.00 31.35 ? 287 ASP A CB    1 
ATOM   937  C CG    . ASP A 1 147 ? -7.139  -19.957 8.528   1.00 28.38 ? 287 ASP A CG    1 
ATOM   938  O OD1   . ASP A 1 147 ? -7.107  -19.528 7.364   1.00 28.99 ? 287 ASP A OD1   1 
ATOM   939  O OD2   . ASP A 1 147 ? -6.209  -20.591 9.052   1.00 24.53 ? 287 ASP A OD2   1 
ATOM   940  N N     . GLY A 1 148 ? -10.609 -17.417 10.355  1.00 35.70 ? 288 GLY A N     1 
ATOM   941  C CA    . GLY A 1 148 ? -11.802 -17.203 11.146  1.00 38.77 ? 288 GLY A CA    1 
ATOM   942  C C     . GLY A 1 148 ? -12.902 -16.536 10.351  1.00 41.17 ? 288 GLY A C     1 
ATOM   943  O O     . GLY A 1 148 ? -13.891 -16.089 10.924  1.00 41.05 ? 288 GLY A O     1 
ATOM   944  N N     . PHE A 1 149 ? -12.730 -16.482 9.033   1.00 45.56 ? 289 PHE A N     1 
ATOM   945  C CA    . PHE A 1 149 ? -13.699 -15.870 8.130   1.00 49.71 ? 289 PHE A CA    1 
ATOM   946  C C     . PHE A 1 149 ? -14.788 -16.825 7.677   1.00 52.56 ? 289 PHE A C     1 
ATOM   947  O O     . PHE A 1 149 ? -14.537 -18.014 7.471   1.00 53.92 ? 289 PHE A O     1 
ATOM   948  C CB    . PHE A 1 149 ? -13.008 -15.327 6.882   1.00 49.95 ? 289 PHE A CB    1 
ATOM   949  C CG    . PHE A 1 149 ? -12.343 -14.000 7.078   1.00 51.76 ? 289 PHE A CG    1 
ATOM   950  C CD1   . PHE A 1 149 ? -12.756 -13.139 8.094   1.00 52.33 ? 289 PHE A CD1   1 
ATOM   951  C CD2   . PHE A 1 149 ? -11.340 -13.582 6.210   1.00 51.74 ? 289 PHE A CD2   1 
ATOM   952  C CE1   . PHE A 1 149 ? -12.180 -11.882 8.237   1.00 51.63 ? 289 PHE A CE1   1 
ATOM   953  C CE2   . PHE A 1 149 ? -10.761 -12.331 6.344   1.00 50.70 ? 289 PHE A CE2   1 
ATOM   954  C CZ    . PHE A 1 149 ? -11.180 -11.479 7.361   1.00 50.30 ? 289 PHE A CZ    1 
ATOM   955  N N     . GLU A 1 150 ? -15.990 -16.286 7.500   1.00 54.80 ? 290 GLU A N     1 
ATOM   956  C CA    . GLU A 1 150 ? -17.142 -17.060 7.047   1.00 58.09 ? 290 GLU A CA    1 
ATOM   957  C C     . GLU A 1 150 ? -17.385 -16.810 5.557   1.00 58.74 ? 290 GLU A C     1 
ATOM   958  O O     . GLU A 1 150 ? -16.811 -15.892 4.971   1.00 58.04 ? 290 GLU A O     1 
ATOM   959  C CB    . GLU A 1 150 ? -18.380 -16.667 7.854   1.00 59.56 ? 290 GLU A CB    1 
ATOM   960  N N     . LYS A 1 151 ? -18.229 -17.631 4.941   1.00 58.84 ? 291 LYS A N     1 
ATOM   961  C CA    . LYS A 1 151 ? -18.541 -17.459 3.522   1.00 58.62 ? 291 LYS A CA    1 
ATOM   962  C C     . LYS A 1 151 ? -19.275 -16.127 3.345   1.00 58.39 ? 291 LYS A C     1 
ATOM   963  O O     . LYS A 1 151 ? -19.214 -15.506 2.277   1.00 58.42 ? 291 LYS A O     1 
ATOM   964  C CB    . LYS A 1 151 ? -19.419 -18.627 3.014   1.00 57.94 ? 291 LYS A CB    1 
ATOM   965  N N     . ASP A 1 152 ? -19.964 -15.694 4.402   1.00 56.20 ? 292 ASP A N     1 
ATOM   966  C CA    . ASP A 1 152 ? -20.707 -14.442 4.366   1.00 54.23 ? 292 ASP A CA    1 
ATOM   967  C C     . ASP A 1 152 ? -19.942 -13.324 5.067   1.00 52.94 ? 292 ASP A C     1 
ATOM   968  O O     . ASP A 1 152 ? -20.536 -12.450 5.697   1.00 51.91 ? 292 ASP A O     1 
ATOM   969  C CB    . ASP A 1 152 ? -22.071 -14.631 5.007   1.00 52.75 ? 292 ASP A CB    1 
ATOM   970  N N     . THR A 1 153 ? -18.618 -13.356 4.955   1.00 52.88 ? 293 THR A N     1 
ATOM   971  C CA    . THR A 1 153 ? -17.801 -12.330 5.582   1.00 52.41 ? 293 THR A CA    1 
ATOM   972  C C     . THR A 1 153 ? -17.233 -11.387 4.539   1.00 52.36 ? 293 THR A C     1 
ATOM   973  O O     . THR A 1 153 ? -16.203 -11.663 3.930   1.00 52.23 ? 293 THR A O     1 
ATOM   974  C CB    . THR A 1 153 ? -16.627 -12.917 6.372   1.00 50.57 ? 293 THR A CB    1 
ATOM   975  O OG1   . THR A 1 153 ? -17.080 -14.020 7.166   1.00 50.70 ? 293 THR A OG1   1 
ATOM   976  C CG2   . THR A 1 153 ? -16.058 -11.862 7.296   1.00 48.25 ? 293 THR A CG2   1 
ATOM   977  N N     . ALA A 1 154 ? -17.931 -10.275 4.338   1.00 51.14 ? 294 ALA A N     1 
ATOM   978  C CA    . ALA A 1 154 ? -17.525 -9.255  3.389   1.00 47.55 ? 294 ALA A CA    1 
ATOM   979  C C     . ALA A 1 154 ? -16.427 -8.456  4.063   1.00 45.52 ? 294 ALA A C     1 
ATOM   980  O O     . ALA A 1 154 ? -16.666 -7.758  5.035   1.00 48.33 ? 294 ALA A O     1 
ATOM   981  C CB    . ALA A 1 154 ? -18.713 -8.351  3.047   1.00 47.27 ? 294 ALA A CB    1 
ATOM   982  N N     . ILE A 1 155 ? -15.218 -8.593  3.546   1.00 42.88 ? 295 ILE A N     1 
ATOM   983  C CA    . ILE A 1 155 ? -14.025 -7.926  4.058   1.00 39.13 ? 295 ILE A CA    1 
ATOM   984  C C     . ILE A 1 155 ? -12.846 -8.626  3.383   1.00 36.21 ? 295 ILE A C     1 
ATOM   985  O O     . ILE A 1 155 ? -12.704 -9.853  3.441   1.00 33.33 ? 295 ILE A O     1 
ATOM   986  C CB    . ILE A 1 155 ? -13.918 -8.000  5.640   1.00 39.92 ? 295 ILE A CB    1 
ATOM   987  C CG1   . ILE A 1 155 ? -12.468 -7.869  6.095   1.00 40.73 ? 295 ILE A CG1   1 
ATOM   988  C CG2   . ILE A 1 155 ? -14.513 -9.286  6.185   1.00 41.18 ? 295 ILE A CG2   1 
ATOM   989  C CD1   . ILE A 1 155 ? -12.334 -8.004  7.598   1.00 41.49 ? 295 ILE A CD1   1 
ATOM   990  N N     . VAL A 1 156 ? -12.042 -7.830  2.693   1.00 33.14 ? 296 VAL A N     1 
ATOM   991  C CA    . VAL A 1 156 ? -10.888 -8.327  1.975   1.00 31.06 ? 296 VAL A CA    1 
ATOM   992  C C     . VAL A 1 156 ? -9.635  -7.776  2.629   1.00 32.92 ? 296 VAL A C     1 
ATOM   993  O O     . VAL A 1 156 ? -9.495  -6.563  2.805   1.00 36.99 ? 296 VAL A O     1 
ATOM   994  C CB    . VAL A 1 156 ? -10.923 -7.869  0.522   1.00 29.22 ? 296 VAL A CB    1 
ATOM   995  C CG1   . VAL A 1 156 ? -9.837  -8.575  -0.262  1.00 29.66 ? 296 VAL A CG1   1 
ATOM   996  C CG2   . VAL A 1 156 ? -12.289 -8.128  -0.061  1.00 25.55 ? 296 VAL A CG2   1 
ATOM   997  N N     . VAL A 1 157 ? -8.721  -8.663  2.992   1.00 33.33 ? 297 VAL A N     1 
ATOM   998  C CA    . VAL A 1 157 ? -7.482  -8.245  3.634   1.00 30.66 ? 297 VAL A CA    1 
ATOM   999  C C     . VAL A 1 157 ? -6.404  -8.045  2.582   1.00 30.99 ? 297 VAL A C     1 
ATOM   1000 O O     . VAL A 1 157 ? -6.143  -8.927  1.765   1.00 31.39 ? 297 VAL A O     1 
ATOM   1001 C CB    . VAL A 1 157 ? -7.026  -9.299  4.671   1.00 29.14 ? 297 VAL A CB    1 
ATOM   1002 C CG1   . VAL A 1 157 ? -5.865  -8.778  5.492   1.00 27.21 ? 297 VAL A CG1   1 
ATOM   1003 C CG2   . VAL A 1 157 ? -8.189  -9.652  5.571   1.00 30.26 ? 297 VAL A CG2   1 
ATOM   1004 N N     . MET A 1 158 ? -5.794  -6.868  2.593   1.00 30.72 ? 298 MET A N     1 
ATOM   1005 C CA    . MET A 1 158 ? -4.740  -6.554  1.646   1.00 29.29 ? 298 MET A CA    1 
ATOM   1006 C C     . MET A 1 158 ? -3.440  -6.306  2.399   1.00 29.40 ? 298 MET A C     1 
ATOM   1007 O O     . MET A 1 158 ? -3.452  -5.788  3.510   1.00 31.47 ? 298 MET A O     1 
ATOM   1008 C CB    . MET A 1 158 ? -5.133  -5.328  0.823   1.00 27.42 ? 298 MET A CB    1 
ATOM   1009 C CG    . MET A 1 158 ? -6.213  -5.613  -0.186  1.00 28.97 ? 298 MET A CG    1 
ATOM   1010 S SD    . MET A 1 158 ? -6.704  -4.157  -1.091  1.00 33.31 ? 298 MET A SD    1 
ATOM   1011 C CE    . MET A 1 158 ? -5.380  -4.023  -2.302  1.00 32.48 ? 298 MET A CE    1 
ATOM   1012 N N     . ALA A 1 159 ? -2.323  -6.697  1.799   1.00 27.43 ? 299 ALA A N     1 
ATOM   1013 C CA    . ALA A 1 159 ? -1.017  -6.512  2.410   1.00 26.43 ? 299 ALA A CA    1 
ATOM   1014 C C     . ALA A 1 159 ? -0.061  -6.136  1.299   1.00 27.35 ? 299 ALA A C     1 
ATOM   1015 O O     . ALA A 1 159 ? -0.395  -6.263  0.125   1.00 28.00 ? 299 ALA A O     1 
ATOM   1016 C CB    . ALA A 1 159 ? -0.562  -7.803  3.085   1.00 22.83 ? 299 ALA A CB    1 
ATOM   1017 N N     . ALA A 1 160 ? 1.129   -5.671  1.653   1.00 29.81 ? 300 ALA A N     1 
ATOM   1018 C CA    . ALA A 1 160 ? 2.087   -5.290  0.630   1.00 32.79 ? 300 ALA A CA    1 
ATOM   1019 C C     . ALA A 1 160 ? 3.472   -5.799  0.941   1.00 35.79 ? 300 ALA A C     1 
ATOM   1020 O O     . ALA A 1 160 ? 3.894   -5.798  2.095   1.00 37.52 ? 300 ALA A O     1 
ATOM   1021 C CB    . ALA A 1 160 ? 2.106   -3.774  0.471   1.00 34.49 ? 300 ALA A CB    1 
ATOM   1022 N N     . THR A 1 161 ? 4.173   -6.239  -0.098  1.00 39.41 ? 301 THR A N     1 
ATOM   1023 C CA    . THR A 1 161 ? 5.528   -6.767  0.043   1.00 42.79 ? 301 THR A CA    1 
ATOM   1024 C C     . THR A 1 161 ? 6.338   -6.602  -1.239  1.00 45.80 ? 301 THR A C     1 
ATOM   1025 O O     . THR A 1 161 ? 5.797   -6.395  -2.330  1.00 46.06 ? 301 THR A O     1 
ATOM   1026 C CB    . THR A 1 161 ? 5.531   -8.290  0.433   1.00 41.52 ? 301 THR A CB    1 
ATOM   1027 O OG1   . THR A 1 161 ? 6.857   -8.695  0.790   1.00 36.77 ? 301 THR A OG1   1 
ATOM   1028 C CG2   . THR A 1 161 ? 5.047   -9.165  -0.735  1.00 39.61 ? 301 THR A CG2   1 
ATOM   1029 N N     . ASN A 1 162 ? 7.647   -6.722  -1.077  1.00 48.55 ? 302 ASN A N     1 
ATOM   1030 C CA    . ASN A 1 162 ? 8.608   -6.588  -2.158  1.00 51.63 ? 302 ASN A CA    1 
ATOM   1031 C C     . ASN A 1 162 ? 9.210   -7.958  -2.486  1.00 55.05 ? 302 ASN A C     1 
ATOM   1032 O O     . ASN A 1 162 ? 9.485   -8.267  -3.655  1.00 56.10 ? 302 ASN A O     1 
ATOM   1033 C CB    . ASN A 1 162 ? 9.697   -5.601  -1.710  1.00 52.13 ? 302 ASN A CB    1 
ATOM   1034 C CG    . ASN A 1 162 ? 9.548   -5.188  -0.221  1.00 22.65 ? 302 ASN A CG    1 
ATOM   1035 O OD1   . ASN A 1 162 ? 9.571   -6.055  0.686   1.00 22.65 ? 302 ASN A OD1   1 
ATOM   1036 N ND2   . ASN A 1 162 ? 9.404   -3.862  0.035   1.00 22.65 ? 302 ASN A ND2   1 
ATOM   1037 N N     . ARG A 1 163 ? 9.382   -8.777  -1.444  1.00 56.13 ? 303 ARG A N     1 
ATOM   1038 C CA    . ARG A 1 163 ? 9.968   -10.110 -1.570  1.00 56.36 ? 303 ARG A CA    1 
ATOM   1039 C C     . ARG A 1 163 ? 9.081   -11.213 -0.975  1.00 56.55 ? 303 ARG A C     1 
ATOM   1040 O O     . ARG A 1 163 ? 9.277   -11.636 0.171   1.00 57.52 ? 303 ARG A O     1 
ATOM   1041 C CB    . ARG A 1 163 ? 11.328  -10.120 -0.897  1.00 54.98 ? 303 ARG A CB    1 
ATOM   1042 N N     . PRO A 1 164 ? 8.092   -11.692 -1.752  1.00 56.20 ? 304 PRO A N     1 
ATOM   1043 C CA    . PRO A 1 164 ? 7.138   -12.743 -1.371  1.00 56.12 ? 304 PRO A CA    1 
ATOM   1044 C C     . PRO A 1 164 ? 7.786   -14.101 -1.139  1.00 56.24 ? 304 PRO A C     1 
ATOM   1045 O O     . PRO A 1 164 ? 7.266   -14.933 -0.405  1.00 56.67 ? 304 PRO A O     1 
ATOM   1046 C CB    . PRO A 1 164 ? 6.172   -12.777 -2.554  1.00 54.73 ? 304 PRO A CB    1 
ATOM   1047 C CG    . PRO A 1 164 ? 6.213   -11.400 -3.062  1.00 55.50 ? 304 PRO A CG    1 
ATOM   1048 C CD    . PRO A 1 164 ? 7.681   -11.074 -3.021  1.00 55.33 ? 304 PRO A CD    1 
ATOM   1049 N N     . ASP A 1 165 ? 8.918   -14.323 -1.787  1.00 56.21 ? 305 ASP A N     1 
ATOM   1050 C CA    . ASP A 1 165 ? 9.638   -15.574 -1.656  1.00 55.94 ? 305 ASP A CA    1 
ATOM   1051 C C     . ASP A 1 165 ? 9.981   -15.949 -0.214  1.00 54.06 ? 305 ASP A C     1 
ATOM   1052 O O     . ASP A 1 165 ? 9.734   -17.081 0.195   1.00 54.59 ? 305 ASP A O     1 
ATOM   1053 C CB    . ASP A 1 165 ? 10.916  -15.510 -2.495  1.00 59.40 ? 305 ASP A CB    1 
ATOM   1054 C CG    . ASP A 1 165 ? 11.522  -14.118 -2.522  1.00 63.74 ? 305 ASP A CG    1 
ATOM   1055 O OD1   . ASP A 1 165 ? 11.931  -13.618 -1.449  1.00 64.02 ? 305 ASP A OD1   1 
ATOM   1056 O OD2   . ASP A 1 165 ? 11.577  -13.521 -3.620  1.00 67.84 ? 305 ASP A OD2   1 
ATOM   1057 N N     . ILE A 1 166 ? 10.535  -15.007 0.553   1.00 49.57 ? 306 ILE A N     1 
ATOM   1058 C CA    . ILE A 1 166 ? 10.931  -15.272 1.940   1.00 45.65 ? 306 ILE A CA    1 
ATOM   1059 C C     . ILE A 1 166 ? 9.903   -14.892 3.013   1.00 43.92 ? 306 ILE A C     1 
ATOM   1060 O O     . ILE A 1 166 ? 10.251  -14.453 4.116   1.00 45.26 ? 306 ILE A O     1 
ATOM   1061 C CB    . ILE A 1 166 ? 12.266  -14.569 2.277   1.00 44.36 ? 306 ILE A CB    1 
ATOM   1062 C CG1   . ILE A 1 166 ? 12.123  -13.053 2.141   1.00 42.85 ? 306 ILE A CG1   1 
ATOM   1063 C CG2   . ILE A 1 166 ? 13.356  -15.091 1.363   1.00 45.43 ? 306 ILE A CG2   1 
ATOM   1064 C CD1   . ILE A 1 166 ? 13.286  -12.286 2.698   1.00 38.40 ? 306 ILE A CD1   1 
ATOM   1065 N N     . LEU A 1 167 ? 8.636   -15.081 2.674   1.00 40.83 ? 307 LEU A N     1 
ATOM   1066 C CA    . LEU A 1 167 ? 7.518   -14.788 3.559   1.00 36.77 ? 307 LEU A CA    1 
ATOM   1067 C C     . LEU A 1 167 ? 7.034   -16.168 3.963   1.00 36.43 ? 307 LEU A C     1 
ATOM   1068 O O     . LEU A 1 167 ? 7.013   -17.080 3.134   1.00 37.72 ? 307 LEU A O     1 
ATOM   1069 C CB    . LEU A 1 167 ? 6.438   -14.056 2.765   1.00 35.20 ? 307 LEU A CB    1 
ATOM   1070 C CG    . LEU A 1 167 ? 5.418   -13.098 3.367   1.00 32.36 ? 307 LEU A CG    1 
ATOM   1071 C CD1   . LEU A 1 167 ? 6.081   -12.030 4.208   1.00 32.18 ? 307 LEU A CD1   1 
ATOM   1072 C CD2   . LEU A 1 167 ? 4.665   -12.459 2.216   1.00 27.28 ? 307 LEU A CD2   1 
ATOM   1073 N N     . ASP A 1 168 ? 6.670   -16.335 5.228   1.00 33.72 ? 308 ASP A N     1 
ATOM   1074 C CA    . ASP A 1 168 ? 6.197   -17.621 5.717   1.00 30.22 ? 308 ASP A CA    1 
ATOM   1075 C C     . ASP A 1 168 ? 5.137   -18.162 4.763   1.00 28.88 ? 308 ASP A C     1 
ATOM   1076 O O     . ASP A 1 168 ? 4.091   -17.540 4.556   1.00 26.23 ? 308 ASP A O     1 
ATOM   1077 C CB    . ASP A 1 168 ? 5.604   -17.451 7.110   1.00 34.86 ? 308 ASP A CB    1 
ATOM   1078 C CG    . ASP A 1 168 ? 5.321   -18.770 7.796   1.00 37.16 ? 308 ASP A CG    1 
ATOM   1079 O OD1   . ASP A 1 168 ? 4.695   -19.653 7.166   1.00 34.60 ? 308 ASP A OD1   1 
ATOM   1080 O OD2   . ASP A 1 168 ? 5.717   -18.911 8.978   1.00 38.21 ? 308 ASP A OD2   1 
ATOM   1081 N N     . PRO A 1 169 ? 5.407   -19.328 4.153   1.00 29.04 ? 309 PRO A N     1 
ATOM   1082 C CA    . PRO A 1 169 ? 4.514   -20.001 3.205   1.00 28.76 ? 309 PRO A CA    1 
ATOM   1083 C C     . PRO A 1 169 ? 3.056   -20.073 3.639   1.00 31.35 ? 309 PRO A C     1 
ATOM   1084 O O     . PRO A 1 169 ? 2.161   -20.096 2.799   1.00 33.01 ? 309 PRO A O     1 
ATOM   1085 C CB    . PRO A 1 169 ? 5.152   -21.370 3.072   1.00 25.24 ? 309 PRO A CB    1 
ATOM   1086 C CG    . PRO A 1 169 ? 6.581   -21.036 3.118   1.00 23.80 ? 309 PRO A CG    1 
ATOM   1087 C CD    . PRO A 1 169 ? 6.664   -20.080 4.279   1.00 25.64 ? 309 PRO A CD    1 
ATOM   1088 N N     . ALA A 1 170 ? 2.827   -20.097 4.950   1.00 31.75 ? 310 ALA A N     1 
ATOM   1089 C CA    . ALA A 1 170 ? 1.479   -20.168 5.502   1.00 31.32 ? 310 ALA A CA    1 
ATOM   1090 C C     . ALA A 1 170 ? 0.637   -18.930 5.170   1.00 32.49 ? 310 ALA A C     1 
ATOM   1091 O O     . ALA A 1 170 ? -0.578  -19.018 4.958   1.00 34.73 ? 310 ALA A O     1 
ATOM   1092 C CB    . ALA A 1 170 ? 1.553   -20.353 6.982   1.00 30.28 ? 310 ALA A CB    1 
ATOM   1093 N N     . LEU A 1 171 ? 1.279   -17.770 5.126   1.00 31.32 ? 311 LEU A N     1 
ATOM   1094 C CA    . LEU A 1 171 ? 0.559   -16.553 4.807   1.00 31.37 ? 311 LEU A CA    1 
ATOM   1095 C C     . LEU A 1 171 ? -0.011  -16.643 3.398   1.00 32.19 ? 311 LEU A C     1 
ATOM   1096 O O     . LEU A 1 171 ? -0.983  -15.958 3.064   1.00 35.58 ? 311 LEU A O     1 
ATOM   1097 C CB    . LEU A 1 171 ? 1.492   -15.340 4.926   1.00 28.00 ? 311 LEU A CB    1 
ATOM   1098 C CG    . LEU A 1 171 ? 1.726   -14.874 6.363   1.00 26.00 ? 311 LEU A CG    1 
ATOM   1099 C CD1   . LEU A 1 171 ? 3.030   -14.144 6.464   1.00 21.46 ? 311 LEU A CD1   1 
ATOM   1100 C CD2   . LEU A 1 171 ? 0.566   -14.005 6.816   1.00 24.08 ? 311 LEU A CD2   1 
ATOM   1101 N N     . LEU A 1 172 ? 0.572   -17.520 2.585   1.00 32.16 ? 312 LEU A N     1 
ATOM   1102 C CA    . LEU A 1 172 ? 0.162   -17.664 1.196   1.00 32.07 ? 312 LEU A CA    1 
ATOM   1103 C C     . LEU A 1 172 ? -0.683  -18.875 0.866   1.00 35.30 ? 312 LEU A C     1 
ATOM   1104 O O     . LEU A 1 172 ? -0.982  -19.095 -0.308  1.00 38.24 ? 312 LEU A O     1 
ATOM   1105 C CB    . LEU A 1 172 ? 1.396   -17.695 0.301   1.00 26.07 ? 312 LEU A CB    1 
ATOM   1106 C CG    . LEU A 1 172 ? 2.371   -16.536 0.455   1.00 24.38 ? 312 LEU A CG    1 
ATOM   1107 C CD1   . LEU A 1 172 ? 3.695   -16.916 -0.148  1.00 20.11 ? 312 LEU A CD1   1 
ATOM   1108 C CD2   . LEU A 1 172 ? 1.792   -15.280 -0.166  1.00 24.03 ? 312 LEU A CD2   1 
ATOM   1109 N N     . ARG A 1 173 ? -1.059  -19.667 1.870   1.00 38.05 ? 313 ARG A N     1 
ATOM   1110 C CA    . ARG A 1 173 ? -1.874  -20.854 1.613   1.00 40.80 ? 313 ARG A CA    1 
ATOM   1111 C C     . ARG A 1 173 ? -3.293  -20.452 1.288   1.00 42.34 ? 313 ARG A C     1 
ATOM   1112 O O     . ARG A 1 173 ? -3.770  -19.426 1.760   1.00 43.57 ? 313 ARG A O     1 
ATOM   1113 C CB    . ARG A 1 173 ? -1.834  -21.801 2.809   1.00 42.39 ? 313 ARG A CB    1 
ATOM   1114 C CG    . ARG A 1 173 ? -0.539  -22.595 2.843   1.00 47.20 ? 313 ARG A CG    1 
ATOM   1115 C CD    . ARG A 1 173 ? -0.229  -23.147 4.212   1.00 53.51 ? 313 ARG A CD    1 
ATOM   1116 N NE    . ARG A 1 173 ? 1.173   -23.556 4.320   1.00 60.70 ? 313 ARG A NE    1 
ATOM   1117 C CZ    . ARG A 1 173 ? 1.764   -23.906 5.460   1.00 63.13 ? 313 ARG A CZ    1 
ATOM   1118 N NH1   . ARG A 1 173 ? 1.066   -23.896 6.590   1.00 63.57 ? 313 ARG A NH1   1 
ATOM   1119 N NH2   . ARG A 1 173 ? 3.046   -24.264 5.474   1.00 62.39 ? 313 ARG A NH2   1 
ATOM   1120 N N     . PRO A 1 174 ? -3.985  -21.240 0.445   1.00 44.65 ? 314 PRO A N     1 
ATOM   1121 C CA    . PRO A 1 174 ? -5.369  -20.904 0.084   1.00 45.09 ? 314 PRO A CA    1 
ATOM   1122 C C     . PRO A 1 174 ? -6.184  -20.563 1.319   1.00 44.43 ? 314 PRO A C     1 
ATOM   1123 O O     . PRO A 1 174 ? -6.043  -21.206 2.355   1.00 47.32 ? 314 PRO A O     1 
ATOM   1124 C CB    . PRO A 1 174 ? -5.862  -22.163 -0.643  1.00 43.58 ? 314 PRO A CB    1 
ATOM   1125 C CG    . PRO A 1 174 ? -4.965  -23.253 -0.127  1.00 42.85 ? 314 PRO A CG    1 
ATOM   1126 C CD    . PRO A 1 174 ? -3.622  -22.569 -0.073  1.00 44.57 ? 314 PRO A CD    1 
ATOM   1127 N N     . GLY A 1 175 ? -7.015  -19.535 1.213   1.00 43.30 ? 315 GLY A N     1 
ATOM   1128 C CA    . GLY A 1 175 ? -7.813  -19.122 2.351   1.00 40.80 ? 315 GLY A CA    1 
ATOM   1129 C C     . GLY A 1 175 ? -7.221  -17.895 3.021   1.00 38.87 ? 315 GLY A C     1 
ATOM   1130 O O     . GLY A 1 175 ? -7.886  -17.242 3.825   1.00 39.72 ? 315 GLY A O     1 
ATOM   1131 N N     . ARG A 1 176 ? -5.972  -17.583 2.675   1.00 35.37 ? 316 ARG A N     1 
ATOM   1132 C CA    . ARG A 1 176 ? -5.247  -16.439 3.221   1.00 32.52 ? 316 ARG A CA    1 
ATOM   1133 C C     . ARG A 1 176 ? -4.814  -15.488 2.110   1.00 30.59 ? 316 ARG A C     1 
ATOM   1134 O O     . ARG A 1 176 ? -5.641  -15.049 1.319   1.00 31.31 ? 316 ARG A O     1 
ATOM   1135 C CB    . ARG A 1 176 ? -4.039  -16.947 3.990   1.00 31.19 ? 316 ARG A CB    1 
ATOM   1136 C CG    . ARG A 1 176 ? -4.471  -17.771 5.141   1.00 31.89 ? 316 ARG A CG    1 
ATOM   1137 C CD    . ARG A 1 176 ? -3.434  -18.750 5.573   1.00 34.54 ? 316 ARG A CD    1 
ATOM   1138 N NE    . ARG A 1 176 ? -3.955  -19.527 6.689   1.00 37.23 ? 316 ARG A NE    1 
ATOM   1139 C CZ    . ARG A 1 176 ? -3.309  -20.527 7.272   1.00 37.86 ? 316 ARG A CZ    1 
ATOM   1140 N NH1   . ARG A 1 176 ? -2.103  -20.883 6.844   1.00 37.33 ? 316 ARG A NH1   1 
ATOM   1141 N NH2   . ARG A 1 176 ? -3.874  -21.165 8.284   1.00 37.11 ? 316 ARG A NH2   1 
ATOM   1142 N N     . PHE A 1 177 ? -3.533  -15.147 2.062   1.00 27.93 ? 317 PHE A N     1 
ATOM   1143 C CA    . PHE A 1 177 ? -3.047  -14.275 1.008   1.00 28.84 ? 317 PHE A CA    1 
ATOM   1144 C C     . PHE A 1 177 ? -2.714  -15.137 -0.205  1.00 29.61 ? 317 PHE A C     1 
ATOM   1145 O O     . PHE A 1 177 ? -1.554  -15.326 -0.550  1.00 28.32 ? 317 PHE A O     1 
ATOM   1146 C CB    . PHE A 1 177 ? -1.817  -13.500 1.486   1.00 30.83 ? 317 PHE A CB    1 
ATOM   1147 C CG    . PHE A 1 177 ? -2.132  -12.458 2.508   1.00 30.52 ? 317 PHE A CG    1 
ATOM   1148 C CD1   . PHE A 1 177 ? -2.176  -12.776 3.855   1.00 32.63 ? 317 PHE A CD1   1 
ATOM   1149 C CD2   . PHE A 1 177 ? -2.457  -11.168 2.119   1.00 30.31 ? 317 PHE A CD2   1 
ATOM   1150 C CE1   . PHE A 1 177 ? -2.548  -11.813 4.816   1.00 31.41 ? 317 PHE A CE1   1 
ATOM   1151 C CE2   . PHE A 1 177 ? -2.829  -10.205 3.064   1.00 30.97 ? 317 PHE A CE2   1 
ATOM   1152 C CZ    . PHE A 1 177 ? -2.874  -10.533 4.419   1.00 29.91 ? 317 PHE A CZ    1 
ATOM   1153 N N     . ASP A 1 178 ? -3.755  -15.649 -0.852  1.00 32.54 ? 318 ASP A N     1 
ATOM   1154 C CA    . ASP A 1 178 ? -3.605  -16.543 -2.001  1.00 36.81 ? 318 ASP A CA    1 
ATOM   1155 C C     . ASP A 1 178 ? -3.890  -15.872 -3.337  1.00 38.14 ? 318 ASP A C     1 
ATOM   1156 O O     . ASP A 1 178 ? -4.410  -16.490 -4.265  1.00 38.44 ? 318 ASP A O     1 
ATOM   1157 C CB    . ASP A 1 178 ? -4.529  -17.758 -1.829  1.00 40.95 ? 318 ASP A CB    1 
ATOM   1158 C CG    . ASP A 1 178 ? -6.006  -17.418 -2.039  1.00 46.75 ? 318 ASP A CG    1 
ATOM   1159 O OD1   . ASP A 1 178 ? -6.477  -16.371 -1.539  1.00 45.74 ? 318 ASP A OD1   1 
ATOM   1160 O OD2   . ASP A 1 178 ? -6.708  -18.214 -2.704  1.00 51.18 ? 318 ASP A OD2   1 
ATOM   1161 N N     . ARG A 1 179 ? -3.538  -14.601 -3.423  1.00 39.19 ? 319 ARG A N     1 
ATOM   1162 C CA    . ARG A 1 179 ? -3.743  -13.821 -4.626  1.00 40.14 ? 319 ARG A CA    1 
ATOM   1163 C C     . ARG A 1 179 ? -2.706  -12.712 -4.568  1.00 37.82 ? 319 ARG A C     1 
ATOM   1164 O O     . ARG A 1 179 ? -2.636  -11.969 -3.584  1.00 35.98 ? 319 ARG A O     1 
ATOM   1165 C CB    . ARG A 1 179 ? -5.162  -13.250 -4.620  1.00 46.28 ? 319 ARG A CB    1 
ATOM   1166 C CG    . ARG A 1 179 ? -5.494  -12.316 -5.760  1.00 50.53 ? 319 ARG A CG    1 
ATOM   1167 C CD    . ARG A 1 179 ? -5.535  -13.047 -7.082  1.00 59.14 ? 319 ARG A CD    1 
ATOM   1168 N NE    . ARG A 1 179 ? -6.135  -12.215 -8.119  1.00 64.91 ? 319 ARG A NE    1 
ATOM   1169 C CZ    . ARG A 1 179 ? -7.389  -11.775 -8.080  1.00 68.43 ? 319 ARG A CZ    1 
ATOM   1170 N NH1   . ARG A 1 179 ? -8.177  -12.096 -7.054  1.00 69.65 ? 319 ARG A NH1   1 
ATOM   1171 N NH2   . ARG A 1 179 ? -7.851  -11.003 -9.058  1.00 70.20 ? 319 ARG A NH2   1 
ATOM   1172 N N     . GLN A 1 180 ? -1.876  -12.625 -5.601  1.00 36.32 ? 320 GLN A N     1 
ATOM   1173 C CA    . GLN A 1 180 ? -0.838  -11.608 -5.643  1.00 35.73 ? 320 GLN A CA    1 
ATOM   1174 C C     . GLN A 1 180 ? -0.946  -10.794 -6.890  1.00 37.07 ? 320 GLN A C     1 
ATOM   1175 O O     . GLN A 1 180 ? -1.290  -11.306 -7.949  1.00 39.28 ? 320 GLN A O     1 
ATOM   1176 C CB    . GLN A 1 180 ? 0.546   -12.230 -5.607  1.00 32.41 ? 320 GLN A CB    1 
ATOM   1177 C CG    . GLN A 1 180 ? 0.847   -12.956 -4.350  1.00 30.99 ? 320 GLN A CG    1 
ATOM   1178 C CD    . GLN A 1 180 ? 2.076   -13.800 -4.473  1.00 33.59 ? 320 GLN A CD    1 
ATOM   1179 O OE1   . GLN A 1 180 ? 2.102   -14.920 -3.975  1.00 39.13 ? 320 GLN A OE1   1 
ATOM   1180 N NE2   . GLN A 1 180 ? 3.110   -13.277 -5.129  1.00 28.72 ? 320 GLN A NE2   1 
ATOM   1181 N N     . ILE A 1 181 ? -0.629  -9.515  -6.761  1.00 38.57 ? 321 ILE A N     1 
ATOM   1182 C CA    . ILE A 1 181 ? -0.689  -8.600  -7.885  1.00 38.99 ? 321 ILE A CA    1 
ATOM   1183 C C     . ILE A 1 181 ? 0.608   -7.800  -7.916  1.00 40.66 ? 321 ILE A C     1 
ATOM   1184 O O     . ILE A 1 181 ? 0.966   -7.125  -6.949  1.00 41.18 ? 321 ILE A O     1 
ATOM   1185 C CB    . ILE A 1 181 ? -1.909  -7.676  -7.745  1.00 37.48 ? 321 ILE A CB    1 
ATOM   1186 C CG1   . ILE A 1 181 ? -3.177  -8.535  -7.659  1.00 35.12 ? 321 ILE A CG1   1 
ATOM   1187 C CG2   . ILE A 1 181 ? -1.982  -6.715  -8.915  1.00 35.84 ? 321 ILE A CG2   1 
ATOM   1188 C CD1   . ILE A 1 181 ? -4.437  -7.754  -7.389  1.00 35.02 ? 321 ILE A CD1   1 
ATOM   1189 N N     . ALA A 1 182 ? 1.329   -7.919  -9.028  1.00 42.89 ? 322 ALA A N     1 
ATOM   1190 C CA    . ALA A 1 182 ? 2.599   -7.224  -9.201  1.00 43.45 ? 322 ALA A CA    1 
ATOM   1191 C C     . ALA A 1 182 ? 2.341   -5.757  -9.511  1.00 44.75 ? 322 ALA A C     1 
ATOM   1192 O O     . ALA A 1 182 ? 1.351   -5.413  -10.154 1.00 42.10 ? 322 ALA A O     1 
ATOM   1193 C CB    . ALA A 1 182 ? 3.417   -7.880  -10.332 1.00 41.97 ? 322 ALA A CB    1 
ATOM   1194 N N     . ILE A 1 183 ? 3.226   -4.895  -9.028  1.00 46.55 ? 323 ILE A N     1 
ATOM   1195 C CA    . ILE A 1 183 ? 3.086   -3.471  -9.268  1.00 48.82 ? 323 ILE A CA    1 
ATOM   1196 C C     . ILE A 1 183 ? 4.446   -2.878  -9.562  1.00 49.06 ? 323 ILE A C     1 
ATOM   1197 O O     . ILE A 1 183 ? 5.314   -2.833  -8.698  1.00 50.43 ? 323 ILE A O     1 
ATOM   1198 C CB    . ILE A 1 183 ? 2.442   -2.775  -8.079  1.00 47.57 ? 323 ILE A CB    1 
ATOM   1199 C CG1   . ILE A 1 183 ? 1.008   -3.281  -7.931  1.00 46.27 ? 323 ILE A CG1   1 
ATOM   1200 C CG2   . ILE A 1 183 ? 2.446   -1.280  -8.296  1.00 45.93 ? 323 ILE A CG2   1 
ATOM   1201 C CD1   . ILE A 1 183 ? 0.254   -2.670  -6.795  1.00 50.73 ? 323 ILE A CD1   1 
ATOM   1202 N N     . ASP A 1 184 ? 4.605   -2.418  -10.801 1.00 50.41 ? 324 ASP A N     1 
ATOM   1203 C CA    . ASP A 1 184 ? 5.860   -1.858  -11.291 1.00 51.03 ? 324 ASP A CA    1 
ATOM   1204 C C     . ASP A 1 184 ? 6.031   -0.396  -10.962 1.00 49.16 ? 324 ASP A C     1 
ATOM   1205 O O     . ASP A 1 184 ? 5.087   0.267   -10.554 1.00 48.81 ? 324 ASP A O     1 
ATOM   1206 C CB    . ASP A 1 184 ? 5.954   -2.050  -12.808 1.00 55.70 ? 324 ASP A CB    1 
ATOM   1207 C CG    . ASP A 1 184 ? 5.092   -3.205  -13.303 1.00 61.48 ? 324 ASP A CG    1 
ATOM   1208 O OD1   . ASP A 1 184 ? 3.942   -2.946  -13.743 1.00 60.07 ? 324 ASP A OD1   1 
ATOM   1209 O OD2   . ASP A 1 184 ? 5.566   -4.371  -13.225 1.00 64.13 ? 324 ASP A OD2   1 
ATOM   1210 N N     . ALA A 1 185 ? 7.254   0.093   -11.143 1.00 48.23 ? 325 ALA A N     1 
ATOM   1211 C CA    . ALA A 1 185 ? 7.569   1.486   -10.886 1.00 46.18 ? 325 ALA A CA    1 
ATOM   1212 C C     . ALA A 1 185 ? 6.551   2.328   -11.658 1.00 46.02 ? 325 ALA A C     1 
ATOM   1213 O O     . ALA A 1 185 ? 6.090   1.926   -12.735 1.00 45.05 ? 325 ALA A O     1 
ATOM   1214 C CB    . ALA A 1 185 ? 8.985   1.794   -11.352 1.00 44.56 ? 325 ALA A CB    1 
ATOM   1215 N N     . PRO A 1 186 ? 6.191   3.511   -11.121 1.00 44.69 ? 326 PRO A N     1 
ATOM   1216 C CA    . PRO A 1 186 ? 5.220   4.414   -11.748 1.00 44.32 ? 326 PRO A CA    1 
ATOM   1217 C C     . PRO A 1 186 ? 5.574   4.972   -13.133 1.00 45.04 ? 326 PRO A C     1 
ATOM   1218 O O     . PRO A 1 186 ? 6.751   5.157   -13.460 1.00 43.48 ? 326 PRO A O     1 
ATOM   1219 C CB    . PRO A 1 186 ? 5.050   5.508   -10.693 1.00 44.33 ? 326 PRO A CB    1 
ATOM   1220 C CG    . PRO A 1 186 ? 6.386   5.556   -10.043 1.00 44.43 ? 326 PRO A CG    1 
ATOM   1221 C CD    . PRO A 1 186 ? 6.733   4.104   -9.883  1.00 45.00 ? 326 PRO A CD    1 
ATOM   1222 N N     . ASP A 1 187 ? 4.541   5.217   -13.945 1.00 44.44 ? 327 ASP A N     1 
ATOM   1223 C CA    . ASP A 1 187 ? 4.714   5.778   -15.285 1.00 44.70 ? 327 ASP A CA    1 
ATOM   1224 C C     . ASP A 1 187 ? 4.900   7.303   -15.192 1.00 44.29 ? 327 ASP A C     1 
ATOM   1225 O O     . ASP A 1 187 ? 4.639   7.900   -14.142 1.00 44.29 ? 327 ASP A O     1 
ATOM   1226 C CB    . ASP A 1 187 ? 3.524   5.410   -16.195 1.00 46.37 ? 327 ASP A CB    1 
ATOM   1227 C CG    . ASP A 1 187 ? 2.183   5.896   -15.660 1.00 49.66 ? 327 ASP A CG    1 
ATOM   1228 O OD1   . ASP A 1 187 ? 1.149   5.596   -16.294 1.00 48.16 ? 327 ASP A OD1   1 
ATOM   1229 O OD2   . ASP A 1 187 ? 2.155   6.578   -14.615 1.00 51.94 ? 327 ASP A OD2   1 
ATOM   1230 N N     . VAL A 1 188 ? 5.350   7.932   -16.277 1.00 41.77 ? 328 VAL A N     1 
ATOM   1231 C CA    . VAL A 1 188 ? 5.612   9.371   -16.269 1.00 39.58 ? 328 VAL A CA    1 
ATOM   1232 C C     . VAL A 1 188 ? 4.617   10.198  -15.433 1.00 40.09 ? 328 VAL A C     1 
ATOM   1233 O O     . VAL A 1 188 ? 4.996   11.196  -14.820 1.00 40.48 ? 328 VAL A O     1 
ATOM   1234 C CB    . VAL A 1 188 ? 5.690   9.928   -17.717 1.00 36.29 ? 328 VAL A CB    1 
ATOM   1235 C CG1   . VAL A 1 188 ? 4.312   9.986   -18.362 1.00 36.05 ? 328 VAL A CG1   1 
ATOM   1236 C CG2   . VAL A 1 188 ? 6.330   11.274  -17.698 1.00 35.07 ? 328 VAL A CG2   1 
ATOM   1237 N N     . LYS A 1 189 ? 3.358   9.774   -15.385 1.00 38.85 ? 329 LYS A N     1 
ATOM   1238 C CA    . LYS A 1 189 ? 2.347   10.488  -14.610 1.00 38.24 ? 329 LYS A CA    1 
ATOM   1239 C C     . LYS A 1 189 ? 2.469   10.149  -13.119 1.00 40.10 ? 329 LYS A C     1 
ATOM   1240 O O     . LYS A 1 189 ? 2.442   11.047  -12.264 1.00 41.48 ? 329 LYS A O     1 
ATOM   1241 C CB    . LYS A 1 189 ? 0.942   10.134  -15.124 1.00 37.18 ? 329 LYS A CB    1 
ATOM   1242 C CG    . LYS A 1 189 ? -0.193  10.885  -14.433 1.00 31.10 ? 329 LYS A CG    1 
ATOM   1243 C CD    . LYS A 1 189 ? -0.004  12.361  -14.561 1.00 26.49 ? 329 LYS A CD    1 
ATOM   1244 C CE    . LYS A 1 189 ? -1.074  13.122  -13.839 1.00 25.03 ? 329 LYS A CE    1 
ATOM   1245 N NZ    . LYS A 1 189 ? -0.924  14.589  -14.067 1.00 25.74 ? 329 LYS A NZ    1 
ATOM   1246 N N     . GLY A 1 190 ? 2.592   8.856   -12.816 1.00 38.60 ? 330 GLY A N     1 
ATOM   1247 C CA    . GLY A 1 190 ? 2.741   8.426   -11.440 1.00 34.90 ? 330 GLY A CA    1 
ATOM   1248 C C     . GLY A 1 190 ? 3.931   9.156   -10.869 1.00 35.27 ? 330 GLY A C     1 
ATOM   1249 O O     . GLY A 1 190 ? 3.932   9.516   -9.693  1.00 35.54 ? 330 GLY A O     1 
ATOM   1250 N N     . ARG A 1 191 ? 4.938   9.389   -11.714 1.00 35.01 ? 331 ARG A N     1 
ATOM   1251 C CA    . ARG A 1 191 ? 6.153   10.101  -11.310 1.00 33.27 ? 331 ARG A CA    1 
ATOM   1252 C C     . ARG A 1 191 ? 5.875   11.583  -11.082 1.00 32.87 ? 331 ARG A C     1 
ATOM   1253 O O     . ARG A 1 191 ? 6.290   12.139  -10.063 1.00 32.90 ? 331 ARG A O     1 
ATOM   1254 C CB    . ARG A 1 191 ? 7.235   9.965   -12.372 1.00 33.13 ? 331 ARG A CB    1 
ATOM   1255 C CG    . ARG A 1 191 ? 7.869   8.603   -12.440 1.00 33.57 ? 331 ARG A CG    1 
ATOM   1256 C CD    . ARG A 1 191 ? 9.242   8.676   -13.103 1.00 33.56 ? 331 ARG A CD    1 
ATOM   1257 N NE    . ARG A 1 191 ? 9.177   8.789   -14.555 1.00 33.90 ? 331 ARG A NE    1 
ATOM   1258 C CZ    . ARG A 1 191 ? 8.912   7.775   -15.371 1.00 37.21 ? 331 ARG A CZ    1 
ATOM   1259 N NH1   . ARG A 1 191 ? 8.692   6.577   -14.865 1.00 41.41 ? 331 ARG A NH1   1 
ATOM   1260 N NH2   . ARG A 1 191 ? 8.863   7.951   -16.688 1.00 37.28 ? 331 ARG A NH2   1 
ATOM   1261 N N     . GLU A 1 192 ? 5.177   12.214  -12.028 1.00 29.12 ? 332 GLU A N     1 
ATOM   1262 C CA    . GLU A 1 192 ? 4.838   13.628  -11.921 1.00 27.87 ? 332 GLU A CA    1 
ATOM   1263 C C     . GLU A 1 192 ? 4.098   13.867  -10.618 1.00 27.84 ? 332 GLU A C     1 
ATOM   1264 O O     . GLU A 1 192 ? 4.315   14.876  -9.965  1.00 26.06 ? 332 GLU A O     1 
ATOM   1265 C CB    . GLU A 1 192 ? 3.971   14.059  -13.117 1.00 29.73 ? 332 GLU A CB    1 
ATOM   1266 C CG    . GLU A 1 192 ? 3.746   15.558  -13.261 1.00 28.86 ? 332 GLU A CG    1 
ATOM   1267 C CD    . GLU A 1 192 ? 2.346   15.971  -12.883 1.00 29.50 ? 332 GLU A CD    1 
ATOM   1268 O OE1   . GLU A 1 192 ? 1.916   15.693  -11.753 1.00 28.99 ? 332 GLU A OE1   1 
ATOM   1269 O OE2   . GLU A 1 192 ? 1.657   16.596  -13.708 1.00 30.41 ? 332 GLU A OE2   1 
ATOM   1270 N N     . GLN A 1 193 ? 3.237   12.925  -10.236 1.00 29.71 ? 333 GLN A N     1 
ATOM   1271 C CA    . GLN A 1 193 ? 2.444   13.037  -9.003  1.00 32.58 ? 333 GLN A CA    1 
ATOM   1272 C C     . GLN A 1 193 ? 3.272   12.974  -7.721  1.00 34.44 ? 333 GLN A C     1 
ATOM   1273 O O     . GLN A 1 193 ? 3.169   13.844  -6.847  1.00 34.46 ? 333 GLN A O     1 
ATOM   1274 C CB    . GLN A 1 193 ? 1.395   11.935  -8.941  1.00 28.89 ? 333 GLN A CB    1 
ATOM   1275 C CG    . GLN A 1 193 ? 0.241   12.123  -9.907  1.00 22.65 ? 333 GLN A CG    1 
ATOM   1276 C CD    . GLN A 1 193 ? -0.641  13.314  -9.540  1.00 22.65 ? 333 GLN A CD    1 
ATOM   1277 O OE1   . GLN A 1 193 ? -1.852  13.317  -9.811  1.00 22.65 ? 333 GLN A OE1   1 
ATOM   1278 N NE2   . GLN A 1 193 ? -0.036  14.342  -8.933  1.00 22.65 ? 333 GLN A NE2   1 
ATOM   1279 N N     . ILE A 1 194 ? 4.087   11.934  -7.598  1.00 36.54 ? 334 ILE A N     1 
ATOM   1280 C CA    . ILE A 1 194 ? 4.909   11.789  -6.418  1.00 37.73 ? 334 ILE A CA    1 
ATOM   1281 C C     . ILE A 1 194 ? 5.754   13.045  -6.248  1.00 38.57 ? 334 ILE A C     1 
ATOM   1282 O O     . ILE A 1 194 ? 5.877   13.556  -5.149  1.00 41.55 ? 334 ILE A O     1 
ATOM   1283 C CB    . ILE A 1 194 ? 5.807   10.568  -6.547  1.00 37.35 ? 334 ILE A CB    1 
ATOM   1284 C CG1   . ILE A 1 194 ? 4.938   9.303   -6.695  1.00 36.26 ? 334 ILE A CG1   1 
ATOM   1285 C CG2   . ILE A 1 194 ? 6.785   10.559  -5.387  1.00 35.14 ? 334 ILE A CG2   1 
ATOM   1286 C CD1   . ILE A 1 194 ? 5.706   8.079   -7.177  1.00 34.99 ? 334 ILE A CD1   1 
ATOM   1287 N N     . LEU A 1 195 ? 6.321   13.546  -7.343  1.00 38.60 ? 335 LEU A N     1 
ATOM   1288 C CA    . LEU A 1 195 ? 7.167   14.740  -7.305  1.00 36.68 ? 335 LEU A CA    1 
ATOM   1289 C C     . LEU A 1 195 ? 6.411   15.935  -6.782  1.00 37.11 ? 335 LEU A C     1 
ATOM   1290 O O     . LEU A 1 195 ? 6.863   16.611  -5.860  1.00 35.74 ? 335 LEU A O     1 
ATOM   1291 C CB    . LEU A 1 195 ? 7.680   15.092  -8.706  1.00 33.95 ? 335 LEU A CB    1 
ATOM   1292 C CG    . LEU A 1 195 ? 8.916   14.429  -9.307  1.00 30.49 ? 335 LEU A CG    1 
ATOM   1293 C CD1   . LEU A 1 195 ? 9.007   14.766  -10.770 1.00 28.11 ? 335 LEU A CD1   1 
ATOM   1294 C CD2   . LEU A 1 195 ? 10.157  14.905  -8.583  1.00 28.26 ? 335 LEU A CD2   1 
ATOM   1295 N N     . ARG A 1 196 ? 5.272   16.209  -7.412  1.00 39.14 ? 336 ARG A N     1 
ATOM   1296 C CA    . ARG A 1 196 ? 4.440   17.342  -7.045  1.00 40.73 ? 336 ARG A CA    1 
ATOM   1297 C C     . ARG A 1 196 ? 4.126   17.304  -5.569  1.00 41.64 ? 336 ARG A C     1 
ATOM   1298 O O     . ARG A 1 196 ? 3.993   18.349  -4.939  1.00 41.77 ? 336 ARG A O     1 
ATOM   1299 C CB    . ARG A 1 196 ? 3.142   17.328  -7.853  1.00 42.25 ? 336 ARG A CB    1 
ATOM   1300 C CG    . ARG A 1 196 ? 3.302   17.836  -9.269  1.00 44.34 ? 336 ARG A CG    1 
ATOM   1301 C CD    . ARG A 1 196 ? 2.805   19.271  -9.392  1.00 46.20 ? 336 ARG A CD    1 
ATOM   1302 N NE    . ARG A 1 196 ? 3.416   19.988  -10.514 1.00 48.93 ? 336 ARG A NE    1 
ATOM   1303 C CZ    . ARG A 1 196 ? 3.402   19.554  -11.768 1.00 49.24 ? 336 ARG A CZ    1 
ATOM   1304 N NH1   . ARG A 1 196 ? 2.802   18.401  -12.045 1.00 50.00 ? 336 ARG A NH1   1 
ATOM   1305 N NH2   . ARG A 1 196 ? 3.995   20.255  -12.732 1.00 47.58 ? 336 ARG A NH2   1 
ATOM   1306 N N     . ILE A 1 197 ? 4.014   16.099  -5.020  1.00 41.46 ? 337 ILE A N     1 
ATOM   1307 C CA    . ILE A 1 197 ? 3.694   15.940  -3.612  1.00 41.34 ? 337 ILE A CA    1 
ATOM   1308 C C     . ILE A 1 197 ? 4.849   16.383  -2.732  1.00 44.09 ? 337 ILE A C     1 
ATOM   1309 O O     . ILE A 1 197 ? 4.749   17.408  -2.053  1.00 43.60 ? 337 ILE A O     1 
ATOM   1310 C CB    . ILE A 1 197 ? 3.303   14.481  -3.317  1.00 38.31 ? 337 ILE A CB    1 
ATOM   1311 C CG1   . ILE A 1 197 ? 1.801   14.318  -3.515  1.00 35.95 ? 337 ILE A CG1   1 
ATOM   1312 C CG2   . ILE A 1 197 ? 3.701   14.096  -1.928  1.00 39.14 ? 337 ILE A CG2   1 
ATOM   1313 C CD1   . ILE A 1 197 ? 1.311   12.945  -3.183  1.00 37.44 ? 337 ILE A CD1   1 
ATOM   1314 N N     . HIS A 1 198 ? 5.938   15.615  -2.764  1.00 45.60 ? 338 HIS A N     1 
ATOM   1315 C CA    . HIS A 1 198 ? 7.134   15.915  -1.980  1.00 48.88 ? 338 HIS A CA    1 
ATOM   1316 C C     . HIS A 1 198 ? 7.613   17.351  -2.187  1.00 50.00 ? 338 HIS A C     1 
ATOM   1317 O O     . HIS A 1 198 ? 8.167   17.959  -1.273  1.00 51.63 ? 338 HIS A O     1 
ATOM   1318 C CB    . HIS A 1 198 ? 8.280   14.955  -2.338  1.00 50.03 ? 338 HIS A CB    1 
ATOM   1319 C CG    . HIS A 1 198 ? 8.028   13.533  -1.942  1.00 52.81 ? 338 HIS A CG    1 
ATOM   1320 N ND1   . HIS A 1 198 ? 7.655   13.173  -0.665  1.00 53.19 ? 338 HIS A ND1   1 
ATOM   1321 C CD2   . HIS A 1 198 ? 8.079   12.385  -2.661  1.00 54.47 ? 338 HIS A CD2   1 
ATOM   1322 C CE1   . HIS A 1 198 ? 7.482   11.863  -0.619  1.00 54.31 ? 338 HIS A CE1   1 
ATOM   1323 N NE2   . HIS A 1 198 ? 7.732   11.362  -1.815  1.00 54.86 ? 338 HIS A NE2   1 
ATOM   1324 N N     . ALA A 1 199 ? 7.408   17.890  -3.385  1.00 49.27 ? 339 ALA A N     1 
ATOM   1325 C CA    . ALA A 1 199 ? 7.848   19.245  -3.687  1.00 49.27 ? 339 ALA A CA    1 
ATOM   1326 C C     . ALA A 1 199 ? 7.098   20.262  -2.845  1.00 50.00 ? 339 ALA A C     1 
ATOM   1327 O O     . ALA A 1 199 ? 7.472   21.437  -2.798  1.00 50.77 ? 339 ALA A O     1 
ATOM   1328 C CB    . ALA A 1 199 ? 7.645   19.542  -5.159  1.00 50.41 ? 339 ALA A CB    1 
ATOM   1329 N N     . ARG A 1 200 ? 6.037   19.809  -2.184  1.00 50.21 ? 340 ARG A N     1 
ATOM   1330 C CA    . ARG A 1 200 ? 5.233   20.688  -1.347  1.00 51.00 ? 340 ARG A CA    1 
ATOM   1331 C C     . ARG A 1 200 ? 6.049   21.183  -0.153  1.00 51.87 ? 340 ARG A C     1 
ATOM   1332 O O     . ARG A 1 200 ? 6.515   20.390  0.676   1.00 51.74 ? 340 ARG A O     1 
ATOM   1333 C CB    . ARG A 1 200 ? 3.972   19.957  -0.883  1.00 50.92 ? 340 ARG A CB    1 
ATOM   1334 N N     . GLY A 1 201 ? 6.214   22.500  -0.068  1.00 51.64 ? 341 GLY A N     1 
ATOM   1335 C CA    . GLY A 1 201 ? 6.987   23.074  1.016   1.00 51.00 ? 341 GLY A CA    1 
ATOM   1336 C C     . GLY A 1 201 ? 8.436   23.295  0.606   1.00 51.97 ? 341 GLY A C     1 
ATOM   1337 O O     . GLY A 1 201 ? 9.280   23.608  1.445   1.00 54.56 ? 341 GLY A O     1 
ATOM   1338 N N     . LYS A 1 202 ? 8.723   23.120  -0.686  1.00 50.38 ? 342 LYS A N     1 
ATOM   1339 C CA    . LYS A 1 202 ? 10.069  23.312  -1.229  1.00 48.30 ? 342 LYS A CA    1 
ATOM   1340 C C     . LYS A 1 202 ? 10.092  24.425  -2.280  1.00 49.82 ? 342 LYS A C     1 
ATOM   1341 O O     . LYS A 1 202 ? 9.763   24.201  -3.442  1.00 51.03 ? 342 LYS A O     1 
ATOM   1342 C CB    . LYS A 1 202 ? 10.592  22.016  -1.859  1.00 44.91 ? 342 LYS A CB    1 
ATOM   1343 C CG    . LYS A 1 202 ? 10.993  20.938  -0.865  1.00 42.88 ? 342 LYS A CG    1 
ATOM   1344 C CD    . LYS A 1 202 ? 11.979  19.969  -1.508  1.00 40.83 ? 342 LYS A CD    1 
ATOM   1345 C CE    . LYS A 1 202 ? 12.587  18.990  -0.512  1.00 36.10 ? 342 LYS A CE    1 
ATOM   1346 N NZ    . LYS A 1 202 ? 11.598  18.007  -0.004  1.00 39.07 ? 342 LYS A NZ    1 
ATOM   1347 N N     . PRO A 1 203 ? 10.500  25.637  -1.884  1.00 49.53 ? 343 PRO A N     1 
ATOM   1348 C CA    . PRO A 1 203 ? 10.572  26.795  -2.777  1.00 50.36 ? 343 PRO A CA    1 
ATOM   1349 C C     . PRO A 1 203 ? 11.281  26.472  -4.088  1.00 50.61 ? 343 PRO A C     1 
ATOM   1350 O O     . PRO A 1 203 ? 12.511  26.359  -4.123  1.00 52.55 ? 343 PRO A O     1 
ATOM   1351 C CB    . PRO A 1 203 ? 11.357  27.814  -1.957  1.00 52.20 ? 343 PRO A CB    1 
ATOM   1352 C CG    . PRO A 1 203 ? 11.037  27.449  -0.559  1.00 53.05 ? 343 PRO A CG    1 
ATOM   1353 C CD    . PRO A 1 203 ? 11.095  25.953  -0.577  1.00 50.92 ? 343 PRO A CD    1 
ATOM   1354 N N     . LEU A 1 204 ? 10.504  26.338  -5.160  1.00 48.78 ? 344 LEU A N     1 
ATOM   1355 C CA    . LEU A 1 204 ? 11.043  26.034  -6.481  1.00 44.97 ? 344 LEU A CA    1 
ATOM   1356 C C     . LEU A 1 204 ? 11.162  27.318  -7.290  1.00 43.82 ? 344 LEU A C     1 
ATOM   1357 O O     . LEU A 1 204 ? 10.397  28.249  -7.086  1.00 45.48 ? 344 LEU A O     1 
ATOM   1358 C CB    . LEU A 1 204 ? 10.117  25.056  -7.212  1.00 41.95 ? 344 LEU A CB    1 
ATOM   1359 C CG    . LEU A 1 204 ? 9.852   23.674  -6.608  1.00 40.58 ? 344 LEU A CG    1 
ATOM   1360 C CD1   . LEU A 1 204 ? 8.744   23.008  -7.394  1.00 38.40 ? 344 LEU A CD1   1 
ATOM   1361 C CD2   . LEU A 1 204 ? 11.121  22.814  -6.634  1.00 41.36 ? 344 LEU A CD2   1 
ATOM   1362 N N     . ALA A 1 205 ? 12.125  27.365  -8.200  1.00 42.92 ? 345 ALA A N     1 
ATOM   1363 C CA    . ALA A 1 205 ? 12.320  28.533  -9.055  1.00 41.66 ? 345 ALA A CA    1 
ATOM   1364 C C     . ALA A 1 205 ? 11.338  28.438  -10.226 1.00 42.61 ? 345 ALA A C     1 
ATOM   1365 O O     . ALA A 1 205 ? 10.619  27.441  -10.366 1.00 43.70 ? 345 ALA A O     1 
ATOM   1366 C CB    . ALA A 1 205 ? 13.744  28.569  -9.577  1.00 39.70 ? 345 ALA A CB    1 
ATOM   1367 N N     . GLU A 1 206 ? 11.313  29.459  -11.078 1.00 39.71 ? 346 GLU A N     1 
ATOM   1368 C CA    . GLU A 1 206 ? 10.395  29.448  -12.204 1.00 36.14 ? 346 GLU A CA    1 
ATOM   1369 C C     . GLU A 1 206 ? 10.802  28.485  -13.325 1.00 34.87 ? 346 GLU A C     1 
ATOM   1370 O O     . GLU A 1 206 ? 9.976   28.147  -14.169 1.00 36.40 ? 346 GLU A O     1 
ATOM   1371 C CB    . GLU A 1 206 ? 10.224  30.868  -12.755 1.00 33.33 ? 346 GLU A CB    1 
ATOM   1372 N N     . ASP A 1 207 ? 12.055  28.030  -13.336 1.00 32.11 ? 347 ASP A N     1 
ATOM   1373 C CA    . ASP A 1 207 ? 12.509  27.120  -14.395 1.00 31.00 ? 347 ASP A CA    1 
ATOM   1374 C C     . ASP A 1 207 ? 12.272  25.641  -14.080 1.00 31.25 ? 347 ASP A C     1 
ATOM   1375 O O     . ASP A 1 207 ? 12.627  24.758  -14.865 1.00 31.35 ? 347 ASP A O     1 
ATOM   1376 C CB    . ASP A 1 207 ? 13.999  27.344  -14.724 1.00 28.33 ? 347 ASP A CB    1 
ATOM   1377 C CG    . ASP A 1 207 ? 14.921  27.080  -13.539 1.00 30.96 ? 347 ASP A CG    1 
ATOM   1378 O OD1   . ASP A 1 207 ? 14.707  26.095  -12.807 1.00 32.36 ? 347 ASP A OD1   1 
ATOM   1379 O OD2   . ASP A 1 207 ? 15.884  27.848  -13.344 1.00 32.25 ? 347 ASP A OD2   1 
ATOM   1380 N N     . VAL A 1 208 ? 11.661  25.373  -12.935 1.00 29.68 ? 348 VAL A N     1 
ATOM   1381 C CA    . VAL A 1 208 ? 11.417  24.001  -12.544 1.00 27.76 ? 348 VAL A CA    1 
ATOM   1382 C C     . VAL A 1 208 ? 10.257  23.424  -13.322 1.00 25.75 ? 348 VAL A C     1 
ATOM   1383 O O     . VAL A 1 208 ? 9.131   23.876  -13.183 1.00 28.80 ? 348 VAL A O     1 
ATOM   1384 C CB    . VAL A 1 208 ? 11.107  23.902  -11.042 1.00 28.43 ? 348 VAL A CB    1 
ATOM   1385 C CG1   . VAL A 1 208 ? 10.994  22.445  -10.642 1.00 26.38 ? 348 VAL A CG1   1 
ATOM   1386 C CG2   . VAL A 1 208 ? 12.187  24.612  -10.240 1.00 27.53 ? 348 VAL A CG2   1 
ATOM   1387 N N     . ASP A 1 209 ? 10.534  22.427  -14.148 1.00 23.29 ? 349 ASP A N     1 
ATOM   1388 C CA    . ASP A 1 209 ? 9.488   21.788  -14.937 1.00 20.74 ? 349 ASP A CA    1 
ATOM   1389 C C     . ASP A 1 209 ? 9.301   20.376  -14.399 1.00 19.37 ? 349 ASP A C     1 
ATOM   1390 O O     . ASP A 1 209 ? 9.889   19.431  -14.923 1.00 20.03 ? 349 ASP A O     1 
ATOM   1391 C CB    . ASP A 1 209 ? 9.905   21.750  -16.404 1.00 19.59 ? 349 ASP A CB    1 
ATOM   1392 C CG    . ASP A 1 209 ? 8.774   21.384  -17.340 1.00 21.06 ? 349 ASP A CG    1 
ATOM   1393 O OD1   . ASP A 1 209 ? 8.880   21.775  -18.514 1.00 27.12 ? 349 ASP A OD1   1 
ATOM   1394 O OD2   . ASP A 1 209 ? 7.801   20.714  -16.941 1.00 19.13 ? 349 ASP A OD2   1 
ATOM   1395 N N     . LEU A 1 210 ? 8.493   20.243  -13.344 1.00 17.67 ? 350 LEU A N     1 
ATOM   1396 C CA    . LEU A 1 210 ? 8.242   18.949  -12.722 1.00 16.27 ? 350 LEU A CA    1 
ATOM   1397 C C     . LEU A 1 210 ? 7.676   17.977  -13.729 1.00 16.81 ? 350 LEU A C     1 
ATOM   1398 O O     . LEU A 1 210 ? 7.903   16.767  -13.646 1.00 16.04 ? 350 LEU A O     1 
ATOM   1399 C CB    . LEU A 1 210 ? 7.294   19.098  -11.538 1.00 14.08 ? 350 LEU A CB    1 
ATOM   1400 C CG    . LEU A 1 210 ? 7.927   19.054  -10.145 1.00 18.13 ? 350 LEU A CG    1 
ATOM   1401 C CD1   . LEU A 1 210 ? 9.236   19.836  -10.106 1.00 13.53 ? 350 LEU A CD1   1 
ATOM   1402 C CD2   . LEU A 1 210 ? 6.934   19.598  -9.143  1.00 16.58 ? 350 LEU A CD2   1 
ATOM   1403 N N     . ALA A 1 211 ? 6.937   18.504  -14.694 1.00 17.43 ? 351 ALA A N     1 
ATOM   1404 C CA    . ALA A 1 211 ? 6.386   17.647  -15.724 1.00 18.94 ? 351 ALA A CA    1 
ATOM   1405 C C     . ALA A 1 211 ? 7.560   16.994  -16.430 1.00 19.96 ? 351 ALA A C     1 
ATOM   1406 O O     . ALA A 1 211 ? 7.589   15.777  -16.590 1.00 23.17 ? 351 ALA A O     1 
ATOM   1407 C CB    . ALA A 1 211 ? 5.574   18.457  -16.697 1.00 23.94 ? 351 ALA A CB    1 
ATOM   1408 N N     . LEU A 1 212 ? 8.536   17.811  -16.836 1.00 21.56 ? 352 LEU A N     1 
ATOM   1409 C CA    . LEU A 1 212 ? 9.736   17.322  -17.518 1.00 20.13 ? 352 LEU A CA    1 
ATOM   1410 C C     . LEU A 1 212 ? 10.597  16.464  -16.599 1.00 21.52 ? 352 LEU A C     1 
ATOM   1411 O O     . LEU A 1 212 ? 11.134  15.451  -17.033 1.00 22.36 ? 352 LEU A O     1 
ATOM   1412 C CB    . LEU A 1 212 ? 10.578  18.491  -18.044 1.00 19.86 ? 352 LEU A CB    1 
ATOM   1413 C CG    . LEU A 1 212 ? 11.895  18.140  -18.762 1.00 19.34 ? 352 LEU A CG    1 
ATOM   1414 C CD1   . LEU A 1 212 ? 11.641  17.510  -20.120 1.00 16.80 ? 352 LEU A CD1   1 
ATOM   1415 C CD2   . LEU A 1 212 ? 12.702  19.378  -18.925 1.00 14.79 ? 352 LEU A CD2   1 
ATOM   1416 N N     . LEU A 1 213 ? 10.732  16.858  -15.332 1.00 24.94 ? 353 LEU A N     1 
ATOM   1417 C CA    . LEU A 1 213 ? 11.549  16.072  -14.410 1.00 28.26 ? 353 LEU A CA    1 
ATOM   1418 C C     . LEU A 1 213 ? 11.106  14.626  -14.446 1.00 29.86 ? 353 LEU A C     1 
ATOM   1419 O O     . LEU A 1 213 ? 11.938  13.743  -14.591 1.00 30.68 ? 353 LEU A O     1 
ATOM   1420 C CB    . LEU A 1 213 ? 11.462  16.578  -12.968 1.00 26.16 ? 353 LEU A CB    1 
ATOM   1421 C CG    . LEU A 1 213 ? 12.778  16.428  -12.178 1.00 25.59 ? 353 LEU A CG    1 
ATOM   1422 C CD1   . LEU A 1 213 ? 12.471  16.395  -10.694 1.00 23.44 ? 353 LEU A CD1   1 
ATOM   1423 C CD2   . LEU A 1 213 ? 13.528  15.169  -12.586 1.00 22.00 ? 353 LEU A CD2   1 
ATOM   1424 N N     . ALA A 1 214 ? 9.794   14.402  -14.318 1.00 32.20 ? 354 ALA A N     1 
ATOM   1425 C CA    . ALA A 1 214 ? 9.196   13.058  -14.345 1.00 32.99 ? 354 ALA A CA    1 
ATOM   1426 C C     . ALA A 1 214 ? 9.470   12.390  -15.678 1.00 33.19 ? 354 ALA A C     1 
ATOM   1427 O O     . ALA A 1 214 ? 9.835   11.220  -15.735 1.00 33.32 ? 354 ALA A O     1 
ATOM   1428 C CB    . ALA A 1 214 ? 7.688   13.142  -14.119 1.00 32.20 ? 354 ALA A CB    1 
ATOM   1429 N N     . LYS A 1 215 ? 9.301   13.158  -16.746 1.00 34.15 ? 355 LYS A N     1 
ATOM   1430 C CA    . LYS A 1 215 ? 9.516   12.673  -18.097 1.00 37.09 ? 355 LYS A CA    1 
ATOM   1431 C C     . LYS A 1 215 ? 10.920  12.137  -18.349 1.00 38.55 ? 355 LYS A C     1 
ATOM   1432 O O     . LYS A 1 215 ? 11.153  11.470  -19.347 1.00 41.45 ? 355 LYS A O     1 
ATOM   1433 C CB    . LYS A 1 215 ? 9.219   13.793  -19.089 1.00 36.51 ? 355 LYS A CB    1 
ATOM   1434 C CG    . LYS A 1 215 ? 8.467   13.332  -20.323 1.00 41.05 ? 355 LYS A CG    1 
ATOM   1435 C CD    . LYS A 1 215 ? 7.992   14.498  -21.193 1.00 41.96 ? 355 LYS A CD    1 
ATOM   1436 C CE    . LYS A 1 215 ? 9.174   15.170  -21.850 1.00 44.56 ? 355 LYS A CE    1 
ATOM   1437 N NZ    . LYS A 1 215 ? 10.143  14.130  -22.329 1.00 43.82 ? 355 LYS A NZ    1 
ATOM   1438 N N     . ARG A 1 216 ? 11.847  12.401  -17.438 1.00 41.11 ? 356 ARG A N     1 
ATOM   1439 C CA    . ARG A 1 216 ? 13.234  11.973  -17.622 1.00 43.34 ? 356 ARG A CA    1 
ATOM   1440 C C     . ARG A 1 216 ? 13.824  11.066  -16.531 1.00 44.29 ? 356 ARG A C     1 
ATOM   1441 O O     . ARG A 1 216 ? 15.019  10.743  -16.539 1.00 43.46 ? 356 ARG A O     1 
ATOM   1442 C CB    . ARG A 1 216 ? 14.107  13.215  -17.783 1.00 45.10 ? 356 ARG A CB    1 
ATOM   1443 C CG    . ARG A 1 216 ? 13.522  14.224  -18.756 1.00 47.67 ? 356 ARG A CG    1 
ATOM   1444 C CD    . ARG A 1 216 ? 14.575  15.184  -19.227 1.00 48.81 ? 356 ARG A CD    1 
ATOM   1445 N NE    . ARG A 1 216 ? 15.644  14.499  -19.946 1.00 47.41 ? 356 ARG A NE    1 
ATOM   1446 C CZ    . ARG A 1 216 ? 16.753  15.097  -20.366 1.00 47.94 ? 356 ARG A CZ    1 
ATOM   1447 N NH1   . ARG A 1 216 ? 16.926  16.392  -20.129 1.00 48.82 ? 356 ARG A NH1   1 
ATOM   1448 N NH2   . ARG A 1 216 ? 17.683  14.410  -21.023 1.00 47.74 ? 356 ARG A NH2   1 
ATOM   1449 N N     . THR A 1 217 ? 12.984  10.659  -15.591 1.00 44.28 ? 357 THR A N     1 
ATOM   1450 C CA    . THR A 1 217 ? 13.430  9.786   -14.526 1.00 43.22 ? 357 THR A CA    1 
ATOM   1451 C C     . THR A 1 217 ? 12.669  8.473   -14.633 1.00 44.63 ? 357 THR A C     1 
ATOM   1452 O O     . THR A 1 217 ? 11.931  8.104   -13.722 1.00 46.86 ? 357 THR A O     1 
ATOM   1453 C CB    . THR A 1 217 ? 13.162  10.406  -13.147 1.00 41.93 ? 357 THR A CB    1 
ATOM   1454 O OG1   . THR A 1 217 ? 11.803  10.846  -13.086 1.00 42.53 ? 357 THR A OG1   1 
ATOM   1455 C CG2   . THR A 1 217 ? 14.083  11.575  -12.897 1.00 38.89 ? 357 THR A CG2   1 
ATOM   1456 N N     . PRO A 1 218 ? 12.817  7.756   -15.763 1.00 43.36 ? 358 PRO A N     1 
ATOM   1457 C CA    . PRO A 1 218 ? 12.110  6.487   -15.907 1.00 41.75 ? 358 PRO A CA    1 
ATOM   1458 C C     . PRO A 1 218 ? 12.777  5.393   -15.071 1.00 42.11 ? 358 PRO A C     1 
ATOM   1459 O O     . PRO A 1 218 ? 14.000  5.325   -14.974 1.00 41.18 ? 358 PRO A O     1 
ATOM   1460 C CB    . PRO A 1 218 ? 12.191  6.229   -17.406 1.00 40.72 ? 358 PRO A CB    1 
ATOM   1461 C CG    . PRO A 1 218 ? 13.475  6.795   -17.762 1.00 41.18 ? 358 PRO A CG    1 
ATOM   1462 C CD    . PRO A 1 218 ? 13.513  8.097   -17.013 1.00 42.18 ? 358 PRO A CD    1 
ATOM   1463 N N     . GLY A 1 219 ? 11.964  4.541   -14.458 1.00 43.10 ? 359 GLY A N     1 
ATOM   1464 C CA    . GLY A 1 219 ? 12.518  3.487   -13.638 1.00 44.62 ? 359 GLY A CA    1 
ATOM   1465 C C     . GLY A 1 219 ? 12.696  3.969   -12.212 1.00 46.25 ? 359 GLY A C     1 
ATOM   1466 O O     . GLY A 1 219 ? 13.075  3.204   -11.324 1.00 49.62 ? 359 GLY A O     1 
ATOM   1467 N N     . PHE A 1 220 ? 12.439  5.247   -11.982 1.00 44.85 ? 360 PHE A N     1 
ATOM   1468 C CA    . PHE A 1 220 ? 12.561  5.782   -10.639 1.00 43.44 ? 360 PHE A CA    1 
ATOM   1469 C C     . PHE A 1 220 ? 11.353  5.348   -9.819  1.00 44.40 ? 360 PHE A C     1 
ATOM   1470 O O     . PHE A 1 220 ? 10.260  5.172   -10.354 1.00 44.98 ? 360 PHE A O     1 
ATOM   1471 C CB    . PHE A 1 220 ? 12.639  7.311   -10.670 1.00 41.82 ? 360 PHE A CB    1 
ATOM   1472 C CG    . PHE A 1 220 ? 14.000  7.842   -10.989 1.00 38.42 ? 360 PHE A CG    1 
ATOM   1473 C CD1   . PHE A 1 220 ? 14.683  7.415   -12.130 1.00 37.98 ? 360 PHE A CD1   1 
ATOM   1474 C CD2   . PHE A 1 220 ? 14.592  8.788   -10.163 1.00 35.71 ? 360 PHE A CD2   1 
ATOM   1475 C CE1   . PHE A 1 220 ? 15.941  7.925   -12.450 1.00 35.91 ? 360 PHE A CE1   1 
ATOM   1476 C CE2   . PHE A 1 220 ? 15.845  9.306   -10.471 1.00 35.58 ? 360 PHE A CE2   1 
ATOM   1477 C CZ    . PHE A 1 220 ? 16.523  8.873   -11.620 1.00 35.94 ? 360 PHE A CZ    1 
ATOM   1478 N N     . VAL A 1 221 ? 11.570  5.172   -8.519  1.00 45.28 ? 361 VAL A N     1 
ATOM   1479 C CA    . VAL A 1 221 ? 10.522  4.772   -7.589  1.00 43.72 ? 361 VAL A CA    1 
ATOM   1480 C C     . VAL A 1 221 ? 10.325  5.981   -6.671  1.00 44.03 ? 361 VAL A C     1 
ATOM   1481 O O     . VAL A 1 221 ? 11.156  6.884   -6.670  1.00 42.59 ? 361 VAL A O     1 
ATOM   1482 C CB    . VAL A 1 221 ? 10.957  3.518   -6.755  1.00 43.13 ? 361 VAL A CB    1 
ATOM   1483 C CG1   . VAL A 1 221 ? 11.705  2.544   -7.640  1.00 37.44 ? 361 VAL A CG1   1 
ATOM   1484 C CG2   . VAL A 1 221 ? 11.811  3.930   -5.564  1.00 42.84 ? 361 VAL A CG2   1 
ATOM   1485 N N     . GLY A 1 222 ? 9.241   6.004   -5.898  1.00 45.75 ? 362 GLY A N     1 
ATOM   1486 C CA    . GLY A 1 222 ? 8.978   7.131   -5.009  1.00 48.05 ? 362 GLY A CA    1 
ATOM   1487 C C     . GLY A 1 222 ? 10.121  7.532   -4.086  1.00 48.79 ? 362 GLY A C     1 
ATOM   1488 O O     . GLY A 1 222 ? 10.149  8.640   -3.548  1.00 47.62 ? 362 GLY A O     1 
ATOM   1489 N N     . ALA A 1 223 ? 11.064  6.616   -3.897  1.00 50.88 ? 363 ALA A N     1 
ATOM   1490 C CA    . ALA A 1 223 ? 12.213  6.846   -3.038  1.00 52.06 ? 363 ALA A CA    1 
ATOM   1491 C C     . ALA A 1 223 ? 13.233  7.712   -3.767  1.00 52.14 ? 363 ALA A C     1 
ATOM   1492 O O     . ALA A 1 223 ? 13.680  8.743   -3.253  1.00 50.00 ? 363 ALA A O     1 
ATOM   1493 C CB    . ALA A 1 223 ? 12.834  5.513   -2.655  1.00 53.55 ? 363 ALA A CB    1 
ATOM   1494 N N     . ASP A 1 224 ? 13.599  7.273   -4.968  1.00 52.42 ? 364 ASP A N     1 
ATOM   1495 C CA    . ASP A 1 224 ? 14.549  7.991   -5.805  1.00 51.62 ? 364 ASP A CA    1 
ATOM   1496 C C     . ASP A 1 224 ? 14.062  9.414   -6.074  1.00 51.73 ? 364 ASP A C     1 
ATOM   1497 O O     . ASP A 1 224 ? 14.849  10.362  -6.062  1.00 52.27 ? 364 ASP A O     1 
ATOM   1498 C CB    . ASP A 1 224 ? 14.727  7.243   -7.121  1.00 50.56 ? 364 ASP A CB    1 
ATOM   1499 C CG    . ASP A 1 224 ? 14.991  5.775   -6.905  1.00 50.88 ? 364 ASP A CG    1 
ATOM   1500 O OD1   . ASP A 1 224 ? 15.397  5.437   -5.770  1.00 47.67 ? 364 ASP A OD1   1 
ATOM   1501 O OD2   . ASP A 1 224 ? 14.806  4.970   -7.852  1.00 49.80 ? 364 ASP A OD2   1 
ATOM   1502 N N     . LEU A 1 225 ? 12.758  9.551   -6.305  1.00 51.37 ? 365 LEU A N     1 
ATOM   1503 C CA    . LEU A 1 225 ? 12.141  10.840  -6.589  1.00 50.34 ? 365 LEU A CA    1 
ATOM   1504 C C     . LEU A 1 225 ? 11.978  11.726  -5.360  1.00 50.73 ? 365 LEU A C     1 
ATOM   1505 O O     . LEU A 1 225 ? 11.678  12.905  -5.491  1.00 52.60 ? 365 LEU A O     1 
ATOM   1506 C CB    . LEU A 1 225 ? 10.781  10.634  -7.269  1.00 47.80 ? 365 LEU A CB    1 
ATOM   1507 C CG    . LEU A 1 225 ? 10.842  9.953   -8.643  1.00 47.93 ? 365 LEU A CG    1 
ATOM   1508 C CD1   . LEU A 1 225 ? 9.458   9.511   -9.090  1.00 48.60 ? 365 LEU A CD1   1 
ATOM   1509 C CD2   . LEU A 1 225 ? 11.452  10.902  -9.655  1.00 48.14 ? 365 LEU A CD2   1 
ATOM   1510 N N     . GLU A 1 226 ? 12.179  11.178  -4.167  1.00 51.66 ? 366 GLU A N     1 
ATOM   1511 C CA    . GLU A 1 226 ? 12.038  11.979  -2.951  1.00 51.68 ? 366 GLU A CA    1 
ATOM   1512 C C     . GLU A 1 226 ? 13.386  12.530  -2.467  1.00 52.01 ? 366 GLU A C     1 
ATOM   1513 O O     . GLU A 1 226 ? 13.452  13.618  -1.881  1.00 51.66 ? 366 GLU A O     1 
ATOM   1514 C CB    . GLU A 1 226 ? 11.375  11.151  -1.849  1.00 51.22 ? 366 GLU A CB    1 
ATOM   1515 N N     . ASN A 1 227 ? 14.459  11.780  -2.711  1.00 51.69 ? 367 ASN A N     1 
ATOM   1516 C CA    . ASN A 1 227 ? 15.790  12.211  -2.299  1.00 51.00 ? 367 ASN A CA    1 
ATOM   1517 C C     . ASN A 1 227 ? 16.286  13.299  -3.253  1.00 50.83 ? 367 ASN A C     1 
ATOM   1518 O O     . ASN A 1 227 ? 16.872  14.299  -2.824  1.00 49.96 ? 367 ASN A O     1 
ATOM   1519 C CB    . ASN A 1 227 ? 16.754  11.025  -2.301  1.00 49.88 ? 367 ASN A CB    1 
ATOM   1520 N N     . LEU A 1 228 ? 16.036  13.086  -4.546  1.00 48.64 ? 368 LEU A N     1 
ATOM   1521 C CA    . LEU A 1 228 ? 16.416  14.010  -5.615  1.00 44.34 ? 368 LEU A CA    1 
ATOM   1522 C C     . LEU A 1 228 ? 16.014  15.435  -5.229  1.00 43.08 ? 368 LEU A C     1 
ATOM   1523 O O     . LEU A 1 228 ? 16.782  16.380  -5.406  1.00 42.92 ? 368 LEU A O     1 
ATOM   1524 C CB    . LEU A 1 228 ? 15.713  13.579  -6.904  1.00 41.83 ? 368 LEU A CB    1 
ATOM   1525 C CG    . LEU A 1 228 ? 16.078  14.121  -8.280  1.00 38.65 ? 368 LEU A CG    1 
ATOM   1526 C CD1   . LEU A 1 228 ? 15.309  13.319  -9.304  1.00 37.30 ? 368 LEU A CD1   1 
ATOM   1527 C CD2   . LEU A 1 228 ? 15.740  15.592  -8.403  1.00 38.35 ? 368 LEU A CD2   1 
ATOM   1528 N N     . LEU A 1 229 ? 14.806  15.581  -4.696  1.00 42.51 ? 369 LEU A N     1 
ATOM   1529 C CA    . LEU A 1 229 ? 14.314  16.882  -4.261  1.00 43.44 ? 369 LEU A CA    1 
ATOM   1530 C C     . LEU A 1 229 ? 15.048  17.302  -2.985  1.00 45.66 ? 369 LEU A C     1 
ATOM   1531 O O     . LEU A 1 229 ? 15.592  18.407  -2.902  1.00 44.87 ? 369 LEU A O     1 
ATOM   1532 C CB    . LEU A 1 229 ? 12.803  16.817  -4.009  1.00 39.88 ? 369 LEU A CB    1 
ATOM   1533 C CG    . LEU A 1 229 ? 11.932  16.839  -5.265  1.00 38.31 ? 369 LEU A CG    1 
ATOM   1534 C CD1   . LEU A 1 229 ? 10.600  16.168  -5.006  1.00 34.84 ? 369 LEU A CD1   1 
ATOM   1535 C CD2   . LEU A 1 229 ? 11.765  18.281  -5.722  1.00 36.58 ? 369 LEU A CD2   1 
ATOM   1536 N N     . ASN A 1 230 ? 15.064  16.412  -1.993  1.00 48.16 ? 370 ASN A N     1 
ATOM   1537 C CA    . ASN A 1 230 ? 15.749  16.701  -0.741  1.00 48.23 ? 370 ASN A CA    1 
ATOM   1538 C C     . ASN A 1 230 ? 17.174  17.088  -1.109  1.00 48.74 ? 370 ASN A C     1 
ATOM   1539 O O     . ASN A 1 230 ? 17.633  18.180  -0.780  1.00 49.44 ? 370 ASN A O     1 
ATOM   1540 C CB    . ASN A 1 230 ? 15.745  15.483  0.150   1.00 47.20 ? 370 ASN A CB    1 
ATOM   1541 N N     . GLU A 1 231 ? 17.862  16.200  -1.817  1.00 47.22 ? 371 GLU A N     1 
ATOM   1542 C CA    . GLU A 1 231 ? 19.229  16.473  -2.229  1.00 46.13 ? 371 GLU A CA    1 
ATOM   1543 C C     . GLU A 1 231 ? 19.319  17.807  -2.958  1.00 43.83 ? 371 GLU A C     1 
ATOM   1544 O O     . GLU A 1 231 ? 20.187  18.611  -2.662  1.00 44.08 ? 371 GLU A O     1 
ATOM   1545 C CB    . GLU A 1 231 ? 19.755  15.347  -3.108  1.00 45.10 ? 371 GLU A CB    1 
ATOM   1546 N N     . ALA A 1 232 ? 18.424  18.057  -3.907  1.00 44.00 ? 372 ALA A N     1 
ATOM   1547 C CA    . ALA A 1 232 ? 18.463  19.327  -4.631  1.00 42.75 ? 372 ALA A CA    1 
ATOM   1548 C C     . ALA A 1 232 ? 18.111  20.480  -3.689  1.00 42.47 ? 372 ALA A C     1 
ATOM   1549 O O     . ALA A 1 232 ? 18.391  21.632  -3.985  1.00 41.57 ? 372 ALA A O     1 
ATOM   1550 C CB    . ALA A 1 232 ? 17.505  19.295  -5.818  1.00 40.20 ? 372 ALA A CB    1 
ATOM   1551 N N     . ALA A 1 233 ? 17.496  20.160  -2.553  1.00 43.27 ? 373 ALA A N     1 
ATOM   1552 C CA    . ALA A 1 233 ? 17.127  21.175  -1.564  1.00 41.96 ? 373 ALA A CA    1 
ATOM   1553 C C     . ALA A 1 233 ? 18.391  21.693  -0.850  1.00 42.74 ? 373 ALA A C     1 
ATOM   1554 O O     . ALA A 1 233 ? 18.548  22.893  -0.629  1.00 43.70 ? 373 ALA A O     1 
ATOM   1555 C CB    . ALA A 1 233 ? 16.140  20.583  -0.553  1.00 37.19 ? 373 ALA A CB    1 
ATOM   1556 N N     . LEU A 1 234 ? 19.291  20.776  -0.508  1.00 43.40 ? 374 LEU A N     1 
ATOM   1557 C CA    . LEU A 1 234 ? 20.546  21.103  0.166   1.00 43.90 ? 374 LEU A CA    1 
ATOM   1558 C C     . LEU A 1 234 ? 21.490  21.893  -0.728  1.00 46.17 ? 374 LEU A C     1 
ATOM   1559 O O     . LEU A 1 234 ? 21.997  22.942  -0.342  1.00 47.32 ? 374 LEU A O     1 
ATOM   1560 C CB    . LEU A 1 234 ? 21.255  19.821  0.598   1.00 41.09 ? 374 LEU A CB    1 
ATOM   1561 C CG    . LEU A 1 234 ? 20.550  18.984  1.654   1.00 38.46 ? 374 LEU A CG    1 
ATOM   1562 C CD1   . LEU A 1 234 ? 21.280  17.689  1.796   1.00 37.07 ? 374 LEU A CD1   1 
ATOM   1563 C CD2   . LEU A 1 234 ? 20.501  19.738  2.976   1.00 38.18 ? 374 LEU A CD2   1 
ATOM   1564 N N     . LEU A 1 235 ? 21.741  21.361  -1.919  1.00 46.43 ? 375 LEU A N     1 
ATOM   1565 C CA    . LEU A 1 235 ? 22.627  22.004  -2.867  1.00 47.07 ? 375 LEU A CA    1 
ATOM   1566 C C     . LEU A 1 235 ? 22.298  23.484  -2.932  1.00 48.74 ? 375 LEU A C     1 
ATOM   1567 O O     . LEU A 1 235 ? 23.196  24.310  -3.038  1.00 50.75 ? 375 LEU A O     1 
ATOM   1568 C CB    . LEU A 1 235 ? 22.487  21.352  -4.249  1.00 45.29 ? 375 LEU A CB    1 
ATOM   1569 N N     . ALA A 1 236 ? 21.015  23.817  -2.843  1.00 50.37 ? 376 ALA A N     1 
ATOM   1570 C CA    . ALA A 1 236 ? 20.581  25.211  -2.900  1.00 53.77 ? 376 ALA A CA    1 
ATOM   1571 C C     . ALA A 1 236 ? 20.668  25.886  -1.531  1.00 55.55 ? 376 ALA A C     1 
ATOM   1572 O O     . ALA A 1 236 ? 21.055  27.048  -1.420  1.00 53.23 ? 376 ALA A O     1 
ATOM   1573 C CB    . ALA A 1 236 ? 19.154  25.293  -3.437  1.00 54.01 ? 376 ALA A CB    1 
ATOM   1574 N N     . ALA A 1 237 ? 20.296  25.155  -0.489  1.00 59.68 ? 377 ALA A N     1 
ATOM   1575 C CA    . ALA A 1 237 ? 20.353  25.695  0.864   1.00 63.57 ? 377 ALA A CA    1 
ATOM   1576 C C     . ALA A 1 237 ? 21.802  26.032  1.188   1.00 65.80 ? 377 ALA A C     1 
ATOM   1577 O O     . ALA A 1 237 ? 22.110  27.160  1.576   1.00 68.62 ? 377 ALA A O     1 
ATOM   1578 C CB    . ALA A 1 237 ? 19.814  24.676  1.876   1.00 61.40 ? 377 ALA A CB    1 
ATOM   1579 N N     . ARG A 1 238 ? 22.687  25.051  1.022   1.00 65.79 ? 378 ARG A N     1 
ATOM   1580 C CA    . ARG A 1 238 ? 24.096  25.257  1.308   1.00 65.41 ? 378 ARG A CA    1 
ATOM   1581 C C     . ARG A 1 238 ? 24.642  26.479  0.580   1.00 64.73 ? 378 ARG A C     1 
ATOM   1582 O O     . ARG A 1 238 ? 25.416  27.247  1.154   1.00 66.30 ? 378 ARG A O     1 
ATOM   1583 C CB    . ARG A 1 238 ? 24.904  24.013  0.953   1.00 66.13 ? 378 ARG A CB    1 
ATOM   1584 C CG    . ARG A 1 238 ? 24.531  22.796  1.786   1.00 68.09 ? 378 ARG A CG    1 
ATOM   1585 C CD    . ARG A 1 238 ? 25.568  21.698  1.629   1.00 69.29 ? 378 ARG A CD    1 
ATOM   1586 N NE    . ARG A 1 238 ? 25.814  21.371  0.223   1.00 70.97 ? 378 ARG A NE    1 
ATOM   1587 C CZ    . ARG A 1 238 ? 25.394  20.261  -0.378  1.00 71.23 ? 378 ARG A CZ    1 
ATOM   1588 N NH1   . ARG A 1 238 ? 24.700  19.351  0.295   1.00 71.90 ? 378 ARG A NH1   1 
ATOM   1589 N NH2   . ARG A 1 238 ? 25.678  20.058  -1.655  1.00 70.12 ? 378 ARG A NH2   1 
ATOM   1590 N N     . GLU A 1 239 ? 24.248  26.681  -0.672  1.00 62.62 ? 379 GLU A N     1 
ATOM   1591 C CA    . GLU A 1 239 ? 24.719  27.861  -1.389  1.00 61.40 ? 379 GLU A CA    1 
ATOM   1592 C C     . GLU A 1 239 ? 23.914  29.093  -0.942  1.00 60.15 ? 379 GLU A C     1 
ATOM   1593 O O     . GLU A 1 239 ? 24.109  30.204  -1.444  1.00 58.22 ? 379 GLU A O     1 
ATOM   1594 C CB    . GLU A 1 239 ? 24.592  27.675  -2.903  1.00 61.14 ? 379 GLU A CB    1 
ATOM   1595 C CG    . GLU A 1 239 ? 25.491  26.608  -3.489  1.00 60.51 ? 379 GLU A CG    1 
ATOM   1596 C CD    . GLU A 1 239 ? 25.609  26.713  -5.005  1.00 61.84 ? 379 GLU A CD    1 
ATOM   1597 O OE1   . GLU A 1 239 ? 26.156  25.774  -5.627  1.00 61.85 ? 379 GLU A OE1   1 
ATOM   1598 O OE2   . GLU A 1 239 ? 25.165  27.735  -5.578  1.00 59.87 ? 379 GLU A OE2   1 
ATOM   1599 N N     . GLY A 1 240 ? 23.007  28.876  0.004   1.00 58.58 ? 380 GLY A N     1 
ATOM   1600 C CA    . GLY A 1 240 ? 22.194  29.956  0.520   1.00 58.86 ? 380 GLY A CA    1 
ATOM   1601 C C     . GLY A 1 240 ? 21.215  30.573  -0.460  1.00 60.25 ? 380 GLY A C     1 
ATOM   1602 O O     . GLY A 1 240 ? 20.958  31.779  -0.385  1.00 61.11 ? 380 GLY A O     1 
ATOM   1603 N N     . ARG A 1 241 ? 20.679  29.774  -1.383  1.00 59.98 ? 381 ARG A N     1 
ATOM   1604 C CA    . ARG A 1 241 ? 19.698  30.286  -2.338  1.00 58.82 ? 381 ARG A CA    1 
ATOM   1605 C C     . ARG A 1 241 ? 18.295  29.945  -1.841  1.00 59.64 ? 381 ARG A C     1 
ATOM   1606 O O     . ARG A 1 241 ? 18.068  28.881  -1.258  1.00 59.13 ? 381 ARG A O     1 
ATOM   1607 C CB    . ARG A 1 241 ? 19.904  29.701  -3.732  1.00 60.40 ? 381 ARG A CB    1 
ATOM   1608 C CG    . ARG A 1 241 ? 21.122  30.224  -4.482  1.00 60.02 ? 381 ARG A CG    1 
ATOM   1609 C CD    . ARG A 1 241 ? 22.232  29.194  -4.451  1.00 62.56 ? 381 ARG A CD    1 
ATOM   1610 N NE    . ARG A 1 241 ? 21.721  27.861  -4.766  1.00 63.83 ? 381 ARG A NE    1 
ATOM   1611 C CZ    . ARG A 1 241 ? 21.187  27.520  -5.936  1.00 65.49 ? 381 ARG A CZ    1 
ATOM   1612 N NH1   . ARG A 1 241 ? 21.099  28.410  -6.918  1.00 65.53 ? 381 ARG A NH1   1 
ATOM   1613 N NH2   . ARG A 1 241 ? 20.706  26.299  -6.112  1.00 65.32 ? 381 ARG A NH2   1 
ATOM   1614 N N     . ARG A 1 242 ? 17.362  30.865  -2.084  1.00 59.57 ? 382 ARG A N     1 
ATOM   1615 C CA    . ARG A 1 242 ? 15.976  30.734  -1.637  1.00 58.33 ? 382 ARG A CA    1 
ATOM   1616 C C     . ARG A 1 242 ? 15.085  29.875  -2.520  1.00 57.28 ? 382 ARG A C     1 
ATOM   1617 O O     . ARG A 1 242 ? 13.873  29.796  -2.289  1.00 58.86 ? 382 ARG A O     1 
ATOM   1618 C CB    . ARG A 1 242 ? 15.356  32.127  -1.489  1.00 56.90 ? 382 ARG A CB    1 
ATOM   1619 N N     . LYS A 1 243 ? 15.665  29.225  -3.519  1.00 53.78 ? 383 LYS A N     1 
ATOM   1620 C CA    . LYS A 1 243 ? 14.861  28.408  -4.405  1.00 49.73 ? 383 LYS A CA    1 
ATOM   1621 C C     . LYS A 1 243 ? 15.641  27.300  -5.116  1.00 48.16 ? 383 LYS A C     1 
ATOM   1622 O O     . LYS A 1 243 ? 16.783  27.501  -5.562  1.00 49.80 ? 383 LYS A O     1 
ATOM   1623 C CB    . LYS A 1 243 ? 14.181  29.313  -5.444  1.00 50.84 ? 383 LYS A CB    1 
ATOM   1624 C CG    . LYS A 1 243 ? 12.917  30.040  -4.962  1.00 50.81 ? 383 LYS A CG    1 
ATOM   1625 C CD    . LYS A 1 243 ? 12.502  31.132  -5.952  1.00 49.64 ? 383 LYS A CD    1 
ATOM   1626 C CE    . LYS A 1 243 ? 11.055  31.604  -5.743  1.00 50.56 ? 383 LYS A CE    1 
ATOM   1627 N NZ    . LYS A 1 243 ? 10.776  32.252  -4.433  1.00 48.20 ? 383 LYS A NZ    1 
ATOM   1628 N N     . ILE A 1 244 ? 15.009  26.130  -5.206  1.00 43.50 ? 384 ILE A N     1 
ATOM   1629 C CA    . ILE A 1 244 ? 15.577  24.968  -5.889  1.00 39.21 ? 384 ILE A CA    1 
ATOM   1630 C C     . ILE A 1 244 ? 15.328  25.233  -7.368  1.00 37.16 ? 384 ILE A C     1 
ATOM   1631 O O     . ILE A 1 244 ? 14.202  25.526  -7.751  1.00 39.71 ? 384 ILE A O     1 
ATOM   1632 C CB    . ILE A 1 244 ? 14.820  23.666  -5.549  1.00 36.72 ? 384 ILE A CB    1 
ATOM   1633 C CG1   . ILE A 1 244 ? 14.511  23.598  -4.051  1.00 35.83 ? 384 ILE A CG1   1 
ATOM   1634 C CG2   . ILE A 1 244 ? 15.633  22.471  -5.997  1.00 32.73 ? 384 ILE A CG2   1 
ATOM   1635 C CD1   . ILE A 1 244 ? 13.601  22.445  -3.676  1.00 33.70 ? 384 ILE A CD1   1 
ATOM   1636 N N     . THR A 1 245 ? 16.366  25.133  -8.192  1.00 34.15 ? 385 THR A N     1 
ATOM   1637 C CA    . THR A 1 245 ? 16.239  25.366  -9.627  1.00 31.31 ? 385 THR A CA    1 
ATOM   1638 C C     . THR A 1 245 ? 16.310  24.054  -10.405 1.00 30.07 ? 385 THR A C     1 
ATOM   1639 O O     . THR A 1 245 ? 16.712  23.026  -9.863  1.00 30.54 ? 385 THR A O     1 
ATOM   1640 C CB    . THR A 1 245 ? 17.356  26.286  -10.136 1.00 32.77 ? 385 THR A CB    1 
ATOM   1641 O OG1   . THR A 1 245 ? 18.626  25.698  -9.838  1.00 35.88 ? 385 THR A OG1   1 
ATOM   1642 C CG2   . THR A 1 245 ? 17.261  27.662  -9.492  1.00 30.38 ? 385 THR A CG2   1 
ATOM   1643 N N     . MET A 1 246 ? 15.923  24.080  -11.675 1.00 29.34 ? 386 MET A N     1 
ATOM   1644 C CA    . MET A 1 246 ? 15.957  22.864  -12.480 1.00 28.61 ? 386 MET A CA    1 
ATOM   1645 C C     . MET A 1 246 ? 17.377  22.283  -12.568 1.00 28.13 ? 386 MET A C     1 
ATOM   1646 O O     . MET A 1 246 ? 17.547  21.095  -12.829 1.00 27.32 ? 386 MET A O     1 
ATOM   1647 C CB    . MET A 1 246 ? 15.407  23.124  -13.891 1.00 26.99 ? 386 MET A CB    1 
ATOM   1648 C CG    . MET A 1 246 ? 15.091  21.854  -14.693 1.00 22.28 ? 386 MET A CG    1 
ATOM   1649 S SD    . MET A 1 246 ? 13.665  20.947  -14.054 1.00 23.32 ? 386 MET A SD    1 
ATOM   1650 C CE    . MET A 1 246 ? 13.680  19.438  -15.055 1.00 18.07 ? 386 MET A CE    1 
ATOM   1651 N N     . LYS A 1 247 ? 18.399  23.107  -12.351 1.00 28.03 ? 387 LYS A N     1 
ATOM   1652 C CA    . LYS A 1 247 ? 19.760  22.586  -12.399 1.00 29.20 ? 387 LYS A CA    1 
ATOM   1653 C C     . LYS A 1 247 ? 20.044  21.771  -11.149 1.00 29.71 ? 387 LYS A C     1 
ATOM   1654 O O     . LYS A 1 247 ? 20.592  20.672  -11.223 1.00 28.19 ? 387 LYS A O     1 
ATOM   1655 C CB    . LYS A 1 247 ? 20.785  23.708  -12.523 1.00 27.65 ? 387 LYS A CB    1 
ATOM   1656 C CG    . LYS A 1 247 ? 21.299  23.872  -13.950 1.00 22.65 ? 387 LYS A CG    1 
ATOM   1657 C CD    . LYS A 1 247 ? 21.831  22.547  -14.495 1.00 22.65 ? 387 LYS A CD    1 
ATOM   1658 C CE    . LYS A 1 247 ? 22.004  22.598  -16.023 1.00 22.65 ? 387 LYS A CE    1 
ATOM   1659 N NZ    . LYS A 1 247 ? 20.687  22.776  -16.722 1.00 22.65 ? 387 LYS A NZ    1 
ATOM   1660 N N     . ASP A 1 248 ? 19.671  22.311  -9.996  1.00 31.11 ? 388 ASP A N     1 
ATOM   1661 C CA    . ASP A 1 248 ? 19.867  21.590  -8.755  1.00 33.43 ? 388 ASP A CA    1 
ATOM   1662 C C     . ASP A 1 248 ? 19.182  20.247  -8.923  1.00 36.63 ? 388 ASP A C     1 
ATOM   1663 O O     . ASP A 1 248 ? 19.726  19.219  -8.527  1.00 37.08 ? 388 ASP A O     1 
ATOM   1664 C CB    . ASP A 1 248 ? 19.227  22.331  -7.588  1.00 35.04 ? 388 ASP A CB    1 
ATOM   1665 C CG    . ASP A 1 248 ? 19.853  23.678  -7.337  1.00 38.56 ? 388 ASP A CG    1 
ATOM   1666 O OD1   . ASP A 1 248 ? 21.094  23.745  -7.203  1.00 42.35 ? 388 ASP A OD1   1 
ATOM   1667 O OD2   . ASP A 1 248 ? 19.101  24.671  -7.259  1.00 38.46 ? 388 ASP A OD2   1 
ATOM   1668 N N     . LEU A 1 249 ? 17.985  20.264  -9.511  1.00 37.79 ? 389 LEU A N     1 
ATOM   1669 C CA    . LEU A 1 249 ? 17.222  19.039  -9.735  1.00 36.65 ? 389 LEU A CA    1 
ATOM   1670 C C     . LEU A 1 249 ? 17.990  18.071  -10.627 1.00 36.00 ? 389 LEU A C     1 
ATOM   1671 O O     . LEU A 1 249 ? 18.098  16.894  -10.313 1.00 36.47 ? 389 LEU A O     1 
ATOM   1672 C CB    . LEU A 1 249 ? 15.858  19.362  -10.352 1.00 35.62 ? 389 LEU A CB    1 
ATOM   1673 C CG    . LEU A 1 249 ? 14.839  20.028  -9.420  1.00 33.66 ? 389 LEU A CG    1 
ATOM   1674 C CD1   . LEU A 1 249 ? 13.546  20.274  -10.149 1.00 32.29 ? 389 LEU A CD1   1 
ATOM   1675 C CD2   . LEU A 1 249 ? 14.589  19.133  -8.226  1.00 34.85 ? 389 LEU A CD2   1 
ATOM   1676 N N     . GLU A 1 250 ? 18.536  18.566  -11.731 1.00 38.16 ? 390 GLU A N     1 
ATOM   1677 C CA    . GLU A 1 250 ? 19.303  17.713  -12.631 1.00 41.65 ? 390 GLU A CA    1 
ATOM   1678 C C     . GLU A 1 250 ? 20.539  17.177  -11.918 1.00 42.68 ? 390 GLU A C     1 
ATOM   1679 O O     . GLU A 1 250 ? 20.903  16.015  -12.086 1.00 42.45 ? 390 GLU A O     1 
ATOM   1680 C CB    . GLU A 1 250 ? 19.742  18.490  -13.875 1.00 44.45 ? 390 GLU A CB    1 
ATOM   1681 C CG    . GLU A 1 250 ? 18.610  19.168  -14.648 1.00 46.29 ? 390 GLU A CG    1 
ATOM   1682 C CD    . GLU A 1 250 ? 19.116  19.981  -15.825 1.00 46.98 ? 390 GLU A CD    1 
ATOM   1683 O OE1   . GLU A 1 250 ? 18.368  20.847  -16.329 1.00 47.92 ? 390 GLU A OE1   1 
ATOM   1684 O OE2   . GLU A 1 250 ? 20.266  19.742  -16.248 1.00 46.91 ? 390 GLU A OE2   1 
ATOM   1685 N N     . GLU A 1 251 ? 21.186  18.025  -11.122 1.00 43.81 ? 391 GLU A N     1 
ATOM   1686 C CA    . GLU A 1 251 ? 22.382  17.616  -10.385 1.00 45.32 ? 391 GLU A CA    1 
ATOM   1687 C C     . GLU A 1 251 ? 22.073  16.601  -9.288  1.00 47.02 ? 391 GLU A C     1 
ATOM   1688 O O     . GLU A 1 251 ? 22.782  15.604  -9.150  1.00 49.74 ? 391 GLU A O     1 
ATOM   1689 C CB    . GLU A 1 251 ? 23.086  18.834  -9.782  1.00 43.49 ? 391 GLU A CB    1 
ATOM   1690 N N     . ALA A 1 252 ? 21.014  16.845  -8.517  1.00 47.25 ? 392 ALA A N     1 
ATOM   1691 C CA    . ALA A 1 252 ? 20.635  15.937  -7.432  1.00 47.34 ? 392 ALA A CA    1 
ATOM   1692 C C     . ALA A 1 252 ? 20.425  14.504  -7.916  1.00 48.68 ? 392 ALA A C     1 
ATOM   1693 O O     . ALA A 1 252 ? 20.710  13.547  -7.193  1.00 49.19 ? 392 ALA A O     1 
ATOM   1694 C CB    . ALA A 1 252 ? 19.375  16.444  -6.744  1.00 44.26 ? 392 ALA A CB    1 
ATOM   1695 N N     . ALA A 1 253 ? 19.947  14.368  -9.150  1.00 50.02 ? 393 ALA A N     1 
ATOM   1696 C CA    . ALA A 1 253 ? 19.663  13.067  -9.755  1.00 51.52 ? 393 ALA A CA    1 
ATOM   1697 C C     . ALA A 1 253 ? 20.849  12.100  -9.831  1.00 52.55 ? 393 ALA A C     1 
ATOM   1698 O O     . ALA A 1 253 ? 20.674  10.919  -10.135 1.00 52.31 ? 393 ALA A O     1 
ATOM   1699 C CB    . ALA A 1 253 ? 19.063  13.275  -11.153 1.00 50.58 ? 393 ALA A CB    1 
ATOM   1700 N N     . SER A 1 254 A 22.052  12.596  -9.564  1.00 54.76 ? 393 SER A N     1 
ATOM   1701 C CA    . SER A 1 254 A 23.251  11.758  -9.606  1.00 56.47 ? 393 SER A CA    1 
ATOM   1702 C C     . SER A 1 254 A 24.483  12.529  -9.134  1.00 59.82 ? 393 SER A C     1 
ATOM   1703 O O     . SER A 1 254 A 25.617  12.051  -9.264  1.00 63.81 ? 393 SER A O     1 
ATOM   1704 C CB    . SER A 1 254 A 23.493  11.236  -11.029 1.00 53.50 ? 393 SER A CB    1 
ATOM   1705 O OG    . SER A 1 254 A 23.850  12.287  -11.908 1.00 49.06 ? 393 SER A OG    1 
HETATM 1706 P PG    . ANP B 2 .   ? 4.926   1.266   -0.926  1.00 67.06 ? 1   ANP A PG    1 
HETATM 1707 O O1G   . ANP B 2 .   ? 5.293   0.540   -2.203  1.00 66.59 ? 1   ANP A O1G   1 
HETATM 1708 O O2G   . ANP B 2 .   ? 3.447   1.337   -0.645  1.00 67.47 ? 1   ANP A O2G   1 
HETATM 1709 O O3G   . ANP B 2 .   ? 5.686   0.724   0.281   1.00 67.55 ? 1   ANP A O3G   1 
HETATM 1710 P PB    . ANP B 2 .   ? 4.847   4.326   -0.802  1.00 69.36 ? 1   ANP A PB    1 
HETATM 1711 O O1B   . ANP B 2 .   ? 5.723   5.278   -1.572  1.00 69.43 ? 1   ANP A O1B   1 
HETATM 1712 O O2B   . ANP B 2 .   ? 4.771   4.686   0.616   1.00 66.47 ? 1   ANP A O2B   1 
HETATM 1713 N N3B   . ANP B 2 .   ? 5.475   2.878   -1.160  1.00 68.25 ? 1   ANP A N3B   1 
HETATM 1714 P PA    . ANP B 2 .   ? 1.884   5.133   -0.811  1.00 65.63 ? 1   ANP A PA    1 
HETATM 1715 O O1A   . ANP B 2 .   ? 0.846   4.140   -1.272  1.00 65.01 ? 1   ANP A O1A   1 
HETATM 1716 O O2A   . ANP B 2 .   ? 1.937   5.285   0.699   1.00 62.68 ? 1   ANP A O2A   1 
HETATM 1717 O O3A   . ANP B 2 .   ? 3.323   4.691   -1.360  1.00 66.41 ? 1   ANP A O3A   1 
HETATM 1718 O "O5'" . ANP B 2 .   ? 1.617   6.530   -1.564  1.00 65.38 ? 1   ANP A "O5'" 1 
HETATM 1719 C "C5'" . ANP B 2 .   ? 2.534   7.579   -1.225  1.00 62.31 ? 1   ANP A "C5'" 1 
HETATM 1720 C "C4'" . ANP B 2 .   ? 2.089   8.849   -1.999  1.00 59.20 ? 1   ANP A "C4'" 1 
HETATM 1721 O "O4'" . ANP B 2 .   ? 2.646   8.810   -3.304  1.00 56.15 ? 1   ANP A "O4'" 1 
HETATM 1722 C "C3'" . ANP B 2 .   ? 0.634   8.993   -2.301  1.00 57.23 ? 1   ANP A "C3'" 1 
HETATM 1723 O "O3'" . ANP B 2 .   ? 0.208   10.132  -1.580  1.00 60.78 ? 1   ANP A "O3'" 1 
HETATM 1724 C "C2'" . ANP B 2 .   ? 0.505   9.278   -3.796  1.00 54.87 ? 1   ANP A "C2'" 1 
HETATM 1725 O "O2'" . ANP B 2 .   ? 0.049   10.548  -4.192  1.00 53.75 ? 1   ANP A "O2'" 1 
HETATM 1726 C "C1'" . ANP B 2 .   ? 1.819   9.070   -4.436  1.00 53.17 ? 1   ANP A "C1'" 1 
HETATM 1727 N N9    . ANP B 2 .   ? 1.775   8.013   -5.531  1.00 50.11 ? 1   ANP A N9    1 
HETATM 1728 C C8    . ANP B 2 .   ? 2.455   6.836   -5.566  1.00 49.47 ? 1   ANP A C8    1 
HETATM 1729 N N7    . ANP B 2 .   ? 2.179   6.149   -6.687  1.00 49.25 ? 1   ANP A N7    1 
HETATM 1730 C C5    . ANP B 2 .   ? 1.304   6.910   -7.372  1.00 47.50 ? 1   ANP A C5    1 
HETATM 1731 C C6    . ANP B 2 .   ? 0.671   6.655   -8.657  1.00 46.19 ? 1   ANP A C6    1 
HETATM 1732 N N6    . ANP B 2 .   ? 0.955   5.501   -9.334  1.00 45.23 ? 1   ANP A N6    1 
HETATM 1733 N N1    . ANP B 2 .   ? -0.220  7.607   -9.174  1.00 46.06 ? 1   ANP A N1    1 
HETATM 1734 C C2    . ANP B 2 .   ? -0.440  8.747   -8.421  1.00 44.39 ? 1   ANP A C2    1 
HETATM 1735 N N3    . ANP B 2 .   ? 0.154   8.990   -7.221  1.00 43.29 ? 1   ANP A N3    1 
HETATM 1736 C C4    . ANP B 2 .   ? 1.035   8.093   -6.656  1.00 47.63 ? 1   ANP A C4    1 
# 
